data_7OMA
#
_entry.id   7OMA
#
_cell.length_a   67.794
_cell.length_b   207.305
_cell.length_c   115.980
_cell.angle_alpha   90.000
_cell.angle_beta   91.101
_cell.angle_gamma   90.000
#
_symmetry.space_group_name_H-M   'P 1 21 1'
#
loop_
_entity.id
_entity.type
_entity.pdbx_description
1 polymer 'RNA-dependent RNA polymerase'
2 polymer "RNA (5'-R(P*AP*AP*AP*UP*UP*UP*U)-3')"
3 polymer "RNA (5'-R(P*CP*AP*AP*AP*AP*UP*UP*U)-3')"
4 non-polymer 'PYROPHOSPHATE 2-'
5 non-polymer 'MAGNESIUM ION'
#
loop_
_entity_poly.entity_id
_entity_poly.type
_entity_poly.pdbx_seq_one_letter_code
_entity_poly.pdbx_strand_id
1 'polypeptide(L)'
;MGSSHHHHHHSQDLENLYFQGGSTRLSLEAMLAERAMVARQDLAGLKRKLAGADRVLAPQSPEQCGRESAQAQARSVTSE
LKSAVKEAQGLEHQTLDFLEQLGEYPVCGILHGDHPVHPSGTHNNNGKVSVKRQFAAGVNTSDALTCAFRFEDSDLVRET
ALKTTYTDGTWAGFVQRLKMQTTRKCVQEKVSRKLLKQLFPYDPQKLVDVSGELSELVLGIKTNAIASAGPPYWRTKRDA
LPDMLDCVLPLLYDHIVRKDLTTLRNKHPELFLAECKNKTDRYEVESLGEKTRPYFSHPFHLSALVSVLSQSFSGALKIM
TEDSTSFNAYGFSWTNGGAEDLAIWARQAGEAGKKPPRIACYGDDTDIYYRKDGKLYRICPDFKQMDGSVDATTIEAVVD
YVVDAHVKQYPTARQFWEEVGKLWVEMATQSPFLIDGTKVYRKMQKDGLMTGVVGTTLFDTVKSALAYNDWADQLMFGSL
NLLEEKYAIEFFKNKHGLVIKEGTWKPALVNEDPGFGELWTEQKFLGLQLKVVRRENEKVYVPNLPFEDWLTMWVTPRSK
YRSKETETMRERTLFDRARGLLVTGAVFDERARGLMGAVINSTAPEVVCMRVQEGGGRGAPPAYAFLTRDGVFEFPISDG
YPSYDWVVSLYSRDHPCDMPRVFPEAATLIASYRKQVMDTRVVI
;
B,A,C,D
2 'polyribonucleotide' CAAAAUUUU E,G,I,L
3 'polyribonucleotide' CAAAAUUU F,H,J,K
#
# COMPACT_ATOMS: atom_id res chain seq x y z
N ARG A 25 -5.01 5.90 -43.39
CA ARG A 25 -4.48 7.18 -42.93
C ARG A 25 -3.80 7.01 -41.58
N LEU A 26 -4.58 6.69 -40.54
CA LEU A 26 -4.02 6.48 -39.22
C LEU A 26 -3.75 5.00 -38.99
N SER A 27 -2.95 4.72 -37.96
CA SER A 27 -2.72 3.36 -37.48
C SER A 27 -3.62 3.04 -36.28
N LEU A 28 -3.90 1.75 -36.11
CA LEU A 28 -4.82 1.31 -35.06
C LEU A 28 -4.31 1.70 -33.66
N GLU A 29 -3.02 1.50 -33.41
CA GLU A 29 -2.42 1.94 -32.14
C GLU A 29 -2.73 3.42 -31.87
N ALA A 30 -2.44 4.26 -32.86
CA ALA A 30 -2.71 5.68 -32.73
C ALA A 30 -4.21 5.96 -32.60
N MET A 31 -5.04 5.21 -33.33
CA MET A 31 -6.48 5.41 -33.26
C MET A 31 -7.00 5.10 -31.86
N LEU A 32 -6.42 4.10 -31.21
CA LEU A 32 -6.84 3.75 -29.85
C LEU A 32 -6.38 4.82 -28.88
N ALA A 33 -5.14 5.32 -29.03
CA ALA A 33 -4.71 6.44 -28.19
C ALA A 33 -5.63 7.64 -28.35
N GLU A 34 -5.96 7.98 -29.60
CA GLU A 34 -6.84 9.11 -29.89
C GLU A 34 -8.21 8.93 -29.25
N ARG A 35 -8.74 7.71 -29.27
CA ARG A 35 -10.06 7.45 -28.69
C ARG A 35 -10.00 7.44 -27.17
N ALA A 36 -8.86 7.04 -26.61
CA ALA A 36 -8.69 7.07 -25.17
C ALA A 36 -8.65 8.49 -24.65
N MET A 37 -7.99 9.39 -25.39
CA MET A 37 -7.90 10.78 -24.94
C MET A 37 -9.29 11.43 -24.89
N VAL A 38 -10.18 11.08 -25.82
CA VAL A 38 -11.50 11.70 -25.81
C VAL A 38 -12.41 11.02 -24.80
N ALA A 39 -12.23 9.72 -24.53
CA ALA A 39 -13.09 9.07 -23.55
C ALA A 39 -12.94 9.67 -22.16
N ARG A 40 -11.75 10.18 -21.83
CA ARG A 40 -11.48 10.77 -20.52
C ARG A 40 -12.11 12.15 -20.35
N GLN A 41 -12.79 12.65 -21.38
CA GLN A 41 -13.50 13.93 -21.32
C GLN A 41 -15.01 13.75 -21.29
N ASP A 42 -15.51 12.56 -21.59
CA ASP A 42 -16.93 12.27 -21.66
C ASP A 42 -17.33 11.65 -20.33
N LEU A 43 -17.66 12.51 -19.36
CA LEU A 43 -17.81 12.05 -17.98
C LEU A 43 -19.01 11.11 -17.81
N ALA A 44 -20.06 11.26 -18.63
CA ALA A 44 -21.16 10.30 -18.58
C ALA A 44 -20.67 8.90 -18.92
N GLY A 45 -19.96 8.76 -20.04
CA GLY A 45 -19.46 7.46 -20.43
C GLY A 45 -18.36 6.98 -19.52
N LEU A 46 -17.56 7.90 -18.99
CA LEU A 46 -16.55 7.55 -18.00
C LEU A 46 -17.20 6.92 -16.76
N LYS A 47 -18.27 7.54 -16.25
CA LYS A 47 -19.04 6.96 -15.17
C LYS A 47 -19.58 5.58 -15.55
N ARG A 48 -20.08 5.45 -16.78
CA ARG A 48 -20.64 4.18 -17.21
C ARG A 48 -19.58 3.08 -17.26
N LYS A 49 -18.38 3.42 -17.72
CA LYS A 49 -17.32 2.43 -17.93
C LYS A 49 -16.68 1.98 -16.63
N LEU A 50 -16.72 2.83 -15.60
CA LEU A 50 -16.07 2.56 -14.32
C LEU A 50 -17.05 2.05 -13.27
N ALA A 51 -18.23 1.62 -13.68
CA ALA A 51 -19.31 1.31 -12.74
C ALA A 51 -18.95 0.17 -11.77
N GLY A 52 -18.32 -0.89 -12.26
CA GLY A 52 -18.02 -2.01 -11.39
C GLY A 52 -16.55 -2.29 -11.18
N ALA A 53 -15.73 -1.24 -11.26
CA ALA A 53 -14.27 -1.39 -11.21
C ALA A 53 -13.72 -1.44 -9.79
N ASP A 54 -12.66 -2.25 -9.64
CA ASP A 54 -11.89 -2.29 -8.41
C ASP A 54 -11.33 -0.92 -8.07
N ARG A 55 -11.49 -0.51 -6.82
CA ARG A 55 -11.04 0.80 -6.37
C ARG A 55 -10.11 0.61 -5.19
N VAL A 56 -8.86 1.03 -5.34
CA VAL A 56 -7.91 1.05 -4.24
C VAL A 56 -8.30 2.17 -3.29
N LEU A 57 -8.95 1.82 -2.19
CA LEU A 57 -9.49 2.80 -1.26
C LEU A 57 -8.41 3.30 -0.31
N ALA A 58 -8.49 4.59 0.02
CA ALA A 58 -7.54 5.18 0.95
C ALA A 58 -7.95 4.87 2.39
N PRO A 59 -6.99 4.85 3.32
CA PRO A 59 -7.34 4.76 4.75
C PRO A 59 -8.29 5.88 5.15
N GLN A 60 -9.34 5.52 5.88
CA GLN A 60 -10.45 6.43 6.08
C GLN A 60 -10.97 6.33 7.51
N SER A 61 -11.53 7.44 8.00
CA SER A 61 -12.22 7.64 9.27
C SER A 61 -13.74 7.51 9.08
N PRO A 62 -14.43 6.93 10.06
CA PRO A 62 -15.88 6.78 9.95
C PRO A 62 -16.62 8.11 10.03
N GLU A 63 -17.85 8.08 9.53
CA GLU A 63 -18.71 9.26 9.49
C GLU A 63 -19.26 9.59 10.87
N GLN A 64 -19.25 10.88 11.22
CA GLN A 64 -19.82 11.34 12.48
C GLN A 64 -21.27 11.77 12.35
N CYS A 65 -21.71 12.23 11.19
CA CYS A 65 -23.08 12.69 11.02
C CYS A 65 -23.38 12.80 9.52
N GLY A 66 -24.65 13.04 9.22
CA GLY A 66 -25.11 13.03 7.84
C GLY A 66 -24.68 14.26 7.06
N ARG A 67 -24.70 14.12 5.73
CA ARG A 67 -24.31 15.23 4.85
C ARG A 67 -25.17 16.47 5.05
N GLU A 68 -26.46 16.29 5.38
CA GLU A 68 -27.35 17.43 5.55
C GLU A 68 -27.08 18.15 6.88
N SER A 69 -26.94 17.40 7.97
CA SER A 69 -26.55 17.99 9.24
C SER A 69 -25.22 18.73 9.12
N ALA A 70 -24.27 18.15 8.38
CA ALA A 70 -22.97 18.79 8.21
C ALA A 70 -23.09 20.07 7.41
N GLN A 71 -23.93 20.06 6.36
CA GLN A 71 -24.21 21.29 5.63
C GLN A 71 -24.77 22.35 6.56
N ALA A 72 -25.65 21.96 7.49
CA ALA A 72 -26.23 22.94 8.40
C ALA A 72 -25.17 23.57 9.29
N GLN A 73 -24.27 22.74 9.84
CA GLN A 73 -23.24 23.29 10.73
C GLN A 73 -22.26 24.18 9.97
N ALA A 74 -21.91 23.78 8.74
CA ALA A 74 -21.03 24.61 7.92
C ALA A 74 -21.67 25.96 7.60
N ARG A 75 -22.92 25.94 7.13
CA ARG A 75 -23.70 27.15 6.93
C ARG A 75 -23.64 28.08 8.14
N SER A 76 -23.82 27.51 9.34
CA SER A 76 -23.79 28.31 10.56
C SER A 76 -22.43 28.99 10.74
N VAL A 77 -21.35 28.22 10.65
CA VAL A 77 -20.02 28.78 10.86
C VAL A 77 -19.73 29.87 9.83
N THR A 78 -20.02 29.59 8.56
CA THR A 78 -19.87 30.57 7.49
C THR A 78 -20.58 31.87 7.82
N SER A 79 -21.79 31.79 8.39
CA SER A 79 -22.52 33.01 8.73
C SER A 79 -21.79 33.81 9.80
N GLU A 80 -21.37 33.14 10.87
CA GLU A 80 -20.67 33.85 11.94
C GLU A 80 -19.40 34.52 11.41
N LEU A 81 -18.66 33.82 10.54
CA LEU A 81 -17.44 34.38 9.98
C LEU A 81 -17.74 35.59 9.10
N LYS A 82 -18.76 35.49 8.24
CA LYS A 82 -19.12 36.62 7.39
C LYS A 82 -19.40 37.87 8.22
N SER A 83 -20.16 37.72 9.31
CA SER A 83 -20.54 38.93 10.03
C SER A 83 -19.38 39.50 10.84
N ALA A 84 -18.51 38.64 11.37
CA ALA A 84 -17.34 39.17 12.06
C ALA A 84 -16.41 39.90 11.08
N VAL A 85 -16.23 39.33 9.89
CA VAL A 85 -15.38 39.96 8.88
C VAL A 85 -15.95 41.31 8.48
N LYS A 86 -17.24 41.37 8.18
CA LYS A 86 -17.87 42.63 7.80
C LYS A 86 -17.68 43.68 8.89
N GLU A 87 -17.90 43.30 10.15
CA GLU A 87 -17.65 44.21 11.26
C GLU A 87 -16.24 44.77 11.20
N ALA A 88 -15.24 43.88 11.13
CA ALA A 88 -13.86 44.35 11.15
C ALA A 88 -13.51 45.15 9.90
N GLN A 89 -14.20 44.90 8.79
CA GLN A 89 -13.97 45.63 7.55
C GLN A 89 -14.55 47.03 7.60
N GLY A 90 -15.51 47.28 8.50
CA GLY A 90 -16.04 48.63 8.61
C GLY A 90 -15.25 49.60 9.47
N LEU A 91 -14.16 49.15 10.09
CA LEU A 91 -13.40 49.99 11.01
C LEU A 91 -12.72 51.15 10.30
N GLU A 92 -12.67 52.30 10.97
CA GLU A 92 -11.95 53.47 10.46
C GLU A 92 -10.47 53.14 10.28
N HIS A 93 -9.87 53.66 9.20
CA HIS A 93 -8.45 53.45 8.92
C HIS A 93 -7.69 54.76 9.10
N GLN A 94 -6.64 54.71 9.92
CA GLN A 94 -5.86 55.90 10.23
C GLN A 94 -5.24 56.50 8.97
N THR A 95 -5.00 57.81 9.04
CA THR A 95 -4.61 58.57 7.86
C THR A 95 -3.24 58.14 7.33
N LEU A 96 -2.98 58.51 6.09
CA LEU A 96 -1.73 58.18 5.41
C LEU A 96 -0.77 59.36 5.41
N ASP A 97 -0.64 60.01 6.57
CA ASP A 97 0.24 61.16 6.70
C ASP A 97 1.72 60.78 6.73
N PHE A 98 2.03 59.56 7.18
CA PHE A 98 3.39 59.08 7.34
C PHE A 98 4.11 58.86 6.03
N LEU A 99 3.43 59.00 4.90
CA LEU A 99 4.02 58.83 3.58
C LEU A 99 4.18 60.18 2.89
N GLU A 100 5.30 60.34 2.18
CA GLU A 100 5.45 61.45 1.26
C GLU A 100 4.37 61.39 0.18
N GLN A 101 4.00 62.55 -0.36
CA GLN A 101 2.93 62.63 -1.35
C GLN A 101 3.41 63.40 -2.57
N LEU A 102 3.14 62.84 -3.75
CA LEU A 102 3.59 63.41 -5.02
C LEU A 102 2.42 63.77 -5.93
N GLY A 103 1.23 63.96 -5.38
CA GLY A 103 0.08 64.35 -6.18
C GLY A 103 -0.41 63.24 -7.09
N GLU A 104 -0.95 63.64 -8.24
CA GLU A 104 -1.56 62.74 -9.20
C GLU A 104 -0.66 62.60 -10.42
N TYR A 105 -0.61 61.40 -10.99
CA TYR A 105 0.13 61.12 -12.22
C TYR A 105 -0.80 61.07 -13.42
N PRO A 106 -0.37 61.54 -14.59
CA PRO A 106 -1.21 61.44 -15.78
C PRO A 106 -1.15 60.04 -16.39
N VAL A 107 -2.28 59.65 -16.98
CA VAL A 107 -2.36 58.36 -17.68
C VAL A 107 -1.35 58.33 -18.80
N CYS A 108 -0.57 57.26 -18.86
CA CYS A 108 0.45 57.12 -19.91
C CYS A 108 -0.19 57.04 -21.29
N GLY A 109 0.28 57.90 -22.19
CA GLY A 109 -0.22 57.99 -23.55
C GLY A 109 0.53 57.16 -24.57
N ILE A 110 1.41 56.25 -24.14
CA ILE A 110 2.19 55.48 -25.09
C ILE A 110 1.27 54.54 -25.87
N LEU A 111 1.47 54.49 -27.18
CA LEU A 111 0.70 53.63 -28.06
C LEU A 111 1.63 52.58 -28.65
N HIS A 112 1.11 51.37 -28.81
CA HIS A 112 1.81 50.29 -29.51
C HIS A 112 0.91 49.86 -30.66
N GLY A 113 1.17 50.41 -31.84
CA GLY A 113 0.32 50.15 -32.99
C GLY A 113 -1.07 50.71 -32.81
N ASP A 114 -2.08 49.84 -32.92
CA ASP A 114 -3.47 50.28 -33.01
C ASP A 114 -4.08 50.64 -31.66
N HIS A 115 -3.47 50.25 -30.55
CA HIS A 115 -4.08 50.41 -29.24
C HIS A 115 -3.12 51.06 -28.26
N PRO A 116 -3.64 51.75 -27.24
CA PRO A 116 -2.77 52.26 -26.18
C PRO A 116 -2.32 51.15 -25.24
N VAL A 117 -1.13 51.34 -24.66
CA VAL A 117 -0.64 50.39 -23.67
C VAL A 117 -1.54 50.39 -22.44
N HIS A 118 -1.93 51.59 -21.98
CA HIS A 118 -2.88 51.74 -20.88
C HIS A 118 -4.29 51.69 -21.45
N PRO A 119 -5.05 50.63 -21.21
CA PRO A 119 -6.38 50.49 -21.82
C PRO A 119 -7.30 51.66 -21.50
N SER A 120 -8.33 51.81 -22.34
CA SER A 120 -9.14 53.02 -22.33
C SER A 120 -10.06 53.07 -21.12
N GLY A 121 -10.73 51.98 -20.81
CA GLY A 121 -11.67 51.98 -19.69
C GLY A 121 -10.99 52.10 -18.33
N THR A 122 -9.99 51.27 -18.09
CA THR A 122 -9.54 50.95 -16.75
C THR A 122 -8.66 52.04 -16.15
N HIS A 123 -8.64 52.06 -14.81
CA HIS A 123 -7.58 52.68 -14.02
C HIS A 123 -7.27 54.10 -14.48
N ASN A 124 -8.34 54.89 -14.55
CA ASN A 124 -8.32 56.25 -15.07
C ASN A 124 -9.66 56.89 -14.71
N ASN A 125 -9.67 57.82 -13.76
CA ASN A 125 -10.93 58.49 -13.43
C ASN A 125 -11.22 59.61 -14.43
N ASN A 126 -10.22 60.45 -14.69
CA ASN A 126 -10.10 61.22 -15.93
C ASN A 126 -8.73 61.90 -15.98
N GLY A 127 -7.94 61.54 -16.99
CA GLY A 127 -6.59 62.05 -17.10
C GLY A 127 -5.59 61.42 -16.15
N LYS A 128 -6.03 61.11 -14.93
CA LYS A 128 -5.15 60.70 -13.85
C LYS A 128 -5.25 59.20 -13.60
N VAL A 129 -4.12 58.57 -13.28
CA VAL A 129 -4.11 57.15 -12.96
C VAL A 129 -4.77 56.92 -11.61
N SER A 130 -5.77 56.03 -11.57
CA SER A 130 -6.47 55.70 -10.34
C SER A 130 -6.54 54.19 -10.15
N VAL A 131 -6.81 53.78 -8.91
CA VAL A 131 -6.80 52.38 -8.50
C VAL A 131 -7.79 52.21 -7.36
N LYS A 132 -8.47 51.06 -7.34
CA LYS A 132 -9.53 50.78 -6.38
C LYS A 132 -9.20 49.53 -5.59
N ARG A 133 -9.02 49.68 -4.27
CA ARG A 133 -8.65 48.56 -3.41
C ARG A 133 -9.86 47.68 -3.11
N GLN A 134 -9.64 46.36 -3.07
CA GLN A 134 -10.73 45.39 -2.95
C GLN A 134 -10.70 44.74 -1.56
N PHE A 135 -11.76 44.99 -0.77
CA PHE A 135 -11.97 44.32 0.51
C PHE A 135 -13.39 43.73 0.51
N ALA A 136 -13.51 42.47 0.15
CA ALA A 136 -14.80 41.80 0.09
C ALA A 136 -14.93 40.81 1.25
N ALA A 137 -16.17 40.54 1.68
CA ALA A 137 -16.38 39.69 2.88
C ALA A 137 -16.65 38.22 2.52
N GLY A 138 -16.57 37.86 1.24
CA GLY A 138 -16.76 36.45 0.82
C GLY A 138 -18.07 35.89 1.34
N SER A 142 -18.66 26.97 2.34
CA SER A 142 -17.41 26.18 2.18
C SER A 142 -17.75 24.68 2.28
N ASP A 143 -17.35 23.92 1.25
CA ASP A 143 -17.64 22.49 1.27
C ASP A 143 -16.50 21.65 1.85
N ALA A 144 -15.29 22.20 1.92
CA ALA A 144 -14.26 21.61 2.77
C ALA A 144 -14.74 21.53 4.22
N LEU A 145 -15.34 22.62 4.70
CA LEU A 145 -15.90 22.65 6.04
C LEU A 145 -16.99 21.61 6.22
N THR A 146 -17.85 21.46 5.20
CA THR A 146 -18.82 20.38 5.16
C THR A 146 -18.17 19.02 5.40
N CYS A 147 -17.19 18.67 4.57
CA CYS A 147 -16.49 17.39 4.73
C CYS A 147 -15.95 17.22 6.15
N ALA A 148 -15.31 18.27 6.68
CA ALA A 148 -14.74 18.21 8.02
C ALA A 148 -15.80 17.89 9.05
N PHE A 149 -16.92 18.62 9.01
CA PHE A 149 -18.02 18.33 9.93
C PHE A 149 -18.54 16.91 9.74
N ARG A 150 -18.52 16.40 8.51
CA ARG A 150 -18.99 15.04 8.26
C ARG A 150 -18.12 14.00 8.96
N PHE A 151 -16.82 14.24 9.04
CA PHE A 151 -15.92 13.16 9.45
C PHE A 151 -15.14 13.40 10.74
N GLU A 152 -15.33 14.51 11.44
CA GLU A 152 -14.56 14.75 12.67
C GLU A 152 -15.44 15.47 13.70
N ASP A 153 -14.91 15.57 14.91
CA ASP A 153 -15.67 16.06 16.07
C ASP A 153 -16.22 17.46 15.84
N SER A 154 -17.53 17.62 16.09
CA SER A 154 -18.23 18.86 15.77
C SER A 154 -17.62 20.08 16.47
N ASP A 155 -17.37 19.98 17.78
CA ASP A 155 -16.93 21.14 18.55
C ASP A 155 -15.53 21.57 18.15
N LEU A 156 -14.65 20.61 17.88
CA LEU A 156 -13.29 20.93 17.49
C LEU A 156 -13.27 21.59 16.12
N VAL A 157 -14.03 21.05 15.17
CA VAL A 157 -14.14 21.65 13.85
C VAL A 157 -14.66 23.07 13.97
N ARG A 158 -15.70 23.27 14.80
CA ARG A 158 -16.28 24.59 14.98
C ARG A 158 -15.23 25.61 15.45
N GLU A 159 -14.53 25.29 16.54
CA GLU A 159 -13.64 26.31 17.09
C GLU A 159 -12.39 26.52 16.24
N THR A 160 -11.91 25.48 15.56
CA THR A 160 -10.77 25.71 14.68
C THR A 160 -11.17 26.49 13.43
N ALA A 161 -12.38 26.26 12.91
CA ALA A 161 -12.84 27.02 11.75
C ALA A 161 -13.21 28.44 12.11
N LEU A 162 -13.44 28.72 13.39
CA LEU A 162 -13.67 30.10 13.78
C LEU A 162 -12.40 30.84 14.18
N LYS A 163 -11.31 30.11 14.47
CA LYS A 163 -10.08 30.81 14.83
C LYS A 163 -9.48 31.59 13.66
N THR A 164 -9.50 31.04 12.44
CA THR A 164 -8.84 31.67 11.30
C THR A 164 -9.73 31.62 10.06
N THR A 165 -9.38 32.42 9.06
CA THR A 165 -10.20 32.54 7.85
C THR A 165 -9.37 33.12 6.70
N TYR A 166 -9.61 32.63 5.49
CA TYR A 166 -8.98 33.15 4.28
C TYR A 166 -9.73 34.37 3.79
N THR A 167 -9.09 35.54 3.80
CA THR A 167 -9.82 36.76 3.47
C THR A 167 -8.87 37.83 2.91
N ASP A 168 -9.49 38.87 2.34
CA ASP A 168 -8.81 40.06 1.84
C ASP A 168 -8.29 40.96 2.97
N GLY A 169 -8.75 40.78 4.19
CA GLY A 169 -8.36 41.63 5.28
C GLY A 169 -9.22 42.87 5.41
N THR A 170 -8.68 43.85 6.15
CA THR A 170 -9.40 45.07 6.48
C THR A 170 -8.54 46.28 6.14
N TRP A 171 -9.23 47.38 5.82
CA TRP A 171 -8.55 48.65 5.60
C TRP A 171 -7.70 49.06 6.81
N ALA A 172 -8.24 48.86 8.02
CA ALA A 172 -7.54 49.27 9.23
C ALA A 172 -6.19 48.57 9.38
N GLY A 173 -6.20 47.24 9.32
CA GLY A 173 -4.97 46.51 9.48
C GLY A 173 -4.03 46.68 8.30
N PHE A 174 -4.60 46.88 7.12
CA PHE A 174 -3.79 47.22 5.94
C PHE A 174 -2.95 48.45 6.23
N VAL A 175 -3.59 49.54 6.66
CA VAL A 175 -2.85 50.77 6.90
C VAL A 175 -1.91 50.63 8.09
N GLN A 176 -2.30 49.85 9.10
CA GLN A 176 -1.44 49.71 10.28
C GLN A 176 -0.15 48.98 9.94
N ARG A 177 -0.24 47.89 9.17
CA ARG A 177 0.97 47.16 8.80
C ARG A 177 1.80 47.94 7.78
N LEU A 178 1.13 48.70 6.89
CA LEU A 178 1.85 49.57 5.98
C LEU A 178 2.69 50.59 6.75
N LYS A 179 2.11 51.18 7.80
CA LYS A 179 2.87 52.07 8.67
C LYS A 179 4.02 51.34 9.33
N MET A 180 3.80 50.11 9.80
CA MET A 180 4.88 49.38 10.44
C MET A 180 6.04 49.13 9.49
N GLN A 181 5.76 48.95 8.20
CA GLN A 181 6.81 48.55 7.28
C GLN A 181 7.39 49.72 6.47
N THR A 182 6.81 50.92 6.59
CA THR A 182 7.37 52.07 5.91
C THR A 182 8.08 53.06 6.82
N THR A 183 7.92 52.95 8.15
CA THR A 183 8.38 53.98 9.07
C THR A 183 9.21 53.43 10.22
N ARG A 184 9.71 52.20 10.13
CA ARG A 184 10.46 51.63 11.24
C ARG A 184 11.89 52.14 11.27
N LYS A 185 12.36 52.47 12.47
CA LYS A 185 13.75 52.91 12.69
C LYS A 185 14.68 51.71 12.50
N CYS A 186 15.48 51.73 11.44
CA CYS A 186 16.35 50.62 11.08
C CYS A 186 17.76 50.83 11.63
N VAL A 187 18.61 49.84 11.39
CA VAL A 187 20.02 49.87 11.78
C VAL A 187 20.83 49.38 10.59
N GLN A 188 21.56 50.30 9.93
CA GLN A 188 22.46 49.95 8.84
C GLN A 188 23.35 48.77 9.23
N GLU A 189 23.37 47.74 8.41
CA GLU A 189 24.17 46.56 8.72
C GLU A 189 25.63 46.80 8.37
N LYS A 190 26.48 45.93 8.91
CA LYS A 190 27.93 46.02 8.79
C LYS A 190 28.37 44.92 7.82
N VAL A 191 28.51 45.26 6.54
CA VAL A 191 28.53 44.25 5.48
C VAL A 191 29.60 44.54 4.43
N SER A 192 30.15 43.45 3.86
CA SER A 192 31.11 43.52 2.75
C SER A 192 30.93 42.30 1.86
N ARG A 193 31.49 42.37 0.65
CA ARG A 193 31.52 41.20 -0.22
C ARG A 193 32.21 40.01 0.43
N LYS A 194 33.29 40.25 1.17
CA LYS A 194 33.95 39.19 1.93
C LYS A 194 32.92 38.40 2.74
N LEU A 195 32.12 39.12 3.54
CA LEU A 195 31.12 38.49 4.39
C LEU A 195 30.08 37.72 3.57
N LEU A 196 29.62 38.32 2.46
CA LEU A 196 28.56 37.67 1.68
C LEU A 196 29.07 36.44 0.93
N LYS A 197 30.32 36.48 0.45
CA LYS A 197 30.98 35.28 -0.04
C LYS A 197 30.96 34.20 1.03
N GLN A 198 31.18 34.61 2.29
CA GLN A 198 31.21 33.65 3.39
C GLN A 198 29.84 33.04 3.64
N LEU A 199 28.83 33.90 3.82
CA LEU A 199 27.50 33.46 4.23
C LEU A 199 26.67 32.91 3.08
N PHE A 200 26.85 33.43 1.87
CA PHE A 200 26.05 33.03 0.71
C PHE A 200 26.95 32.60 -0.43
N PRO A 201 27.63 31.46 -0.29
CA PRO A 201 28.42 30.94 -1.41
C PRO A 201 27.51 30.54 -2.57
N TYR A 202 28.05 30.68 -3.79
CA TYR A 202 27.36 30.28 -5.00
C TYR A 202 28.35 29.55 -5.90
N ASP A 203 27.88 29.10 -7.06
CA ASP A 203 28.72 28.37 -8.01
C ASP A 203 28.77 29.21 -9.28
N PRO A 204 29.84 29.99 -9.49
CA PRO A 204 29.87 30.93 -10.63
C PRO A 204 29.46 30.35 -11.97
N GLN A 205 29.80 29.09 -12.26
CA GLN A 205 29.53 28.53 -13.58
C GLN A 205 28.07 28.20 -13.82
N LYS A 206 27.19 28.43 -12.85
CA LYS A 206 25.76 28.22 -13.01
C LYS A 206 25.03 29.54 -13.21
N LEU A 207 25.75 30.64 -13.31
CA LEU A 207 25.17 31.95 -13.58
C LEU A 207 24.93 32.11 -15.08
N VAL A 208 23.82 32.75 -15.43
CA VAL A 208 23.51 32.97 -16.84
C VAL A 208 24.69 33.76 -17.40
N ASP A 209 25.01 33.54 -18.67
CA ASP A 209 25.90 34.42 -19.41
C ASP A 209 25.11 35.69 -19.71
N VAL A 210 25.35 36.72 -18.89
CA VAL A 210 24.49 37.90 -18.84
C VAL A 210 25.03 38.95 -19.81
N SER A 211 26.03 38.57 -20.61
CA SER A 211 26.62 39.44 -21.62
C SER A 211 25.97 39.27 -22.98
N GLY A 212 25.08 38.30 -23.15
CA GLY A 212 24.44 38.08 -24.43
C GLY A 212 23.43 39.17 -24.75
N GLU A 213 22.54 38.87 -25.69
CA GLU A 213 21.51 39.82 -26.11
C GLU A 213 20.38 39.89 -25.09
N LEU A 214 19.85 41.11 -24.88
CA LEU A 214 18.85 41.32 -23.84
C LEU A 214 17.56 40.55 -24.10
N SER A 215 17.08 40.57 -25.35
CA SER A 215 15.83 39.89 -25.68
C SER A 215 15.85 38.43 -25.23
N GLU A 216 16.89 37.69 -25.60
CA GLU A 216 16.97 36.27 -25.25
C GLU A 216 17.02 36.08 -23.72
N LEU A 217 17.81 36.93 -23.04
CA LEU A 217 17.93 36.81 -21.59
C LEU A 217 16.59 37.05 -20.91
N VAL A 218 15.86 38.08 -21.34
CA VAL A 218 14.54 38.37 -20.78
C VAL A 218 13.57 37.25 -21.13
N LEU A 219 13.69 36.68 -22.32
CA LEU A 219 12.84 35.56 -22.71
C LEU A 219 13.12 34.33 -21.87
N GLY A 220 14.30 34.25 -21.24
CA GLY A 220 14.60 33.09 -20.42
C GLY A 220 14.00 33.10 -19.03
N ILE A 221 13.60 34.27 -18.51
CA ILE A 221 13.09 34.33 -17.15
C ILE A 221 11.69 33.73 -17.06
N LYS A 222 11.36 33.20 -15.89
CA LYS A 222 10.06 32.62 -15.60
C LYS A 222 9.21 33.62 -14.81
N THR A 223 7.89 33.49 -14.92
CA THR A 223 7.00 34.40 -14.19
C THR A 223 5.57 33.84 -14.16
N ASN A 224 4.82 34.31 -13.17
CA ASN A 224 3.40 34.00 -13.04
C ASN A 224 2.63 34.68 -14.18
N ALA A 225 2.08 33.88 -15.10
CA ALA A 225 1.39 34.43 -16.26
C ALA A 225 0.10 35.14 -15.89
N ILE A 226 -0.49 34.83 -14.73
CA ILE A 226 -1.77 35.42 -14.36
C ILE A 226 -1.57 36.67 -13.51
N ALA A 227 -0.37 36.91 -13.00
CA ALA A 227 -0.11 38.05 -12.15
C ALA A 227 -0.27 39.36 -12.91
N SER A 228 -0.64 40.40 -12.17
CA SER A 228 -0.72 41.74 -12.74
C SER A 228 0.65 42.20 -13.26
N ALA A 229 0.68 42.67 -14.51
CA ALA A 229 1.85 43.36 -15.02
C ALA A 229 2.02 44.74 -14.41
N GLY A 230 1.10 45.18 -13.56
CA GLY A 230 1.16 46.48 -12.95
C GLY A 230 1.07 47.62 -13.95
N PRO A 231 1.31 48.84 -13.48
CA PRO A 231 1.27 49.98 -14.38
C PRO A 231 2.38 49.88 -15.41
N PRO A 232 2.12 50.35 -16.63
CA PRO A 232 0.89 50.96 -17.11
C PRO A 232 0.00 50.01 -17.90
N TYR A 233 0.25 48.71 -17.81
CA TYR A 233 -0.46 47.76 -18.65
C TYR A 233 -1.85 47.46 -18.09
N TRP A 234 -1.94 47.28 -16.77
CA TRP A 234 -3.21 47.03 -16.07
C TRP A 234 -3.94 45.82 -16.65
N ARG A 235 -3.18 44.77 -16.95
CA ARG A 235 -3.73 43.48 -17.28
C ARG A 235 -2.71 42.41 -16.90
N THR A 236 -3.08 41.15 -17.07
CA THR A 236 -2.17 40.05 -16.76
C THR A 236 -0.91 40.11 -17.62
N LYS A 237 0.09 39.34 -17.22
CA LYS A 237 1.36 39.37 -17.94
C LYS A 237 1.28 38.68 -19.29
N ARG A 238 0.48 37.62 -19.43
CA ARG A 238 0.32 37.03 -20.75
C ARG A 238 -0.45 37.96 -21.68
N ASP A 239 -1.39 38.73 -21.15
CA ASP A 239 -2.07 39.74 -21.96
C ASP A 239 -1.11 40.86 -22.36
N ALA A 240 -0.25 41.28 -21.44
CA ALA A 240 0.58 42.47 -21.61
C ALA A 240 1.97 42.16 -22.15
N LEU A 241 2.29 40.89 -22.42
CA LEU A 241 3.64 40.52 -22.84
C LEU A 241 4.12 41.24 -24.09
N PRO A 242 3.38 41.26 -25.21
CA PRO A 242 3.92 41.93 -26.40
C PRO A 242 4.14 43.42 -26.20
N ASP A 243 3.20 44.08 -25.52
CA ASP A 243 3.30 45.51 -25.30
C ASP A 243 4.53 45.85 -24.48
N MET A 244 4.82 45.06 -23.44
CA MET A 244 6.07 45.23 -22.71
C MET A 244 7.26 44.95 -23.61
N LEU A 245 7.17 43.90 -24.42
CA LEU A 245 8.36 43.27 -25.01
C LEU A 245 8.89 44.08 -26.19
N ASP A 246 8.04 44.36 -27.18
CA ASP A 246 8.54 45.02 -28.39
C ASP A 246 8.33 46.53 -28.37
N CYS A 247 7.79 47.09 -27.29
CA CYS A 247 7.46 48.51 -27.24
C CYS A 247 8.09 49.21 -26.05
N VAL A 248 7.79 48.80 -24.82
CA VAL A 248 8.28 49.52 -23.66
C VAL A 248 9.72 49.15 -23.34
N LEU A 249 10.03 47.86 -23.32
CA LEU A 249 11.41 47.44 -23.03
C LEU A 249 12.43 48.06 -23.97
N PRO A 250 12.21 48.17 -25.28
CA PRO A 250 13.19 48.89 -26.12
C PRO A 250 13.33 50.36 -25.75
N LEU A 251 12.22 51.04 -25.48
CA LEU A 251 12.28 52.44 -25.03
C LEU A 251 13.12 52.56 -23.76
N LEU A 252 12.86 51.69 -22.80
CA LEU A 252 13.60 51.67 -21.53
C LEU A 252 15.09 51.47 -21.79
N TYR A 253 15.43 50.49 -22.63
CA TYR A 253 16.84 50.25 -22.97
C TYR A 253 17.48 51.49 -23.58
N ASP A 254 16.86 52.03 -24.63
CA ASP A 254 17.27 53.28 -25.24
C ASP A 254 17.66 54.30 -24.18
N HIS A 255 16.74 54.54 -23.24
CA HIS A 255 16.98 55.59 -22.24
C HIS A 255 17.99 55.17 -21.18
N ILE A 256 18.18 53.87 -20.97
CA ILE A 256 19.16 53.40 -20.00
C ILE A 256 20.57 53.66 -20.50
N VAL A 257 20.83 53.31 -21.76
CA VAL A 257 22.18 53.44 -22.27
C VAL A 257 22.50 54.87 -22.67
N ARG A 258 21.48 55.67 -22.96
CA ARG A 258 21.62 57.09 -23.25
C ARG A 258 21.76 57.92 -21.97
N LYS A 259 21.77 57.26 -20.81
CA LYS A 259 21.86 57.92 -19.50
C LYS A 259 20.71 58.91 -19.30
N ASP A 260 19.55 58.59 -19.89
CA ASP A 260 18.45 59.53 -20.09
C ASP A 260 17.22 59.14 -19.29
N LEU A 261 17.41 58.48 -18.14
CA LEU A 261 16.29 57.86 -17.44
C LEU A 261 15.34 58.89 -16.83
N THR A 262 15.86 60.00 -16.30
CA THR A 262 14.99 60.89 -15.55
C THR A 262 14.06 61.69 -16.47
N THR A 263 14.48 61.95 -17.71
CA THR A 263 13.56 62.63 -18.62
C THR A 263 12.49 61.67 -19.13
N LEU A 264 12.79 60.37 -19.19
CA LEU A 264 11.75 59.39 -19.46
C LEU A 264 10.80 59.27 -18.27
N ARG A 265 11.36 59.29 -17.05
CA ARG A 265 10.54 59.34 -15.84
C ARG A 265 9.63 60.56 -15.84
N ASN A 266 10.07 61.64 -16.48
CA ASN A 266 9.25 62.85 -16.54
C ASN A 266 8.17 62.76 -17.62
N LYS A 267 8.54 62.29 -18.81
CA LYS A 267 7.60 62.23 -19.93
C LYS A 267 6.49 61.21 -19.67
N HIS A 268 6.77 60.15 -18.90
CA HIS A 268 5.85 59.03 -18.73
C HIS A 268 5.98 58.50 -17.31
N PRO A 269 5.44 59.22 -16.33
CA PRO A 269 5.62 58.80 -14.93
C PRO A 269 5.07 57.41 -14.62
N GLU A 270 3.97 57.01 -15.26
CA GLU A 270 3.33 55.74 -14.94
C GLU A 270 4.25 54.55 -15.25
N LEU A 271 5.30 54.76 -16.04
CA LEU A 271 6.25 53.70 -16.34
C LEU A 271 7.06 53.29 -15.11
N PHE A 272 7.11 54.12 -14.08
CA PHE A 272 7.93 53.83 -12.91
C PHE A 272 7.08 53.81 -11.64
N LEU A 273 5.80 53.49 -11.79
CA LEU A 273 4.84 53.51 -10.70
C LEU A 273 4.50 52.09 -10.25
N ALA A 274 4.30 51.92 -8.94
CA ALA A 274 3.88 50.65 -8.36
C ALA A 274 2.48 50.76 -7.79
N GLU A 275 1.86 49.61 -7.57
CA GLU A 275 0.54 49.51 -6.93
C GLU A 275 0.69 48.82 -5.58
N CYS A 276 0.26 49.50 -4.52
CA CYS A 276 0.24 48.87 -3.20
C CYS A 276 -1.05 48.08 -3.03
N LYS A 277 -0.92 46.83 -2.57
CA LYS A 277 -2.03 45.89 -2.59
C LYS A 277 -2.10 45.14 -1.28
N ASN A 278 -3.31 44.73 -0.91
CA ASN A 278 -3.56 43.95 0.29
C ASN A 278 -3.53 42.46 -0.07
N LYS A 279 -2.68 41.70 0.61
CA LYS A 279 -2.61 40.27 0.37
C LYS A 279 -3.81 39.56 0.98
N THR A 280 -4.58 38.88 0.13
CA THR A 280 -5.57 37.91 0.60
C THR A 280 -4.84 36.66 1.10
N ASP A 281 -5.10 36.26 2.34
CA ASP A 281 -4.66 34.92 2.78
C ASP A 281 -5.27 34.59 4.14
N ARG A 282 -4.72 33.53 4.75
CA ARG A 282 -5.09 33.07 6.08
C ARG A 282 -4.81 34.11 7.14
N TYR A 283 -5.86 34.59 7.81
CA TYR A 283 -5.72 35.56 8.89
C TYR A 283 -6.45 35.07 10.14
N GLU A 284 -5.86 35.38 11.30
CA GLU A 284 -6.56 35.24 12.57
C GLU A 284 -7.74 36.20 12.58
N VAL A 285 -8.91 35.71 13.00
CA VAL A 285 -10.09 36.56 13.03
C VAL A 285 -9.97 37.61 14.13
N GLU A 286 -9.46 37.21 15.29
CA GLU A 286 -9.27 38.14 16.41
C GLU A 286 -8.42 39.33 16.04
N SER A 287 -7.48 39.16 15.11
CA SER A 287 -6.49 40.18 14.76
C SER A 287 -6.82 40.87 13.44
N LEU A 288 -8.08 40.83 13.00
CA LEU A 288 -8.41 41.26 11.65
C LEU A 288 -8.20 42.75 11.44
N GLY A 289 -8.38 43.57 12.49
CA GLY A 289 -8.20 44.99 12.38
C GLY A 289 -6.81 45.48 12.70
N GLU A 290 -5.90 44.58 13.06
CA GLU A 290 -4.51 44.91 13.33
C GLU A 290 -3.55 44.42 12.26
N LYS A 291 -3.94 43.43 11.47
CA LYS A 291 -3.00 42.68 10.63
C LYS A 291 -3.62 42.45 9.26
N THR A 292 -3.00 43.03 8.24
CA THR A 292 -3.34 42.73 6.84
C THR A 292 -2.12 43.07 5.99
N ARG A 293 -1.52 42.06 5.37
CA ARG A 293 -0.22 42.23 4.72
C ARG A 293 -0.30 43.14 3.51
N PRO A 294 0.56 44.17 3.41
CA PRO A 294 0.70 44.91 2.16
C PRO A 294 1.87 44.43 1.31
N TYR A 295 1.73 44.55 -0.01
CA TYR A 295 2.79 44.19 -0.95
C TYR A 295 2.70 45.12 -2.16
N PHE A 296 3.72 45.10 -3.00
CA PHE A 296 3.83 46.06 -4.10
C PHE A 296 3.93 45.35 -5.44
N SER A 297 2.94 45.57 -6.29
CA SER A 297 2.98 45.17 -7.70
C SER A 297 3.80 46.18 -8.49
N HIS A 298 4.88 45.72 -9.12
CA HIS A 298 5.76 46.56 -9.91
C HIS A 298 5.50 46.42 -11.41
N PRO A 299 5.94 47.40 -12.20
CA PRO A 299 5.82 47.29 -13.66
C PRO A 299 6.56 46.08 -14.22
N PHE A 300 5.92 45.44 -15.21
CA PHE A 300 6.46 44.23 -15.82
C PHE A 300 7.84 44.47 -16.43
N HIS A 301 8.01 45.58 -17.15
CA HIS A 301 9.27 45.83 -17.84
C HIS A 301 10.46 46.01 -16.89
N LEU A 302 10.21 46.41 -15.65
CA LEU A 302 11.28 46.56 -14.67
C LEU A 302 11.56 45.24 -13.95
N SER A 303 10.49 44.58 -13.49
CA SER A 303 10.64 43.30 -12.80
C SER A 303 11.30 42.27 -13.70
N ALA A 304 10.85 42.16 -14.95
CA ALA A 304 11.48 41.26 -15.92
C ALA A 304 12.97 41.56 -16.07
N LEU A 305 13.33 42.83 -16.22
CA LEU A 305 14.72 43.20 -16.43
C LEU A 305 15.58 42.78 -15.24
N VAL A 306 15.07 42.97 -14.03
CA VAL A 306 15.84 42.59 -12.84
C VAL A 306 15.87 41.06 -12.67
N SER A 307 14.75 40.41 -12.98
CA SER A 307 14.64 38.96 -12.84
C SER A 307 15.77 38.21 -13.51
N VAL A 308 16.34 38.73 -14.58
CA VAL A 308 17.47 38.06 -15.22
C VAL A 308 18.55 37.76 -14.19
N LEU A 309 19.05 38.82 -13.55
CA LEU A 309 20.04 38.69 -12.49
C LEU A 309 19.51 37.84 -11.35
N SER A 310 18.35 38.22 -10.81
CA SER A 310 17.81 37.55 -9.63
C SER A 310 17.73 36.03 -9.83
N GLN A 311 17.09 35.60 -10.91
CA GLN A 311 16.85 34.18 -11.15
C GLN A 311 18.13 33.43 -11.48
N SER A 312 19.04 34.03 -12.27
CA SER A 312 20.35 33.40 -12.44
C SER A 312 21.02 33.14 -11.11
N PHE A 313 20.98 34.14 -10.22
CA PHE A 313 21.64 33.99 -8.93
C PHE A 313 21.01 32.89 -8.11
N SER A 314 19.66 32.87 -8.02
CA SER A 314 18.97 31.75 -7.40
C SER A 314 19.44 30.43 -7.99
N GLY A 315 19.63 30.38 -9.31
CA GLY A 315 20.17 29.18 -9.93
C GLY A 315 21.51 28.76 -9.34
N ALA A 316 22.36 29.74 -9.02
CA ALA A 316 23.70 29.37 -8.55
C ALA A 316 23.77 29.11 -7.04
N LEU A 317 23.10 29.93 -6.24
CA LEU A 317 23.09 29.90 -4.78
C LEU A 317 23.12 28.49 -4.18
N LYS A 318 24.13 28.24 -3.34
CA LYS A 318 24.19 27.04 -2.52
C LYS A 318 23.31 27.18 -1.28
N ILE A 319 22.92 26.03 -0.72
CA ILE A 319 22.16 25.98 0.53
C ILE A 319 23.03 25.35 1.62
N MET A 320 22.55 25.44 2.87
CA MET A 320 23.37 25.09 4.02
C MET A 320 23.68 23.60 4.08
N THR A 321 22.80 22.75 3.55
CA THR A 321 23.09 21.33 3.52
C THR A 321 24.14 20.96 2.48
N GLU A 322 24.43 21.88 1.56
CA GLU A 322 25.48 21.71 0.58
C GLU A 322 26.82 22.25 1.05
N ASP A 323 26.82 23.32 1.84
CA ASP A 323 28.03 24.10 2.11
C ASP A 323 28.00 24.57 3.56
N SER A 324 28.96 24.09 4.35
CA SER A 324 28.94 24.30 5.80
C SER A 324 28.94 25.78 6.18
N THR A 325 29.58 26.63 5.38
CA THR A 325 29.63 28.05 5.71
C THR A 325 28.32 28.78 5.46
N SER A 326 27.45 28.21 4.64
CA SER A 326 26.26 28.92 4.18
C SER A 326 25.23 29.06 5.29
N PHE A 327 24.66 30.26 5.41
CA PHE A 327 23.53 30.54 6.28
C PHE A 327 22.21 30.43 5.55
N ASN A 328 22.21 29.95 4.31
CA ASN A 328 21.07 30.07 3.42
C ASN A 328 20.27 28.77 3.37
N ALA A 329 18.96 28.88 3.60
CA ALA A 329 18.03 27.76 3.44
C ALA A 329 17.01 28.03 2.35
N TYR A 330 17.22 29.08 1.55
CA TYR A 330 16.33 29.46 0.46
C TYR A 330 16.69 28.59 -0.76
N GLY A 331 15.90 27.54 -0.98
CA GLY A 331 16.17 26.54 -1.98
C GLY A 331 16.12 25.14 -1.41
N PHE A 332 15.92 25.05 -0.10
CA PHE A 332 15.88 23.78 0.60
C PHE A 332 14.57 23.04 0.32
N SER A 333 14.66 21.71 0.20
CA SER A 333 13.50 20.86 0.01
C SER A 333 13.46 19.78 1.09
N TRP A 334 12.26 19.53 1.61
CA TRP A 334 12.08 18.42 2.55
C TRP A 334 12.22 17.07 1.87
N THR A 335 11.81 16.96 0.62
CA THR A 335 11.73 15.67 -0.05
C THR A 335 13.11 15.16 -0.43
N ASN A 336 13.16 13.88 -0.81
CA ASN A 336 14.36 13.22 -1.30
C ASN A 336 15.54 13.45 -0.36
N GLY A 337 15.35 13.02 0.89
CA GLY A 337 16.42 13.06 1.87
C GLY A 337 16.57 14.38 2.60
N GLY A 338 15.89 15.43 2.14
CA GLY A 338 16.08 16.76 2.72
C GLY A 338 15.96 16.81 4.22
N ALA A 339 14.91 16.19 4.76
CA ALA A 339 14.71 16.16 6.21
C ALA A 339 15.94 15.57 6.92
N GLU A 340 16.37 14.39 6.49
CA GLU A 340 17.56 13.77 7.08
C GLU A 340 18.77 14.67 6.90
N ASP A 341 18.94 15.25 5.71
CA ASP A 341 20.04 16.19 5.49
C ASP A 341 20.03 17.30 6.53
N LEU A 342 18.87 17.87 6.81
CA LEU A 342 18.75 18.90 7.83
C LEU A 342 19.22 18.37 9.17
N ALA A 343 18.83 17.15 9.51
CA ALA A 343 19.26 16.56 10.77
C ALA A 343 20.79 16.40 10.84
N ILE A 344 21.36 15.72 9.85
CA ILE A 344 22.81 15.47 9.85
C ILE A 344 23.58 16.79 9.89
N TRP A 345 23.07 17.81 9.23
CA TRP A 345 23.64 19.15 9.28
C TRP A 345 23.60 19.68 10.71
N ALA A 346 22.39 19.93 11.20
CA ALA A 346 22.17 20.45 12.55
C ALA A 346 23.06 19.80 13.61
N ARG A 347 23.08 18.46 13.64
CA ARG A 347 23.65 17.78 14.80
C ARG A 347 25.17 17.87 14.88
N GLN A 348 25.82 18.56 13.94
CA GLN A 348 27.25 18.83 14.00
C GLN A 348 27.54 20.26 14.47
N ALA A 349 26.55 20.91 15.08
CA ALA A 349 26.78 22.20 15.71
C ALA A 349 27.72 22.06 16.91
N GLY A 350 28.39 23.16 17.25
CA GLY A 350 29.40 23.15 18.29
C GLY A 350 28.92 23.71 19.63
N GLU A 351 29.75 23.46 20.65
CA GLU A 351 29.55 24.04 21.98
C GLU A 351 29.52 25.55 21.91
N ALA A 352 28.44 26.14 22.43
CA ALA A 352 28.22 27.59 22.35
C ALA A 352 29.30 28.33 23.14
N GLY A 353 30.11 29.11 22.44
CA GLY A 353 31.22 29.82 23.02
C GLY A 353 32.58 29.31 22.58
N LYS A 354 32.65 28.05 22.16
CA LYS A 354 33.89 27.42 21.73
C LYS A 354 33.94 27.16 20.23
N LYS A 355 32.91 26.52 19.68
CA LYS A 355 32.84 26.12 18.28
C LYS A 355 31.60 26.71 17.60
N PRO A 356 31.55 26.73 16.26
CA PRO A 356 30.47 27.46 15.55
C PRO A 356 29.15 26.72 15.62
N PRO A 357 28.04 27.45 15.74
CA PRO A 357 26.70 26.85 15.70
C PRO A 357 26.26 26.56 14.27
N ARG A 358 25.07 25.97 14.14
CA ARG A 358 24.44 25.76 12.83
C ARG A 358 23.21 26.66 12.70
N ILE A 359 23.25 27.60 11.76
CA ILE A 359 22.15 28.56 11.59
C ILE A 359 21.73 28.58 10.12
N ALA A 360 20.42 28.48 9.89
CA ALA A 360 19.89 28.56 8.53
C ALA A 360 18.69 29.49 8.48
N CYS A 361 18.58 30.26 7.39
CA CYS A 361 17.49 31.22 7.25
C CYS A 361 16.75 31.04 5.93
N TYR A 362 15.42 31.19 5.99
CA TYR A 362 14.56 31.33 4.82
C TYR A 362 13.65 32.50 5.19
N GLY A 363 13.94 33.68 4.64
CA GLY A 363 13.29 34.89 5.12
C GLY A 363 13.56 35.07 6.61
N ASP A 364 12.55 35.54 7.33
CA ASP A 364 12.70 35.65 8.77
C ASP A 364 12.62 34.30 9.48
N ASP A 365 12.21 33.24 8.78
CA ASP A 365 12.11 31.92 9.38
C ASP A 365 13.50 31.32 9.55
N THR A 366 13.98 31.22 10.79
CA THR A 366 15.34 30.82 11.07
C THR A 366 15.34 29.53 11.91
N ASP A 367 16.43 28.78 11.81
CA ASP A 367 16.63 27.56 12.60
C ASP A 367 18.05 27.59 13.15
N ILE A 368 18.18 27.60 14.48
CA ILE A 368 19.44 27.75 15.18
C ILE A 368 19.69 26.49 16.01
N TYR A 369 20.89 25.91 15.87
CA TYR A 369 21.32 24.78 16.68
C TYR A 369 22.65 25.08 17.37
N TYR A 370 22.74 24.68 18.63
CA TYR A 370 23.95 24.95 19.44
C TYR A 370 24.04 23.94 20.56
N ARG A 371 25.25 23.67 21.02
CA ARG A 371 25.44 22.71 22.12
C ARG A 371 25.74 23.41 23.43
N LYS A 372 25.48 22.69 24.52
CA LYS A 372 25.62 23.21 25.88
C LYS A 372 25.94 21.99 26.74
N ASP A 373 27.19 21.92 27.21
CA ASP A 373 27.69 20.74 27.93
C ASP A 373 27.48 19.49 27.10
N GLY A 374 27.76 19.60 25.80
CA GLY A 374 27.57 18.50 24.88
C GLY A 374 26.16 18.32 24.35
N LYS A 375 25.15 18.85 25.03
CA LYS A 375 23.76 18.57 24.68
C LYS A 375 23.24 19.56 23.63
N LEU A 376 22.56 19.04 22.62
CA LEU A 376 22.11 19.82 21.48
C LEU A 376 20.79 20.54 21.76
N TYR A 377 20.74 21.83 21.42
CA TYR A 377 19.57 22.68 21.59
C TYR A 377 19.21 23.34 20.27
N ARG A 378 17.93 23.73 20.15
CA ARG A 378 17.35 24.32 18.95
C ARG A 378 16.49 25.53 19.30
N ILE A 379 16.53 26.55 18.45
CA ILE A 379 15.67 27.73 18.54
C ILE A 379 15.09 28.04 17.16
N CYS A 380 13.81 28.41 17.13
CA CYS A 380 13.11 28.74 15.89
C CYS A 380 12.38 30.08 16.02
N PRO A 381 13.11 31.19 15.97
CA PRO A 381 12.46 32.50 16.11
C PRO A 381 12.08 33.17 14.80
N ASP A 382 11.02 33.97 14.85
CA ASP A 382 10.57 34.81 13.75
C ASP A 382 10.61 36.28 14.15
N PHE A 383 10.59 37.15 13.14
CA PHE A 383 10.59 38.60 13.32
C PHE A 383 9.27 39.24 12.91
N LYS A 384 8.93 40.35 13.55
CA LYS A 384 7.69 41.09 13.28
C LYS A 384 7.78 42.16 12.21
N GLN A 385 7.14 41.91 11.05
CA GLN A 385 7.20 42.79 9.89
C GLN A 385 8.66 43.01 9.52
N MET A 386 9.31 41.93 9.06
CA MET A 386 10.75 41.93 8.80
C MET A 386 11.15 42.90 7.70
N ASP A 387 10.30 43.08 6.67
CA ASP A 387 10.60 44.04 5.61
C ASP A 387 10.89 45.43 6.17
N GLY A 388 10.10 45.90 7.13
CA GLY A 388 10.32 47.22 7.69
C GLY A 388 11.66 47.37 8.38
N SER A 389 12.31 46.26 8.73
CA SER A 389 13.60 46.26 9.37
C SER A 389 14.77 46.16 8.40
N VAL A 390 14.50 45.95 7.12
CA VAL A 390 15.55 45.74 6.13
C VAL A 390 16.10 47.10 5.70
N ASP A 391 17.40 47.31 5.93
CA ASP A 391 18.04 48.61 5.80
C ASP A 391 18.61 48.82 4.40
N ALA A 392 18.73 50.10 4.03
CA ALA A 392 19.22 50.47 2.71
C ALA A 392 20.60 49.89 2.42
N THR A 393 21.50 49.91 3.42
CA THR A 393 22.83 49.33 3.23
C THR A 393 22.75 47.89 2.79
N THR A 394 21.93 47.09 3.49
CA THR A 394 21.79 45.67 3.16
C THR A 394 21.25 45.48 1.73
N ILE A 395 20.23 46.25 1.35
CA ILE A 395 19.66 46.10 0.01
C ILE A 395 20.70 46.41 -1.05
N GLU A 396 21.38 47.56 -0.88
CA GLU A 396 22.42 47.94 -1.82
C GLU A 396 23.54 46.92 -1.87
N ALA A 397 23.93 46.39 -0.71
CA ALA A 397 25.00 45.41 -0.66
C ALA A 397 24.62 44.14 -1.39
N VAL A 398 23.35 43.73 -1.28
CA VAL A 398 22.91 42.51 -1.95
C VAL A 398 22.85 42.72 -3.46
N VAL A 399 22.28 43.86 -3.88
CA VAL A 399 22.26 44.19 -5.30
C VAL A 399 23.66 44.22 -5.87
N ASP A 400 24.58 44.90 -5.16
CA ASP A 400 25.99 44.90 -5.54
C ASP A 400 26.54 43.49 -5.64
N TYR A 401 26.30 42.67 -4.62
CA TYR A 401 26.88 41.33 -4.60
C TYR A 401 26.41 40.53 -5.81
N VAL A 402 25.14 40.67 -6.18
CA VAL A 402 24.60 39.91 -7.31
C VAL A 402 25.17 40.42 -8.63
N VAL A 403 25.01 41.73 -8.88
CA VAL A 403 25.55 42.36 -10.08
C VAL A 403 27.03 42.02 -10.23
N ASP A 404 27.78 42.12 -9.14
CA ASP A 404 29.22 41.82 -9.15
C ASP A 404 29.47 40.36 -9.48
N ALA A 405 28.77 39.44 -8.80
CA ALA A 405 28.91 38.02 -9.13
C ALA A 405 28.75 37.80 -10.62
N HIS A 406 27.87 38.57 -11.26
CA HIS A 406 27.69 38.39 -12.70
C HIS A 406 28.82 39.03 -13.51
N VAL A 407 29.09 40.33 -13.29
CA VAL A 407 30.06 41.04 -14.10
C VAL A 407 31.50 40.59 -13.84
N LYS A 408 31.75 39.85 -12.77
CA LYS A 408 33.03 39.17 -12.60
C LYS A 408 33.20 38.09 -13.66
N GLN A 409 32.20 37.21 -13.76
CA GLN A 409 32.25 36.11 -14.72
C GLN A 409 32.16 36.59 -16.16
N TYR A 410 31.52 37.74 -16.39
CA TYR A 410 31.19 38.19 -17.74
C TYR A 410 31.45 39.69 -17.83
N PRO A 411 32.73 40.10 -17.82
CA PRO A 411 33.05 41.52 -17.65
C PRO A 411 32.46 42.41 -18.71
N THR A 412 32.26 41.89 -19.93
CA THR A 412 31.95 42.72 -21.08
C THR A 412 30.67 43.51 -20.91
N ALA A 413 29.83 43.13 -19.94
CA ALA A 413 28.52 43.72 -19.74
C ALA A 413 28.43 44.59 -18.50
N ARG A 414 29.57 44.99 -17.92
CA ARG A 414 29.57 45.65 -16.61
C ARG A 414 28.58 46.82 -16.56
N GLN A 415 28.86 47.88 -17.33
CA GLN A 415 28.16 49.15 -17.14
C GLN A 415 26.65 48.96 -17.16
N PHE A 416 26.16 48.25 -18.18
CA PHE A 416 24.71 48.11 -18.35
C PHE A 416 24.08 47.54 -17.10
N TRP A 417 24.62 46.43 -16.60
CA TRP A 417 23.95 45.81 -15.46
C TRP A 417 24.14 46.65 -14.20
N GLU A 418 25.23 47.40 -14.12
CA GLU A 418 25.38 48.33 -13.00
C GLU A 418 24.26 49.36 -13.04
N GLU A 419 23.92 49.82 -14.26
CA GLU A 419 22.80 50.76 -14.39
C GLU A 419 21.48 50.07 -14.06
N VAL A 420 21.39 48.75 -14.26
CA VAL A 420 20.20 48.06 -13.82
C VAL A 420 20.19 47.96 -12.30
N GLY A 421 21.36 47.79 -11.67
CA GLY A 421 21.38 47.74 -10.22
C GLY A 421 20.79 48.98 -9.60
N LYS A 422 21.21 50.15 -10.09
CA LYS A 422 20.66 51.42 -9.62
C LYS A 422 19.14 51.40 -9.70
N LEU A 423 18.59 50.79 -10.75
CA LEU A 423 17.15 50.71 -10.88
C LEU A 423 16.58 49.79 -9.82
N TRP A 424 17.15 48.57 -9.71
CA TRP A 424 16.70 47.60 -8.73
C TRP A 424 16.55 48.24 -7.37
N VAL A 425 17.59 48.97 -6.94
CA VAL A 425 17.59 49.59 -5.62
C VAL A 425 16.45 50.59 -5.50
N GLU A 426 16.33 51.51 -6.48
CA GLU A 426 15.24 52.48 -6.39
C GLU A 426 13.89 51.78 -6.45
N MET A 427 13.84 50.58 -7.02
CA MET A 427 12.61 49.80 -7.07
C MET A 427 12.29 49.16 -5.73
N ALA A 428 13.31 48.82 -4.95
CA ALA A 428 13.13 48.12 -3.69
C ALA A 428 12.90 49.05 -2.51
N THR A 429 13.24 50.33 -2.64
CA THR A 429 13.30 51.26 -1.52
C THR A 429 12.44 52.50 -1.70
N GLN A 430 12.28 52.99 -2.93
CA GLN A 430 11.81 54.35 -3.14
C GLN A 430 10.83 54.45 -4.31
N SER A 431 10.19 53.36 -4.70
CA SER A 431 9.23 53.41 -5.77
C SER A 431 8.04 54.29 -5.39
N PRO A 432 7.59 55.20 -6.26
CA PRO A 432 6.30 55.84 -6.03
C PRO A 432 5.18 54.84 -6.28
N PHE A 433 4.09 54.99 -5.53
CA PHE A 433 3.08 53.94 -5.59
C PHE A 433 1.70 54.47 -5.27
N LEU A 434 0.71 53.81 -5.85
CA LEU A 434 -0.70 54.05 -5.60
C LEU A 434 -1.20 53.15 -4.48
N ILE A 435 -2.31 53.55 -3.86
CA ILE A 435 -2.98 52.71 -2.88
C ILE A 435 -4.45 52.58 -3.26
N ASP A 436 -5.24 53.62 -2.98
CA ASP A 436 -6.65 53.66 -3.36
C ASP A 436 -6.94 55.01 -3.96
N GLY A 437 -7.35 55.01 -5.23
CA GLY A 437 -7.66 56.23 -5.94
C GLY A 437 -6.46 56.84 -6.64
N THR A 438 -6.48 58.17 -6.75
CA THR A 438 -5.60 58.89 -7.65
C THR A 438 -4.32 59.38 -6.99
N LYS A 439 -4.32 59.56 -5.68
CA LYS A 439 -3.14 60.06 -4.97
C LYS A 439 -1.96 59.10 -5.10
N VAL A 440 -0.77 59.66 -5.30
CA VAL A 440 0.48 58.91 -5.39
C VAL A 440 1.32 59.19 -4.15
N TYR A 441 1.93 58.14 -3.60
CA TYR A 441 2.70 58.22 -2.36
C TYR A 441 4.12 57.73 -2.59
N ARG A 442 4.95 57.88 -1.56
CA ARG A 442 6.28 57.29 -1.55
C ARG A 442 6.79 57.18 -0.11
N LYS A 443 7.48 56.08 0.17
CA LYS A 443 8.16 55.89 1.44
C LYS A 443 9.09 57.06 1.76
N MET A 444 9.02 57.55 2.99
CA MET A 444 9.81 58.72 3.37
C MET A 444 11.30 58.40 3.40
N GLN A 445 11.66 57.27 4.02
CA GLN A 445 13.04 56.86 4.17
C GLN A 445 13.45 55.89 3.06
N LYS A 446 14.76 55.76 2.87
CA LYS A 446 15.27 54.70 2.00
C LYS A 446 15.16 53.35 2.69
N ASP A 447 15.36 53.32 4.01
CA ASP A 447 15.28 52.08 4.77
C ASP A 447 13.89 51.46 4.63
N GLY A 448 13.83 50.15 4.80
CA GLY A 448 12.56 49.44 4.72
C GLY A 448 12.31 48.88 3.33
N LEU A 449 12.10 47.57 3.25
CA LEU A 449 11.98 46.90 1.95
C LEU A 449 10.54 46.96 1.46
N MET A 450 10.38 47.21 0.16
CA MET A 450 9.07 47.24 -0.48
C MET A 450 8.75 45.83 -0.99
N THR A 451 8.07 45.06 -0.13
CA THR A 451 7.68 43.70 -0.46
C THR A 451 6.92 43.65 -1.78
N GLY A 452 7.33 42.73 -2.65
CA GLY A 452 6.83 42.65 -4.01
C GLY A 452 7.91 42.90 -5.05
N VAL A 453 9.00 43.55 -4.65
CA VAL A 453 10.12 43.75 -5.55
C VAL A 453 10.76 42.42 -5.84
N VAL A 454 11.30 42.28 -7.06
CA VAL A 454 12.09 41.10 -7.37
C VAL A 454 13.22 40.98 -6.36
N GLY A 455 13.39 39.78 -5.81
CA GLY A 455 14.43 39.54 -4.83
C GLY A 455 14.05 39.70 -3.37
N THR A 456 12.79 40.06 -3.08
CA THR A 456 12.29 40.24 -1.72
C THR A 456 12.82 39.18 -0.75
N THR A 457 12.57 37.91 -1.07
CA THR A 457 12.91 36.82 -0.17
C THR A 457 14.42 36.78 0.10
N LEU A 458 15.22 37.11 -0.91
CA LEU A 458 16.67 37.10 -0.73
C LEU A 458 17.13 38.23 0.19
N PHE A 459 16.57 39.44 0.00
CA PHE A 459 16.89 40.55 0.90
C PHE A 459 16.57 40.20 2.34
N ASP A 460 15.38 39.64 2.56
CA ASP A 460 15.01 39.21 3.92
C ASP A 460 16.01 38.20 4.46
N THR A 461 16.32 37.17 3.66
CA THR A 461 17.23 36.13 4.10
C THR A 461 18.58 36.70 4.47
N VAL A 462 19.07 37.68 3.71
CA VAL A 462 20.39 38.25 3.96
C VAL A 462 20.40 39.06 5.24
N LYS A 463 19.49 40.04 5.36
CA LYS A 463 19.40 40.80 6.60
C LYS A 463 19.34 39.89 7.83
N SER A 464 18.42 38.92 7.80
CA SER A 464 18.32 37.92 8.87
C SER A 464 19.66 37.26 9.17
N ALA A 465 20.28 36.68 8.14
CA ALA A 465 21.53 35.94 8.34
C ALA A 465 22.64 36.83 8.87
N LEU A 466 22.71 38.09 8.40
CA LEU A 466 23.70 39.03 8.89
C LEU A 466 23.55 39.23 10.39
N ALA A 467 22.31 39.47 10.84
CA ALA A 467 22.07 39.62 12.27
C ALA A 467 22.48 38.38 13.04
N TYR A 468 22.06 37.20 12.56
CA TYR A 468 22.37 35.98 13.30
C TYR A 468 23.87 35.68 13.30
N ASN A 469 24.59 36.17 12.30
CA ASN A 469 26.04 36.03 12.28
C ASN A 469 26.69 36.91 13.33
N ASP A 470 26.21 38.16 13.45
CA ASP A 470 26.69 39.01 14.56
C ASP A 470 26.40 38.35 15.91
N TRP A 471 25.22 37.73 16.04
CA TRP A 471 24.89 36.97 17.25
C TRP A 471 25.93 35.89 17.54
N ALA A 472 26.25 35.05 16.54
CA ALA A 472 27.25 34.01 16.76
C ALA A 472 28.62 34.60 17.10
N ASP A 473 28.95 35.73 16.49
CA ASP A 473 30.24 36.37 16.76
C ASP A 473 30.29 36.86 18.20
N GLN A 474 29.18 37.37 18.72
CA GLN A 474 29.12 37.75 20.13
C GLN A 474 29.19 36.53 21.02
N LEU A 475 28.76 35.36 20.52
CA LEU A 475 28.91 34.14 21.30
C LEU A 475 30.38 33.73 21.40
N MET A 476 31.16 33.94 20.35
CA MET A 476 32.58 33.60 20.43
C MET A 476 33.32 34.46 21.45
N PHE A 477 32.86 35.69 21.71
CA PHE A 477 33.45 36.51 22.76
C PHE A 477 32.79 36.32 24.11
N GLY A 478 32.34 35.11 24.43
CA GLY A 478 31.93 34.74 25.77
C GLY A 478 30.64 35.35 26.28
N SER A 479 29.86 36.02 25.43
CA SER A 479 28.58 36.60 25.83
C SER A 479 27.45 35.57 25.70
N LEU A 480 27.53 34.51 26.51
CA LEU A 480 26.57 33.43 26.39
C LEU A 480 25.18 33.79 26.91
N ASN A 481 25.05 34.94 27.59
CA ASN A 481 23.74 35.38 28.02
C ASN A 481 22.89 35.84 26.85
N LEU A 482 23.45 35.86 25.65
CA LEU A 482 22.69 36.09 24.43
C LEU A 482 21.90 34.85 24.01
N LEU A 483 22.15 33.71 24.65
CA LEU A 483 21.33 32.52 24.44
C LEU A 483 19.99 32.62 25.17
N GLU A 484 19.78 33.67 25.96
CA GLU A 484 18.60 33.82 26.79
C GLU A 484 17.66 34.83 26.16
N GLU A 485 16.35 34.49 26.13
CA GLU A 485 15.32 35.37 25.58
C GLU A 485 15.51 36.82 26.00
N LYS A 486 15.64 37.09 27.40
CA LYS A 486 15.80 38.45 27.86
C LYS A 486 16.86 39.41 27.30
N TYR A 487 17.97 38.76 26.90
CA TYR A 487 19.01 39.56 26.30
C TYR A 487 19.04 39.48 24.78
N ALA A 488 18.60 38.34 24.21
CA ALA A 488 18.55 38.20 22.76
C ALA A 488 17.57 39.20 22.14
N ILE A 489 16.39 39.35 22.74
CA ILE A 489 15.41 40.31 22.23
C ILE A 489 16.04 41.71 22.17
N GLU A 490 16.65 42.13 23.28
CA GLU A 490 17.41 43.37 23.33
C GLU A 490 18.45 43.45 22.23
N PHE A 491 19.22 42.37 22.06
CA PHE A 491 20.33 42.39 21.12
C PHE A 491 19.83 42.69 19.72
N PHE A 492 18.83 41.96 19.26
CA PHE A 492 18.36 42.15 17.90
C PHE A 492 17.69 43.52 17.74
N LYS A 493 16.87 43.92 18.72
CA LYS A 493 16.22 45.23 18.67
C LYS A 493 17.26 46.35 18.54
N ASN A 494 18.27 46.36 19.41
CA ASN A 494 19.16 47.51 19.50
C ASN A 494 20.25 47.48 18.44
N LYS A 495 20.79 46.30 18.13
CA LYS A 495 21.92 46.21 17.22
C LYS A 495 21.51 45.95 15.78
N HIS A 496 20.22 45.69 15.50
CA HIS A 496 19.84 45.34 14.15
C HIS A 496 18.45 45.85 13.78
N GLY A 497 17.72 46.39 14.74
CA GLY A 497 16.37 46.84 14.45
C GLY A 497 15.39 45.72 14.21
N LEU A 498 15.67 44.53 14.71
CA LEU A 498 14.84 43.36 14.48
C LEU A 498 13.99 43.08 15.72
N VAL A 499 12.68 42.96 15.52
CA VAL A 499 11.71 42.80 16.61
C VAL A 499 11.24 41.35 16.61
N ILE A 500 11.70 40.59 17.60
CA ILE A 500 11.38 39.16 17.69
C ILE A 500 9.93 38.98 18.12
N LYS A 501 9.11 38.40 17.24
CA LYS A 501 7.76 38.01 17.60
C LYS A 501 7.79 37.20 18.90
N GLU A 502 7.16 37.72 19.94
CA GLU A 502 7.44 37.22 21.29
C GLU A 502 6.94 35.79 21.45
N GLY A 503 7.63 35.05 22.32
CA GLY A 503 7.35 33.64 22.52
C GLY A 503 7.98 32.73 21.51
N THR A 504 8.69 33.27 20.51
CA THR A 504 9.38 32.45 19.54
C THR A 504 10.82 32.13 19.94
N TRP A 505 11.39 32.88 20.88
CA TRP A 505 12.69 32.51 21.45
C TRP A 505 12.48 31.64 22.67
N LYS A 506 12.30 30.35 22.43
CA LYS A 506 12.14 29.35 23.48
C LYS A 506 13.00 28.15 23.14
N PRO A 507 14.29 28.20 23.49
CA PRO A 507 15.19 27.09 23.14
C PRO A 507 14.72 25.76 23.71
N ALA A 508 14.92 24.69 22.93
CA ALA A 508 14.37 23.38 23.25
C ALA A 508 15.41 22.30 23.02
N LEU A 509 15.35 21.27 23.86
CA LEU A 509 16.30 20.15 23.80
C LEU A 509 15.96 19.24 22.63
N VAL A 510 16.95 18.99 21.77
CA VAL A 510 16.73 18.18 20.57
C VAL A 510 16.87 16.70 20.92
N ASN A 511 15.91 15.90 20.43
CA ASN A 511 16.00 14.45 20.46
C ASN A 511 16.93 14.03 19.33
N GLU A 512 18.23 14.04 19.63
CA GLU A 512 19.28 13.89 18.62
C GLU A 512 19.02 12.72 17.69
N ASP A 513 18.66 11.57 18.24
CA ASP A 513 18.42 10.35 17.45
C ASP A 513 17.05 9.81 17.85
N PRO A 514 16.00 10.22 17.15
CA PRO A 514 14.65 9.86 17.57
C PRO A 514 14.34 8.40 17.31
N GLY A 515 13.43 7.85 18.12
CA GLY A 515 12.90 6.54 17.88
C GLY A 515 11.66 6.61 16.99
N PHE A 516 11.26 5.45 16.45
CA PHE A 516 10.11 5.38 15.55
C PHE A 516 8.91 6.12 16.13
N GLY A 517 8.44 7.13 15.40
CA GLY A 517 7.27 7.89 15.79
C GLY A 517 7.57 9.13 16.61
N GLU A 518 8.80 9.33 17.04
CA GLU A 518 9.17 10.45 17.89
C GLU A 518 9.52 11.68 17.06
N LEU A 519 9.34 12.85 17.67
CA LEU A 519 9.69 14.11 17.04
C LEU A 519 11.17 14.45 17.24
N TRP A 520 11.65 15.37 16.41
CA TRP A 520 12.98 15.94 16.55
C TRP A 520 12.97 16.99 17.66
N THR A 521 12.14 18.03 17.49
CA THR A 521 11.54 18.79 18.58
C THR A 521 10.13 19.16 18.16
N GLU A 522 9.38 19.74 19.10
CA GLU A 522 8.02 20.17 18.81
C GLU A 522 7.97 21.45 17.99
N GLN A 523 9.11 22.11 17.80
CA GLN A 523 9.16 23.39 17.11
C GLN A 523 8.94 23.20 15.61
N LYS A 524 8.50 24.28 14.97
CA LYS A 524 8.21 24.29 13.54
C LYS A 524 9.25 25.14 12.82
N PHE A 525 9.79 24.61 11.73
CA PHE A 525 10.68 25.34 10.83
C PHE A 525 10.16 25.15 9.42
N LEU A 526 9.95 26.26 8.72
CA LEU A 526 9.20 26.26 7.47
C LEU A 526 7.82 25.65 7.68
N GLY A 527 7.22 25.97 8.83
CA GLY A 527 5.85 25.61 9.15
C GLY A 527 5.61 24.16 9.48
N LEU A 528 6.66 23.36 9.66
CA LEU A 528 6.51 21.92 9.82
C LEU A 528 7.43 21.40 10.91
N GLN A 529 6.94 20.44 11.68
CA GLN A 529 7.74 19.68 12.62
C GLN A 529 8.51 18.57 11.89
N LEU A 530 9.65 18.20 12.44
CA LEU A 530 10.44 17.08 11.95
C LEU A 530 10.17 15.84 12.78
N LYS A 531 10.06 14.68 12.12
CA LYS A 531 9.69 13.46 12.81
C LYS A 531 10.31 12.27 12.08
N VAL A 532 10.40 11.14 12.78
CA VAL A 532 10.96 9.91 12.24
C VAL A 532 9.88 8.84 12.21
N VAL A 533 9.82 8.09 11.11
CA VAL A 533 8.88 6.99 10.97
C VAL A 533 9.65 5.75 10.51
N ARG A 534 9.08 4.59 10.80
CA ARG A 534 9.73 3.33 10.48
C ARG A 534 9.31 2.85 9.09
N ARG A 535 10.23 2.14 8.43
CA ARG A 535 9.89 1.51 7.13
C ARG A 535 10.10 0.01 6.95
N GLU A 536 11.34 -0.46 6.97
CA GLU A 536 11.71 -1.88 7.20
C GLU A 536 12.83 -1.88 8.25
N ASN A 537 12.51 -1.52 9.50
CA ASN A 537 13.54 -1.38 10.57
C ASN A 537 14.48 -0.21 10.24
N GLU A 538 14.14 0.63 9.25
CA GLU A 538 14.95 1.82 8.92
C GLU A 538 14.15 3.08 9.27
N LYS A 539 14.84 4.19 9.52
CA LYS A 539 14.17 5.41 9.96
C LYS A 539 14.18 6.45 8.84
N VAL A 540 12.98 6.84 8.41
CA VAL A 540 12.81 7.91 7.43
C VAL A 540 12.41 9.20 8.16
N TYR A 541 13.15 10.28 7.89
CA TYR A 541 12.81 11.60 8.41
C TYR A 541 11.77 12.27 7.51
N VAL A 542 10.70 12.77 8.12
CA VAL A 542 9.54 13.29 7.39
C VAL A 542 8.98 14.50 8.12
N PRO A 543 8.23 15.35 7.41
CA PRO A 543 7.52 16.45 8.06
C PRO A 543 6.26 15.97 8.77
N ASN A 544 5.77 16.81 9.67
CA ASN A 544 4.62 16.46 10.49
C ASN A 544 4.00 17.73 11.05
N LEU A 545 2.71 17.63 11.40
CA LEU A 545 2.02 18.69 12.12
C LEU A 545 0.96 18.04 13.00
N PRO A 546 0.55 18.70 14.09
CA PRO A 546 -0.60 18.21 14.86
C PRO A 546 -1.89 18.37 14.06
N PHE A 547 -2.86 17.50 14.39
CA PHE A 547 -4.12 17.45 13.65
C PHE A 547 -4.76 18.82 13.52
N GLU A 548 -4.83 19.57 14.62
CA GLU A 548 -5.50 20.87 14.60
C GLU A 548 -4.96 21.74 13.47
N ASP A 549 -3.65 21.66 13.20
CA ASP A 549 -3.04 22.50 12.17
C ASP A 549 -3.47 22.04 10.76
N TRP A 550 -3.38 20.72 10.52
CA TRP A 550 -3.86 20.18 9.25
C TRP A 550 -5.32 20.54 9.01
N LEU A 551 -6.13 20.51 10.06
CA LEU A 551 -7.55 20.81 9.94
C LEU A 551 -7.77 22.28 9.63
N THR A 552 -6.98 23.15 10.26
CA THR A 552 -7.04 24.57 9.95
C THR A 552 -6.73 24.81 8.48
N MET A 553 -5.70 24.13 7.97
CA MET A 553 -5.37 24.26 6.56
C MET A 553 -6.48 23.71 5.67
N TRP A 554 -7.07 22.57 6.06
CA TRP A 554 -8.16 21.99 5.28
C TRP A 554 -9.33 22.96 5.13
N VAL A 555 -9.73 23.61 6.22
CA VAL A 555 -10.99 24.34 6.21
C VAL A 555 -10.88 25.77 5.69
N THR A 556 -9.67 26.22 5.33
CA THR A 556 -9.46 27.56 4.79
C THR A 556 -8.72 27.51 3.45
N PRO A 557 -9.35 26.99 2.40
CA PRO A 557 -8.70 26.95 1.09
C PRO A 557 -8.44 28.34 0.51
N ARG A 558 -7.43 28.42 -0.35
CA ARG A 558 -7.01 29.67 -0.98
C ARG A 558 -7.46 29.73 -2.44
N SER A 559 -8.26 30.75 -2.77
CA SER A 559 -8.60 30.98 -4.17
C SER A 559 -8.81 32.47 -4.42
N GLU A 565 -18.52 27.63 -11.68
CA GLU A 565 -17.92 26.75 -10.69
C GLU A 565 -18.78 25.50 -10.54
N THR A 566 -18.59 24.54 -11.44
CA THR A 566 -19.45 23.38 -11.54
C THR A 566 -19.38 22.49 -10.29
N GLU A 567 -20.43 21.69 -10.12
CA GLU A 567 -20.38 20.52 -9.25
C GLU A 567 -19.10 19.72 -9.48
N THR A 568 -18.83 19.42 -10.75
CA THR A 568 -17.67 18.62 -11.14
C THR A 568 -16.36 19.21 -10.62
N MET A 569 -16.10 20.46 -11.00
CA MET A 569 -14.80 21.07 -10.68
C MET A 569 -14.60 21.22 -9.18
N ARG A 570 -15.68 21.47 -8.43
CA ARG A 570 -15.57 21.57 -6.97
C ARG A 570 -15.28 20.21 -6.36
N GLU A 571 -16.01 19.18 -6.80
CA GLU A 571 -15.76 17.82 -6.35
C GLU A 571 -14.32 17.42 -6.64
N ARG A 572 -13.77 17.88 -7.77
CA ARG A 572 -12.39 17.58 -8.12
C ARG A 572 -11.41 18.34 -7.22
N THR A 573 -11.71 19.61 -6.94
CA THR A 573 -10.85 20.41 -6.07
C THR A 573 -10.71 19.78 -4.70
N LEU A 574 -11.82 19.30 -4.13
CA LEU A 574 -11.73 18.57 -2.86
C LEU A 574 -10.68 17.46 -2.94
N PHE A 575 -10.77 16.64 -3.99
CA PHE A 575 -9.83 15.56 -4.24
C PHE A 575 -8.39 16.06 -4.32
N ASP A 576 -8.16 17.08 -5.13
CA ASP A 576 -6.82 17.63 -5.34
C ASP A 576 -6.22 18.12 -4.02
N ARG A 577 -6.98 18.92 -3.27
CA ARG A 577 -6.46 19.46 -2.00
C ARG A 577 -6.19 18.35 -0.99
N ALA A 578 -7.08 17.35 -0.91
CA ALA A 578 -6.81 16.22 -0.02
C ALA A 578 -5.49 15.56 -0.35
N ARG A 579 -5.28 15.22 -1.64
CA ARG A 579 -4.01 14.67 -2.08
C ARG A 579 -2.84 15.55 -1.66
N GLY A 580 -2.90 16.84 -2.01
CA GLY A 580 -1.87 17.79 -1.67
C GLY A 580 -1.49 17.78 -0.20
N LEU A 581 -2.47 17.98 0.67
CA LEU A 581 -2.21 18.00 2.11
C LEU A 581 -1.56 16.69 2.56
N LEU A 582 -2.16 15.54 2.19
CA LEU A 582 -1.52 14.26 2.46
C LEU A 582 -0.03 14.28 2.13
N VAL A 583 0.30 14.74 0.92
CA VAL A 583 1.70 14.74 0.50
C VAL A 583 2.53 15.68 1.37
N THR A 584 1.95 16.79 1.81
CA THR A 584 2.68 17.75 2.61
C THR A 584 3.06 17.19 3.98
N GLY A 585 2.36 16.18 4.46
CA GLY A 585 2.73 15.51 5.69
C GLY A 585 1.54 15.09 6.53
N ALA A 586 0.33 15.36 6.03
CA ALA A 586 -0.88 15.01 6.77
C ALA A 586 -1.09 13.50 6.83
N VAL A 587 -0.45 12.74 5.93
CA VAL A 587 -0.55 11.29 5.96
C VAL A 587 0.11 10.72 7.20
N PHE A 588 0.94 11.51 7.90
CA PHE A 588 1.64 11.06 9.09
C PHE A 588 0.93 11.45 10.39
N ASP A 589 -0.26 12.04 10.29
CA ASP A 589 -1.14 12.21 11.44
C ASP A 589 -2.37 11.32 11.22
N GLU A 590 -2.67 10.50 12.22
CA GLU A 590 -3.78 9.55 12.14
C GLU A 590 -5.09 10.23 11.72
N ARG A 591 -5.58 11.17 12.54
CA ARG A 591 -6.89 11.76 12.30
C ARG A 591 -6.93 12.46 10.95
N ALA A 592 -5.83 13.14 10.59
CA ALA A 592 -5.78 13.86 9.33
C ALA A 592 -5.75 12.89 8.15
N ARG A 593 -4.93 11.83 8.24
CA ARG A 593 -4.97 10.80 7.21
C ARG A 593 -6.38 10.27 7.01
N GLY A 594 -7.09 10.01 8.10
CA GLY A 594 -8.44 9.50 7.97
C GLY A 594 -9.37 10.48 7.27
N LEU A 595 -9.25 11.76 7.60
CA LEU A 595 -10.11 12.76 6.98
C LEU A 595 -9.83 12.88 5.49
N MET A 596 -8.54 13.00 5.13
CA MET A 596 -8.18 13.10 3.71
C MET A 596 -8.59 11.84 2.94
N GLY A 597 -8.40 10.68 3.56
CA GLY A 597 -8.87 9.43 2.96
C GLY A 597 -10.36 9.45 2.68
N ALA A 598 -11.15 9.86 3.67
CA ALA A 598 -12.59 9.92 3.49
C ALA A 598 -12.95 10.84 2.32
N VAL A 599 -12.29 11.99 2.22
CA VAL A 599 -12.55 12.89 1.11
C VAL A 599 -12.23 12.22 -0.22
N ILE A 600 -11.02 11.70 -0.35
CA ILE A 600 -10.61 10.99 -1.57
C ILE A 600 -11.63 9.92 -1.95
N ASN A 601 -11.98 9.07 -0.99
CA ASN A 601 -12.88 7.95 -1.28
C ASN A 601 -14.29 8.40 -1.63
N SER A 602 -14.68 9.60 -1.18
CA SER A 602 -15.97 10.15 -1.61
C SER A 602 -15.96 10.49 -3.09
N THR A 603 -14.84 10.98 -3.61
CA THR A 603 -14.74 11.42 -5.00
C THR A 603 -15.21 10.34 -5.97
N ALA A 604 -16.21 10.70 -6.78
CA ALA A 604 -16.77 9.74 -7.74
C ALA A 604 -15.71 9.35 -8.77
N PRO A 605 -15.74 8.10 -9.24
CA PRO A 605 -14.66 7.63 -10.16
C PRO A 605 -14.49 8.49 -11.39
N GLU A 606 -15.60 8.91 -12.01
CA GLU A 606 -15.53 9.83 -13.15
C GLU A 606 -14.68 11.04 -12.84
N VAL A 607 -14.76 11.55 -11.61
CA VAL A 607 -14.03 12.76 -11.25
C VAL A 607 -12.55 12.45 -11.05
N VAL A 608 -12.23 11.24 -10.58
CA VAL A 608 -10.83 10.86 -10.39
C VAL A 608 -10.13 10.69 -11.73
N CYS A 609 -10.78 9.98 -12.66
CA CYS A 609 -10.13 9.63 -13.92
C CYS A 609 -10.38 10.66 -15.02
N MET A 610 -11.17 11.69 -14.73
CA MET A 610 -11.35 12.86 -15.57
C MET A 610 -10.05 13.39 -16.17
N ARG A 611 -10.12 13.88 -17.41
CA ARG A 611 -9.02 14.62 -18.03
C ARG A 611 -8.94 16.01 -17.39
N VAL A 612 -7.86 16.27 -16.66
CA VAL A 612 -7.64 17.54 -15.98
C VAL A 612 -6.21 18.00 -16.27
N GLN A 613 -5.90 19.21 -15.83
CA GLN A 613 -4.52 19.71 -15.89
C GLN A 613 -3.79 19.39 -14.60
N ILE A 637 -4.74 13.12 -17.33
CA ILE A 637 -5.12 13.03 -15.92
C ILE A 637 -3.96 12.58 -15.07
N SER A 638 -4.07 12.91 -13.80
CA SER A 638 -3.46 12.12 -12.75
C SER A 638 -4.60 11.57 -11.92
N ASP A 639 -4.69 10.25 -11.83
CA ASP A 639 -5.75 9.56 -11.12
C ASP A 639 -5.18 8.63 -10.08
N GLY A 640 -4.05 9.02 -9.51
CA GLY A 640 -3.43 8.32 -8.40
C GLY A 640 -3.58 9.08 -7.10
N TYR A 641 -3.60 8.34 -6.01
CA TYR A 641 -3.63 8.91 -4.66
C TYR A 641 -2.32 8.65 -3.93
N PRO A 642 -1.98 9.46 -2.93
CA PRO A 642 -0.74 9.22 -2.17
C PRO A 642 -0.92 8.31 -0.97
N SER A 643 -0.53 7.05 -1.11
CA SER A 643 -0.47 6.15 0.03
C SER A 643 0.63 6.57 1.00
N TYR A 644 0.44 6.22 2.27
CA TYR A 644 1.49 6.35 3.29
C TYR A 644 2.84 5.88 2.75
N ASP A 645 2.85 4.69 2.14
CA ASP A 645 4.10 4.12 1.65
C ASP A 645 4.72 5.00 0.56
N TRP A 646 3.90 5.50 -0.37
CA TRP A 646 4.44 6.32 -1.45
C TRP A 646 5.00 7.63 -0.91
N VAL A 647 4.32 8.24 0.05
CA VAL A 647 4.80 9.50 0.63
C VAL A 647 6.12 9.27 1.37
N VAL A 648 6.19 8.20 2.15
CA VAL A 648 7.44 7.83 2.81
C VAL A 648 8.56 7.70 1.79
N SER A 649 8.28 7.01 0.67
CA SER A 649 9.27 6.91 -0.39
C SER A 649 9.65 8.28 -0.93
N LEU A 650 8.67 9.18 -1.03
CA LEU A 650 8.94 10.53 -1.53
C LEU A 650 9.96 11.24 -0.66
N TYR A 651 9.84 11.09 0.66
CA TYR A 651 10.75 11.84 1.53
C TYR A 651 12.07 11.12 1.75
N SER A 652 12.08 9.80 1.68
CA SER A 652 13.31 9.01 1.65
C SER A 652 14.09 9.19 0.36
N ARG A 653 15.33 8.69 0.33
CA ARG A 653 16.19 8.84 -0.82
C ARG A 653 15.89 7.99 -2.05
N ASP A 654 14.81 7.21 -2.03
CA ASP A 654 14.43 6.36 -3.16
C ASP A 654 14.36 7.15 -4.46
N HIS A 655 14.60 6.44 -5.57
CA HIS A 655 14.34 6.93 -6.91
C HIS A 655 12.89 7.39 -7.04
N PRO A 656 12.60 8.43 -7.82
CA PRO A 656 11.20 8.86 -7.98
C PRO A 656 10.34 7.80 -8.64
N CYS A 657 9.04 7.85 -8.33
CA CYS A 657 8.08 6.91 -8.88
C CYS A 657 6.68 7.50 -8.75
N ASP A 658 5.76 6.97 -9.57
CA ASP A 658 4.41 7.51 -9.66
C ASP A 658 3.53 7.06 -8.50
N MET A 659 2.52 7.88 -8.20
CA MET A 659 1.53 7.52 -7.20
C MET A 659 0.79 6.24 -7.60
N PRO A 660 0.36 5.45 -6.62
CA PRO A 660 -0.52 4.31 -6.93
C PRO A 660 -1.82 4.77 -7.57
N ARG A 661 -2.22 4.07 -8.62
CA ARG A 661 -3.51 4.34 -9.26
C ARG A 661 -4.65 4.02 -8.30
N VAL A 662 -5.65 4.89 -8.26
CA VAL A 662 -6.86 4.59 -7.50
C VAL A 662 -7.64 3.46 -8.16
N PHE A 663 -7.72 3.47 -9.50
CA PHE A 663 -8.36 2.40 -10.25
C PHE A 663 -7.30 1.74 -11.12
N PRO A 664 -6.70 0.63 -10.67
CA PRO A 664 -5.55 0.06 -11.42
C PRO A 664 -5.87 -0.33 -12.85
N GLU A 665 -7.04 -0.92 -13.09
CA GLU A 665 -7.45 -1.39 -14.42
C GLU A 665 -8.32 -0.37 -15.15
N ALA A 666 -8.15 0.91 -14.83
CA ALA A 666 -8.98 1.95 -15.43
C ALA A 666 -8.60 2.21 -16.89
N ALA A 667 -7.29 2.20 -17.19
CA ALA A 667 -6.85 2.40 -18.57
C ALA A 667 -7.57 1.45 -19.53
N THR A 668 -7.58 0.16 -19.20
CA THR A 668 -8.18 -0.82 -20.09
C THR A 668 -9.71 -0.69 -20.11
N LEU A 669 -10.31 -0.42 -18.95
CA LEU A 669 -11.76 -0.23 -18.88
C LEU A 669 -12.19 0.96 -19.73
N ILE A 670 -11.38 2.01 -19.78
CA ILE A 670 -11.69 3.18 -20.60
C ILE A 670 -11.50 2.85 -22.07
N ALA A 671 -10.30 2.39 -22.43
CA ALA A 671 -10.02 2.04 -23.82
C ALA A 671 -10.92 0.92 -24.32
N SER A 672 -11.49 0.12 -23.42
CA SER A 672 -12.39 -1.00 -23.74
C SER A 672 -11.64 -2.16 -24.37
N TYR A 673 -10.33 -2.26 -24.12
CA TYR A 673 -9.47 -3.28 -24.69
C TYR A 673 -8.34 -3.57 -23.71
N ARG A 674 -8.19 -4.83 -23.28
CA ARG A 674 -6.93 -5.26 -22.68
C ARG A 674 -6.21 -6.18 -23.66
N LYS A 675 -4.96 -5.85 -23.94
CA LYS A 675 -4.08 -6.70 -24.72
C LYS A 675 -4.11 -8.13 -24.19
N GLN A 676 -4.09 -9.09 -25.11
CA GLN A 676 -4.13 -10.51 -24.74
C GLN A 676 -3.31 -11.28 -25.77
N VAL A 677 -2.17 -11.82 -25.33
CA VAL A 677 -1.20 -12.42 -26.24
C VAL A 677 -1.83 -13.56 -27.02
N MET A 678 -1.83 -13.43 -28.35
CA MET A 678 -2.21 -14.48 -29.28
C MET A 678 -1.02 -14.74 -30.19
N ASP A 679 -0.42 -15.92 -30.08
CA ASP A 679 0.84 -16.25 -30.74
C ASP A 679 0.61 -16.80 -32.15
N THR A 680 1.38 -16.28 -33.09
CA THR A 680 1.33 -16.69 -34.49
C THR A 680 2.18 -17.91 -34.79
N ARG A 681 2.92 -18.42 -33.82
CA ARG A 681 3.75 -19.60 -34.00
C ARG A 681 3.05 -20.89 -33.63
N VAL A 682 1.74 -20.83 -33.29
CA VAL A 682 1.01 -22.03 -32.89
C VAL A 682 0.77 -22.89 -34.12
N VAL A 683 0.77 -24.21 -33.93
CA VAL A 683 0.47 -25.15 -35.01
C VAL A 683 -0.94 -24.90 -35.59
N ARG B 25 5.48 30.04 -13.09
CA ARG B 25 5.26 28.74 -13.70
C ARG B 25 5.95 28.65 -15.06
N LEU B 26 5.52 29.48 -16.01
CA LEU B 26 6.04 29.44 -17.35
C LEU B 26 7.20 30.42 -17.55
N SER B 27 7.94 30.22 -18.63
CA SER B 27 8.95 31.14 -19.12
C SER B 27 8.38 32.00 -20.24
N LEU B 28 8.97 33.19 -20.43
CA LEU B 28 8.44 34.14 -21.41
C LEU B 28 8.45 33.57 -22.82
N GLU B 29 9.54 32.92 -23.21
CA GLU B 29 9.61 32.26 -24.51
C GLU B 29 8.44 31.30 -24.69
N ALA B 30 8.23 30.43 -23.70
CA ALA B 30 7.11 29.49 -23.75
C ALA B 30 5.78 30.21 -23.72
N MET B 31 5.68 31.30 -22.94
CA MET B 31 4.44 32.05 -22.87
C MET B 31 4.08 32.65 -24.23
N LEU B 32 5.10 33.07 -24.97
CA LEU B 32 4.89 33.64 -26.30
C LEU B 32 4.47 32.55 -27.29
N ALA B 33 5.12 31.38 -27.23
CA ALA B 33 4.67 30.25 -28.05
C ALA B 33 3.22 29.89 -27.75
N GLU B 34 2.88 29.79 -26.47
CA GLU B 34 1.52 29.45 -26.04
C GLU B 34 0.51 30.45 -26.55
N ARG B 35 0.86 31.74 -26.53
CA ARG B 35 -0.07 32.77 -26.99
C ARG B 35 -0.15 32.82 -28.52
N ALA B 36 0.94 32.46 -29.19
CA ALA B 36 0.93 32.38 -30.65
C ALA B 36 0.02 31.25 -31.11
N MET B 37 0.04 30.12 -30.41
CA MET B 37 -0.81 29.00 -30.81
C MET B 37 -2.28 29.36 -30.74
N VAL B 38 -2.68 30.14 -29.73
CA VAL B 38 -4.09 30.47 -29.58
C VAL B 38 -4.50 31.63 -30.49
N ALA B 39 -3.57 32.54 -30.82
CA ALA B 39 -3.94 33.65 -31.69
C ALA B 39 -4.37 33.18 -33.07
N ARG B 40 -3.80 32.07 -33.55
CA ARG B 40 -4.15 31.54 -34.86
C ARG B 40 -5.51 30.84 -34.87
N GLN B 41 -6.17 30.76 -33.71
CA GLN B 41 -7.50 30.20 -33.59
C GLN B 41 -8.54 31.27 -33.32
N ASP B 42 -8.12 32.48 -32.99
CA ASP B 42 -9.01 33.60 -32.69
C ASP B 42 -9.16 34.40 -33.97
N LEU B 43 -10.12 33.96 -34.81
CA LEU B 43 -10.22 34.46 -36.17
C LEU B 43 -10.63 35.92 -36.22
N ALA B 44 -11.39 36.40 -35.24
CA ALA B 44 -11.72 37.82 -35.19
C ALA B 44 -10.46 38.67 -35.08
N GLY B 45 -9.59 38.34 -34.11
CA GLY B 45 -8.37 39.10 -33.94
C GLY B 45 -7.37 38.86 -35.05
N LEU B 46 -7.33 37.65 -35.61
CA LEU B 46 -6.50 37.38 -36.77
C LEU B 46 -6.90 38.28 -37.94
N LYS B 47 -8.20 38.35 -38.21
CA LYS B 47 -8.74 39.25 -39.23
C LYS B 47 -8.36 40.69 -38.94
N ARG B 48 -8.45 41.11 -37.67
CA ARG B 48 -8.11 42.49 -37.33
C ARG B 48 -6.62 42.77 -37.54
N LYS B 49 -5.77 41.80 -37.19
CA LYS B 49 -4.33 42.00 -37.24
C LYS B 49 -3.78 41.93 -38.65
N LEU B 50 -4.44 41.20 -39.55
CA LEU B 50 -3.91 41.00 -40.88
C LEU B 50 -4.53 41.93 -41.91
N ALA B 51 -5.35 42.89 -41.47
CA ALA B 51 -5.99 43.81 -42.40
C ALA B 51 -4.96 44.72 -43.04
N GLY B 52 -4.96 44.80 -44.36
CA GLY B 52 -4.01 45.64 -45.06
C GLY B 52 -2.57 45.21 -44.96
N ALA B 53 -2.31 43.92 -44.75
CA ALA B 53 -0.95 43.42 -44.61
C ALA B 53 -0.38 43.13 -46.00
N ASP B 54 0.92 43.36 -46.16
CA ASP B 54 1.55 43.04 -47.44
C ASP B 54 1.33 41.58 -47.81
N ARG B 55 0.84 41.36 -49.02
CA ARG B 55 0.40 40.04 -49.48
C ARG B 55 1.06 39.69 -50.80
N VAL B 56 1.80 38.58 -50.82
CA VAL B 56 2.33 38.03 -52.07
C VAL B 56 1.20 37.47 -52.91
N LEU B 57 0.77 38.21 -53.93
CA LEU B 57 -0.36 37.80 -54.75
C LEU B 57 0.06 36.79 -55.81
N ALA B 58 -0.82 35.82 -56.08
CA ALA B 58 -0.59 34.81 -57.10
C ALA B 58 -0.93 35.35 -58.49
N PRO B 59 -0.30 34.81 -59.53
CA PRO B 59 -0.74 35.11 -60.89
C PRO B 59 -2.21 34.77 -61.04
N GLN B 60 -2.98 35.70 -61.60
CA GLN B 60 -4.43 35.57 -61.56
C GLN B 60 -5.04 36.04 -62.87
N SER B 61 -6.21 35.48 -63.19
CA SER B 61 -7.09 35.77 -64.31
C SER B 61 -8.11 36.82 -63.92
N PRO B 62 -8.48 37.72 -64.83
CA PRO B 62 -9.44 38.76 -64.47
C PRO B 62 -10.82 38.19 -64.19
N GLU B 63 -11.57 38.91 -63.38
CA GLU B 63 -12.92 38.50 -63.06
C GLU B 63 -13.84 38.88 -64.22
N GLN B 64 -14.74 37.97 -64.57
CA GLN B 64 -15.67 38.26 -65.66
C GLN B 64 -16.98 38.86 -65.20
N CYS B 65 -17.40 38.57 -63.97
CA CYS B 65 -18.67 39.07 -63.48
C CYS B 65 -18.71 38.93 -61.96
N GLY B 66 -19.75 39.50 -61.37
CA GLY B 66 -19.86 39.57 -59.94
C GLY B 66 -20.25 38.25 -59.29
N ARG B 67 -19.91 38.15 -58.00
CA ARG B 67 -20.25 36.95 -57.24
C ARG B 67 -21.74 36.66 -57.21
N GLU B 68 -22.59 37.69 -57.26
CA GLU B 68 -24.04 37.45 -57.22
C GLU B 68 -24.54 36.87 -58.54
N SER B 69 -24.14 37.48 -59.66
CA SER B 69 -24.44 36.93 -60.98
C SER B 69 -23.89 35.51 -61.10
N ALA B 70 -22.70 35.27 -60.55
CA ALA B 70 -22.09 33.95 -60.65
C ALA B 70 -22.88 32.94 -59.84
N GLN B 71 -23.34 33.32 -58.64
CA GLN B 71 -24.23 32.44 -57.89
C GLN B 71 -25.49 32.12 -58.69
N ALA B 72 -26.04 33.10 -59.42
CA ALA B 72 -27.24 32.83 -60.18
C ALA B 72 -26.98 31.78 -61.25
N GLN B 73 -25.86 31.91 -61.96
CA GLN B 73 -25.55 30.96 -63.03
C GLN B 73 -25.25 29.57 -62.46
N ALA B 74 -24.56 29.51 -61.32
CA ALA B 74 -24.28 28.23 -60.68
C ALA B 74 -25.57 27.54 -60.24
N ARG B 75 -26.43 28.28 -59.54
CA ARG B 75 -27.76 27.79 -59.18
C ARG B 75 -28.48 27.18 -60.38
N SER B 76 -28.44 27.87 -61.53
CA SER B 76 -29.08 27.36 -62.74
C SER B 76 -28.49 26.00 -63.15
N VAL B 77 -27.17 25.92 -63.24
CA VAL B 77 -26.54 24.67 -63.69
C VAL B 77 -26.86 23.54 -62.73
N THR B 78 -26.70 23.80 -61.42
CA THR B 78 -27.06 22.83 -60.39
C THR B 78 -28.47 22.30 -60.56
N SER B 79 -29.41 23.18 -60.91
CA SER B 79 -30.79 22.72 -61.11
C SER B 79 -30.87 21.75 -62.29
N GLU B 80 -30.27 22.12 -63.42
CA GLU B 80 -30.32 21.22 -64.59
C GLU B 80 -29.71 19.86 -64.25
N LEU B 81 -28.59 19.87 -63.52
CA LEU B 81 -27.92 18.62 -63.14
C LEU B 81 -28.81 17.79 -62.22
N LYS B 82 -29.42 18.43 -61.23
CA LYS B 82 -30.31 17.71 -60.31
C LYS B 82 -31.41 17.00 -61.07
N SER B 83 -32.03 17.68 -62.05
CA SER B 83 -33.17 17.04 -62.70
C SER B 83 -32.74 15.94 -63.66
N ALA B 84 -31.58 16.09 -64.31
CA ALA B 84 -31.09 15.01 -65.14
C ALA B 84 -30.73 13.79 -64.30
N VAL B 85 -30.10 14.01 -63.13
CA VAL B 85 -29.75 12.91 -62.25
C VAL B 85 -31.00 12.19 -61.76
N LYS B 86 -31.99 12.95 -61.29
CA LYS B 86 -33.23 12.33 -60.83
C LYS B 86 -33.87 11.48 -61.93
N GLU B 87 -33.92 12.03 -63.15
CA GLU B 87 -34.40 11.26 -64.29
C GLU B 87 -33.69 9.93 -64.41
N ALA B 88 -32.35 9.96 -64.44
CA ALA B 88 -31.61 8.71 -64.62
C ALA B 88 -31.78 7.79 -63.41
N GLN B 89 -32.05 8.36 -62.24
CA GLN B 89 -32.26 7.56 -61.03
C GLN B 89 -33.62 6.87 -61.04
N GLY B 90 -34.55 7.33 -61.85
CA GLY B 90 -35.83 6.65 -61.95
C GLY B 90 -35.86 5.46 -62.87
N LEU B 91 -34.75 5.17 -63.56
CA LEU B 91 -34.72 4.08 -64.53
C LEU B 91 -34.86 2.72 -63.85
N GLU B 92 -35.61 1.83 -64.48
CA GLU B 92 -35.74 0.45 -63.98
C GLU B 92 -34.38 -0.24 -63.99
N HIS B 93 -34.13 -1.06 -62.97
CA HIS B 93 -32.87 -1.79 -62.86
C HIS B 93 -33.12 -3.28 -63.06
N GLN B 94 -32.39 -3.89 -63.99
CA GLN B 94 -32.59 -5.30 -64.31
C GLN B 94 -32.35 -6.18 -63.08
N THR B 95 -33.04 -7.32 -63.06
CA THR B 95 -33.14 -8.14 -61.85
C THR B 95 -31.78 -8.71 -61.47
N LEU B 96 -31.72 -9.21 -60.24
CA LEU B 96 -30.52 -9.82 -59.67
C LEU B 96 -30.57 -11.34 -59.74
N ASP B 97 -30.99 -11.89 -60.89
CA ASP B 97 -31.09 -13.34 -61.06
C ASP B 97 -29.73 -13.99 -61.26
N PHE B 98 -28.76 -13.26 -61.79
CA PHE B 98 -27.45 -13.79 -62.13
C PHE B 98 -26.62 -14.17 -60.91
N LEU B 99 -27.09 -13.86 -59.70
CA LEU B 99 -26.36 -14.18 -58.48
C LEU B 99 -27.02 -15.34 -57.74
N GLU B 100 -26.19 -16.21 -57.18
CA GLU B 100 -26.66 -17.21 -56.23
C GLU B 100 -27.28 -16.54 -55.02
N GLN B 101 -28.22 -17.23 -54.38
CA GLN B 101 -28.97 -16.68 -53.26
C GLN B 101 -28.92 -17.64 -52.08
N LEU B 102 -28.63 -17.09 -50.90
CA LEU B 102 -28.51 -17.88 -49.67
C LEU B 102 -29.52 -17.46 -48.61
N GLY B 103 -30.63 -16.85 -49.03
CA GLY B 103 -31.67 -16.45 -48.10
C GLY B 103 -31.26 -15.31 -47.19
N GLU B 104 -31.79 -15.33 -45.97
CA GLU B 104 -31.56 -14.27 -45.00
C GLU B 104 -30.62 -14.77 -43.91
N TYR B 105 -29.76 -13.88 -43.43
CA TYR B 105 -28.84 -14.18 -42.35
C TYR B 105 -29.37 -13.61 -41.03
N PRO B 106 -29.18 -14.30 -39.92
CA PRO B 106 -29.61 -13.75 -38.63
C PRO B 106 -28.63 -12.73 -38.09
N VAL B 107 -29.19 -11.74 -37.39
CA VAL B 107 -28.37 -10.72 -36.72
C VAL B 107 -27.47 -11.38 -35.69
N CYS B 108 -26.18 -11.01 -35.73
CA CYS B 108 -25.21 -11.56 -34.78
C CYS B 108 -25.53 -11.13 -33.36
N GLY B 109 -25.61 -12.11 -32.46
CA GLY B 109 -25.92 -11.89 -31.06
C GLY B 109 -24.73 -11.73 -30.14
N ILE B 110 -23.52 -11.55 -30.68
CA ILE B 110 -22.33 -11.44 -29.84
C ILE B 110 -22.39 -10.18 -29.00
N LEU B 111 -22.03 -10.29 -27.73
CA LEU B 111 -21.98 -9.16 -26.81
C LEU B 111 -20.55 -8.90 -26.37
N HIS B 112 -20.21 -7.62 -26.23
CA HIS B 112 -18.95 -7.19 -25.62
C HIS B 112 -19.30 -6.30 -24.44
N GLY B 113 -19.35 -6.89 -23.24
CA GLY B 113 -19.77 -6.16 -22.05
C GLY B 113 -21.22 -5.73 -22.09
N ASP B 114 -21.47 -4.43 -21.92
CA ASP B 114 -22.82 -3.95 -21.71
C ASP B 114 -23.62 -3.85 -23.01
N HIS B 115 -22.97 -3.89 -24.17
CA HIS B 115 -23.65 -3.63 -25.43
C HIS B 115 -23.37 -4.74 -26.43
N PRO B 116 -24.30 -4.97 -27.36
CA PRO B 116 -24.04 -5.90 -28.46
C PRO B 116 -23.11 -5.30 -29.51
N VAL B 117 -22.36 -6.19 -30.18
CA VAL B 117 -21.49 -5.76 -31.27
C VAL B 117 -22.32 -5.19 -32.41
N HIS B 118 -23.41 -5.87 -32.76
CA HIS B 118 -24.35 -5.37 -33.77
C HIS B 118 -25.36 -4.45 -33.06
N PRO B 119 -25.28 -3.13 -33.26
CA PRO B 119 -26.16 -2.22 -32.52
C PRO B 119 -27.64 -2.53 -32.72
N SER B 120 -28.44 -2.07 -31.75
CA SER B 120 -29.84 -2.48 -31.68
C SER B 120 -30.67 -1.85 -32.79
N GLY B 121 -30.45 -0.56 -33.05
CA GLY B 121 -31.23 0.11 -34.08
C GLY B 121 -30.93 -0.36 -35.49
N THR B 122 -29.65 -0.39 -35.86
CA THR B 122 -29.24 -0.40 -37.26
C THR B 122 -29.35 -1.78 -37.89
N HIS B 123 -29.50 -1.75 -39.22
CA HIS B 123 -29.19 -2.87 -40.11
C HIS B 123 -29.80 -4.18 -39.62
N ASN B 124 -31.12 -4.12 -39.39
CA ASN B 124 -31.88 -5.22 -38.81
C ASN B 124 -33.35 -4.88 -38.99
N ASN B 125 -34.05 -5.57 -39.89
CA ASN B 125 -35.47 -5.32 -40.06
C ASN B 125 -36.28 -6.03 -38.96
N ASN B 126 -36.00 -7.31 -38.75
CA ASN B 126 -36.26 -8.00 -37.49
C ASN B 126 -35.64 -9.39 -37.56
N GLY B 127 -34.67 -9.65 -36.67
CA GLY B 127 -33.95 -10.91 -36.69
C GLY B 127 -32.88 -11.01 -37.77
N LYS B 128 -33.16 -10.44 -38.94
CA LYS B 128 -32.34 -10.63 -40.13
C LYS B 128 -31.52 -9.39 -40.44
N VAL B 129 -30.30 -9.60 -40.93
CA VAL B 129 -29.44 -8.48 -41.33
C VAL B 129 -30.00 -7.83 -42.59
N SER B 130 -30.21 -6.52 -42.55
CA SER B 130 -30.72 -5.80 -43.71
C SER B 130 -29.88 -4.55 -43.98
N VAL B 131 -30.01 -4.05 -45.20
CA VAL B 131 -29.19 -2.94 -45.70
C VAL B 131 -29.99 -2.18 -46.73
N LYS B 132 -29.81 -0.85 -46.75
CA LYS B 132 -30.57 0.05 -47.61
C LYS B 132 -29.59 0.84 -48.47
N ARG B 133 -29.67 0.66 -49.78
CA ARG B 133 -28.75 1.33 -50.69
C ARG B 133 -29.14 2.79 -50.89
N GLN B 134 -28.13 3.66 -50.99
CA GLN B 134 -28.33 5.11 -50.98
C GLN B 134 -28.07 5.68 -52.38
N PHE B 135 -29.11 6.21 -53.02
CA PHE B 135 -28.99 6.93 -54.29
C PHE B 135 -29.70 8.27 -54.15
N ALA B 136 -28.96 9.33 -53.84
CA ALA B 136 -29.52 10.67 -53.69
C ALA B 136 -29.14 11.54 -54.88
N ALA B 137 -29.96 12.59 -55.10
CA ALA B 137 -29.69 13.52 -56.22
C ALA B 137 -29.09 14.82 -55.68
N GLY B 138 -28.59 15.69 -56.58
CA GLY B 138 -27.94 16.94 -56.15
C GLY B 138 -26.73 16.67 -55.28
N SER B 142 -22.83 25.06 -55.86
CA SER B 142 -21.44 24.71 -55.43
C SER B 142 -20.59 25.98 -55.39
N ASP B 143 -19.82 26.16 -54.32
CA ASP B 143 -18.96 27.36 -54.16
C ASP B 143 -17.83 27.33 -55.20
N ALA B 144 -17.45 26.13 -55.65
CA ALA B 144 -16.42 26.01 -56.68
C ALA B 144 -16.96 26.43 -58.04
N LEU B 145 -18.17 25.98 -58.37
CA LEU B 145 -18.80 26.37 -59.62
C LEU B 145 -19.02 27.88 -59.67
N THR B 146 -19.46 28.46 -58.55
CA THR B 146 -19.54 29.92 -58.42
C THR B 146 -18.22 30.58 -58.81
N CYS B 147 -17.13 30.21 -58.14
CA CYS B 147 -15.82 30.78 -58.45
C CYS B 147 -15.51 30.66 -59.95
N ALA B 148 -15.76 29.47 -60.51
CA ALA B 148 -15.48 29.25 -61.93
C ALA B 148 -16.25 30.25 -62.80
N PHE B 149 -17.54 30.41 -62.53
CA PHE B 149 -18.31 31.42 -63.26
C PHE B 149 -17.77 32.82 -63.04
N ARG B 150 -17.23 33.08 -61.84
CA ARG B 150 -16.67 34.40 -61.56
C ARG B 150 -15.47 34.71 -62.44
N PHE B 151 -14.65 33.71 -62.75
CA PHE B 151 -13.36 34.01 -63.34
C PHE B 151 -13.11 33.46 -64.75
N GLU B 152 -14.07 32.79 -65.39
CA GLU B 152 -13.84 32.26 -66.73
C GLU B 152 -15.12 32.36 -67.57
N ASP B 153 -14.96 32.11 -68.87
CA ASP B 153 -16.03 32.35 -69.84
C ASP B 153 -17.27 31.52 -69.50
N SER B 154 -18.42 32.19 -69.48
CA SER B 154 -19.66 31.58 -69.00
C SER B 154 -20.02 30.30 -69.77
N ASP B 155 -19.95 30.35 -71.11
CA ASP B 155 -20.44 29.22 -71.90
C ASP B 155 -19.57 27.99 -71.70
N LEU B 156 -18.25 28.19 -71.60
CA LEU B 156 -17.35 27.07 -71.40
C LEU B 156 -17.55 26.43 -70.04
N VAL B 157 -17.68 27.27 -69.01
CA VAL B 157 -17.98 26.77 -67.67
C VAL B 157 -19.27 25.97 -67.68
N ARG B 158 -20.31 26.51 -68.34
CA ARG B 158 -21.60 25.84 -68.41
C ARG B 158 -21.47 24.44 -69.00
N GLU B 159 -20.84 24.33 -70.18
CA GLU B 159 -20.85 23.04 -70.85
C GLU B 159 -19.91 22.04 -70.17
N THR B 160 -18.81 22.51 -69.58
CA THR B 160 -17.97 21.58 -68.85
C THR B 160 -18.61 21.14 -67.54
N ALA B 161 -19.34 22.02 -66.86
CA ALA B 161 -20.01 21.64 -65.64
C ALA B 161 -21.23 20.76 -65.91
N LEU B 162 -21.72 20.75 -67.15
CA LEU B 162 -22.81 19.85 -67.48
C LEU B 162 -22.32 18.52 -68.03
N LYS B 163 -21.06 18.44 -68.46
CA LYS B 163 -20.55 17.16 -68.97
C LYS B 163 -20.46 16.09 -67.89
N THR B 164 -19.99 16.43 -66.68
CA THR B 164 -19.76 15.43 -65.64
C THR B 164 -20.25 15.96 -64.29
N THR B 165 -20.40 15.04 -63.33
CA THR B 165 -20.94 15.40 -62.02
C THR B 165 -20.55 14.36 -60.98
N TYR B 166 -20.28 14.81 -59.76
CA TYR B 166 -19.99 13.92 -58.64
C TYR B 166 -21.30 13.43 -58.04
N THR B 167 -21.56 12.12 -58.11
CA THR B 167 -22.87 11.62 -57.69
C THR B 167 -22.77 10.18 -57.21
N ASP B 168 -23.85 9.75 -56.56
CA ASP B 168 -24.07 8.38 -56.08
C ASP B 168 -24.37 7.40 -57.21
N GLY B 169 -24.70 7.87 -58.40
CA GLY B 169 -25.04 6.99 -59.50
C GLY B 169 -26.51 6.60 -59.51
N THR B 170 -26.79 5.53 -60.26
CA THR B 170 -28.15 5.05 -60.48
C THR B 170 -28.21 3.56 -60.20
N TRP B 171 -29.39 3.11 -59.76
CA TRP B 171 -29.63 1.68 -59.57
C TRP B 171 -29.33 0.90 -60.85
N ALA B 172 -29.75 1.44 -62.00
CA ALA B 172 -29.61 0.73 -63.27
C ALA B 172 -28.14 0.45 -63.59
N GLY B 173 -27.30 1.49 -63.57
CA GLY B 173 -25.90 1.29 -63.90
C GLY B 173 -25.17 0.51 -62.84
N PHE B 174 -25.60 0.64 -61.58
CA PHE B 174 -25.07 -0.19 -60.50
C PHE B 174 -25.23 -1.66 -60.83
N VAL B 175 -26.46 -2.08 -61.14
CA VAL B 175 -26.70 -3.50 -61.42
C VAL B 175 -26.01 -3.92 -62.71
N GLN B 176 -25.92 -3.01 -63.69
CA GLN B 176 -25.30 -3.34 -64.96
C GLN B 176 -23.81 -3.65 -64.78
N ARG B 177 -23.11 -2.81 -64.02
CA ARG B 177 -21.68 -3.05 -63.82
C ARG B 177 -21.46 -4.23 -62.89
N LEU B 178 -22.37 -4.44 -61.92
CA LEU B 178 -22.28 -5.61 -61.06
C LEU B 178 -22.38 -6.90 -61.89
N LYS B 179 -23.30 -6.94 -62.85
CA LYS B 179 -23.38 -8.09 -63.74
C LYS B 179 -22.09 -8.23 -64.55
N MET B 180 -21.53 -7.11 -65.02
CA MET B 180 -20.30 -7.20 -65.78
C MET B 180 -19.17 -7.79 -64.95
N GLN B 181 -19.15 -7.56 -63.64
CA GLN B 181 -18.00 -7.98 -62.85
C GLN B 181 -18.23 -9.27 -62.07
N THR B 182 -19.43 -9.83 -62.08
CA THR B 182 -19.67 -11.09 -61.39
C THR B 182 -19.87 -12.29 -62.32
N THR B 183 -20.09 -12.05 -63.61
CA THR B 183 -20.52 -13.11 -64.52
C THR B 183 -19.66 -13.20 -65.78
N ARG B 184 -18.48 -12.58 -65.81
CA ARG B 184 -17.66 -12.57 -66.99
C ARG B 184 -16.89 -13.88 -67.15
N LYS B 185 -16.84 -14.38 -68.37
CA LYS B 185 -16.09 -15.58 -68.73
C LYS B 185 -14.59 -15.24 -68.68
N CYS B 186 -13.88 -15.81 -67.71
CA CYS B 186 -12.47 -15.53 -67.52
C CYS B 186 -11.60 -16.60 -68.17
N VAL B 187 -10.28 -16.39 -68.09
CA VAL B 187 -9.29 -17.31 -68.63
C VAL B 187 -8.23 -17.50 -67.55
N GLN B 188 -8.21 -18.68 -66.93
CA GLN B 188 -7.19 -19.04 -65.95
C GLN B 188 -5.81 -18.73 -66.50
N GLU B 189 -5.04 -17.94 -65.77
CA GLU B 189 -3.70 -17.55 -66.21
C GLU B 189 -2.69 -18.66 -65.95
N LYS B 190 -1.54 -18.56 -66.61
CA LYS B 190 -0.45 -19.53 -66.49
C LYS B 190 0.66 -18.84 -65.72
N VAL B 191 0.71 -19.09 -64.41
CA VAL B 191 1.47 -18.25 -63.48
C VAL B 191 2.23 -19.12 -62.50
N SER B 192 3.40 -18.63 -62.09
CA SER B 192 4.23 -19.31 -61.09
C SER B 192 4.98 -18.27 -60.26
N ARG B 193 5.50 -18.71 -59.12
CA ARG B 193 6.36 -17.86 -58.31
C ARG B 193 7.57 -17.36 -59.10
N LYS B 194 8.16 -18.21 -59.94
CA LYS B 194 9.25 -17.77 -60.80
C LYS B 194 8.87 -16.50 -61.55
N LEU B 195 7.73 -16.55 -62.23
CA LEU B 195 7.23 -15.42 -63.02
C LEU B 195 7.00 -14.20 -62.13
N LEU B 196 6.39 -14.39 -60.97
CA LEU B 196 6.04 -13.24 -60.12
C LEU B 196 7.29 -12.61 -59.50
N LYS B 197 8.28 -13.44 -59.13
CA LYS B 197 9.60 -12.93 -58.79
C LYS B 197 10.14 -12.05 -59.90
N GLN B 198 9.93 -12.48 -61.15
CA GLN B 198 10.43 -11.72 -62.29
C GLN B 198 9.70 -10.39 -62.45
N LEU B 199 8.37 -10.43 -62.48
CA LEU B 199 7.55 -9.26 -62.77
C LEU B 199 7.37 -8.36 -61.57
N PHE B 200 7.33 -8.92 -60.36
CA PHE B 200 7.09 -8.16 -59.14
C PHE B 200 8.19 -8.43 -58.13
N PRO B 201 9.41 -7.94 -58.39
CA PRO B 201 10.47 -8.04 -57.38
C PRO B 201 10.16 -7.20 -56.16
N TYR B 202 10.63 -7.68 -55.00
CA TYR B 202 10.50 -6.96 -53.75
C TYR B 202 11.82 -7.05 -52.99
N ASP B 203 11.87 -6.43 -51.81
CA ASP B 203 13.07 -6.40 -50.98
C ASP B 203 12.73 -7.11 -49.68
N PRO B 204 13.09 -8.39 -49.54
CA PRO B 204 12.66 -9.18 -48.37
C PRO B 204 12.86 -8.51 -47.01
N GLN B 205 13.95 -7.78 -46.83
CA GLN B 205 14.27 -7.24 -45.51
C GLN B 205 13.38 -6.07 -45.11
N LYS B 206 12.45 -5.66 -45.98
CA LYS B 206 11.50 -4.60 -45.67
C LYS B 206 10.13 -5.16 -45.33
N LEU B 207 10.00 -6.49 -45.25
CA LEU B 207 8.77 -7.14 -44.85
C LEU B 207 8.67 -7.16 -43.33
N VAL B 208 7.45 -6.96 -42.82
CA VAL B 208 7.23 -6.97 -41.37
C VAL B 208 7.74 -8.33 -40.91
N ASP B 209 8.22 -8.38 -39.66
CA ASP B 209 8.44 -9.64 -38.95
C ASP B 209 7.07 -10.14 -38.51
N VAL B 210 6.53 -11.10 -39.26
CA VAL B 210 5.14 -11.48 -39.16
C VAL B 210 4.98 -12.63 -38.16
N SER B 211 6.06 -12.95 -37.45
CA SER B 211 6.04 -13.98 -36.42
C SER B 211 5.76 -13.42 -35.03
N GLY B 212 5.82 -12.11 -34.86
CA GLY B 212 5.55 -11.50 -33.58
C GLY B 212 4.08 -11.57 -33.24
N GLU B 213 3.78 -11.37 -31.96
CA GLU B 213 2.40 -11.42 -31.47
C GLU B 213 1.43 -10.72 -32.42
N LEU B 214 0.25 -11.32 -32.57
CA LEU B 214 -0.75 -10.81 -33.50
C LEU B 214 -1.22 -9.42 -33.10
N SER B 215 -1.47 -9.21 -31.80
CA SER B 215 -1.99 -7.92 -31.33
C SER B 215 -1.13 -6.75 -31.82
N GLU B 216 0.19 -6.83 -31.60
CA GLU B 216 1.07 -5.73 -32.00
C GLU B 216 1.06 -5.54 -33.51
N LEU B 217 1.06 -6.65 -34.26
CA LEU B 217 1.05 -6.59 -35.72
C LEU B 217 -0.20 -5.91 -36.22
N VAL B 218 -1.35 -6.28 -35.67
CA VAL B 218 -2.62 -5.67 -36.06
C VAL B 218 -2.65 -4.21 -35.65
N LEU B 219 -2.06 -3.88 -34.50
CA LEU B 219 -1.98 -2.49 -34.07
C LEU B 219 -1.09 -1.66 -34.98
N GLY B 220 -0.19 -2.29 -35.73
CA GLY B 220 0.69 -1.56 -36.61
C GLY B 220 0.08 -1.14 -37.93
N ILE B 221 -0.99 -1.80 -38.36
CA ILE B 221 -1.56 -1.50 -39.68
C ILE B 221 -2.29 -0.16 -39.68
N LYS B 222 -2.34 0.47 -40.84
CA LYS B 222 -3.03 1.74 -41.05
C LYS B 222 -4.39 1.51 -41.69
N THR B 223 -5.33 2.43 -41.45
CA THR B 223 -6.65 2.31 -42.05
C THR B 223 -7.39 3.63 -41.93
N ASN B 224 -8.37 3.80 -42.82
CA ASN B 224 -9.29 4.94 -42.81
C ASN B 224 -10.20 4.84 -41.60
N ALA B 225 -10.06 5.79 -40.66
CA ALA B 225 -10.86 5.76 -39.44
C ALA B 225 -12.34 6.02 -39.70
N ILE B 226 -12.69 6.63 -40.83
CA ILE B 226 -14.08 6.96 -41.11
C ILE B 226 -14.78 5.87 -41.91
N ALA B 227 -14.02 4.94 -42.49
CA ALA B 227 -14.60 3.89 -43.32
C ALA B 227 -15.49 2.98 -42.50
N SER B 228 -16.49 2.40 -43.18
CA SER B 228 -17.34 1.41 -42.56
C SER B 228 -16.54 0.19 -42.12
N ALA B 229 -16.73 -0.21 -40.86
CA ALA B 229 -16.19 -1.50 -40.40
C ALA B 229 -16.94 -2.69 -40.96
N GLY B 230 -17.99 -2.45 -41.75
CA GLY B 230 -18.79 -3.51 -42.31
C GLY B 230 -19.46 -4.34 -41.26
N PRO B 231 -20.10 -5.44 -41.67
CA PRO B 231 -20.76 -6.32 -40.70
C PRO B 231 -19.73 -6.95 -39.78
N PRO B 232 -20.08 -7.17 -38.52
CA PRO B 232 -21.38 -6.90 -37.88
C PRO B 232 -21.41 -5.62 -37.05
N TYR B 233 -20.40 -4.76 -37.23
CA TYR B 233 -20.27 -3.60 -36.37
C TYR B 233 -21.21 -2.49 -36.82
N TRP B 234 -21.32 -2.27 -38.14
CA TRP B 234 -22.23 -1.28 -38.72
C TRP B 234 -22.01 0.11 -38.13
N ARG B 235 -20.74 0.46 -37.94
CA ARG B 235 -20.32 1.81 -37.59
C ARG B 235 -18.91 2.03 -38.13
N THR B 236 -18.40 3.25 -37.96
CA THR B 236 -17.05 3.55 -38.42
C THR B 236 -16.03 2.69 -37.67
N LYS B 237 -14.81 2.68 -38.20
CA LYS B 237 -13.76 1.85 -37.62
C LYS B 237 -13.23 2.40 -36.31
N ARG B 238 -13.18 3.73 -36.16
CA ARG B 238 -12.79 4.26 -34.85
C ARG B 238 -13.85 3.97 -33.80
N ASP B 239 -15.13 3.94 -34.21
CA ASP B 239 -16.19 3.54 -33.28
C ASP B 239 -16.10 2.05 -32.96
N ALA B 240 -15.80 1.23 -33.95
CA ALA B 240 -15.86 -0.23 -33.81
C ALA B 240 -14.52 -0.86 -33.44
N LEU B 241 -13.47 -0.06 -33.27
CA LEU B 241 -12.14 -0.61 -33.01
C LEU B 241 -12.09 -1.49 -31.77
N PRO B 242 -12.57 -1.07 -30.59
CA PRO B 242 -12.44 -1.95 -29.41
C PRO B 242 -13.23 -3.23 -29.55
N ASP B 243 -14.44 -3.15 -30.10
CA ASP B 243 -15.27 -4.33 -30.26
C ASP B 243 -14.60 -5.36 -31.17
N MET B 244 -14.00 -4.90 -32.27
CA MET B 244 -13.21 -5.80 -33.10
C MET B 244 -12.01 -6.33 -32.34
N LEU B 245 -11.34 -5.47 -31.58
CA LEU B 245 -9.98 -5.75 -31.13
C LEU B 245 -9.95 -6.72 -29.95
N ASP B 246 -10.70 -6.43 -28.89
CA ASP B 246 -10.63 -7.28 -27.70
C ASP B 246 -11.73 -8.33 -27.62
N CYS B 247 -12.61 -8.39 -28.63
CA CYS B 247 -13.76 -9.29 -28.54
C CYS B 247 -13.82 -10.24 -29.73
N VAL B 248 -13.92 -9.69 -30.95
CA VAL B 248 -14.11 -10.55 -32.12
C VAL B 248 -12.80 -11.17 -32.58
N LEU B 249 -11.74 -10.35 -32.71
CA LEU B 249 -10.47 -10.89 -33.17
C LEU B 249 -9.95 -12.04 -32.30
N PRO B 250 -10.02 -12.01 -30.97
CA PRO B 250 -9.62 -13.20 -30.20
C PRO B 250 -10.48 -14.43 -30.49
N LEU B 251 -11.79 -14.27 -30.63
CA LEU B 251 -12.66 -15.38 -31.02
C LEU B 251 -12.22 -15.97 -32.36
N LEU B 252 -11.98 -15.09 -33.35
CA LEU B 252 -11.53 -15.51 -34.65
C LEU B 252 -10.23 -16.28 -34.56
N TYR B 253 -9.26 -15.77 -33.80
CA TYR B 253 -7.99 -16.47 -33.61
C TYR B 253 -8.20 -17.85 -33.02
N ASP B 254 -8.92 -17.91 -31.88
CA ASP B 254 -9.32 -19.16 -31.25
C ASP B 254 -9.77 -20.18 -32.29
N HIS B 255 -10.73 -19.78 -33.12
CA HIS B 255 -11.28 -20.72 -34.08
C HIS B 255 -10.36 -21.01 -35.26
N ILE B 256 -9.43 -20.10 -35.56
CA ILE B 256 -8.49 -20.34 -36.65
C ILE B 256 -7.49 -21.42 -36.27
N VAL B 257 -6.92 -21.33 -35.06
CA VAL B 257 -5.90 -22.30 -34.70
C VAL B 257 -6.52 -23.62 -34.26
N ARG B 258 -7.78 -23.59 -33.83
CA ARG B 258 -8.55 -24.79 -33.50
C ARG B 258 -9.08 -25.50 -34.74
N LYS B 259 -8.76 -24.98 -35.94
CA LYS B 259 -9.24 -25.53 -37.21
C LYS B 259 -10.77 -25.57 -37.25
N ASP B 260 -11.39 -24.59 -36.59
CA ASP B 260 -12.80 -24.64 -36.23
C ASP B 260 -13.60 -23.54 -36.93
N LEU B 261 -13.15 -23.13 -38.11
CA LEU B 261 -13.71 -21.93 -38.73
C LEU B 261 -15.14 -22.14 -39.21
N THR B 262 -15.48 -23.32 -39.74
CA THR B 262 -16.79 -23.48 -40.36
C THR B 262 -17.91 -23.53 -39.32
N THR B 263 -17.61 -24.00 -38.10
CA THR B 263 -18.62 -23.97 -37.05
C THR B 263 -18.81 -22.57 -36.50
N LEU B 264 -17.76 -21.75 -36.54
CA LEU B 264 -17.92 -20.32 -36.24
C LEU B 264 -18.71 -19.62 -37.33
N ARG B 265 -18.44 -19.95 -38.59
CA ARG B 265 -19.22 -19.46 -39.72
C ARG B 265 -20.69 -19.82 -39.59
N ASN B 266 -20.97 -20.97 -38.96
CA ASN B 266 -22.36 -21.40 -38.77
C ASN B 266 -23.01 -20.71 -37.59
N LYS B 267 -22.30 -20.61 -36.46
CA LYS B 267 -22.88 -20.00 -35.27
C LYS B 267 -23.12 -18.50 -35.46
N HIS B 268 -22.34 -17.85 -36.31
CA HIS B 268 -22.38 -16.39 -36.46
C HIS B 268 -22.10 -16.02 -37.91
N PRO B 269 -23.09 -16.23 -38.79
CA PRO B 269 -22.85 -15.96 -40.22
C PRO B 269 -22.46 -14.52 -40.51
N GLU B 270 -22.99 -13.55 -39.76
CA GLU B 270 -22.72 -12.15 -40.05
C GLU B 270 -21.25 -11.79 -39.87
N LEU B 271 -20.47 -12.65 -39.20
CA LEU B 271 -19.04 -12.39 -39.06
C LEU B 271 -18.30 -12.51 -40.38
N PHE B 272 -18.89 -13.14 -41.38
CA PHE B 272 -18.21 -13.38 -42.65
C PHE B 272 -18.99 -12.78 -43.82
N LEU B 273 -19.79 -11.75 -43.54
CA LEU B 273 -20.66 -11.13 -44.53
C LEU B 273 -20.09 -9.79 -45.00
N ALA B 274 -20.28 -9.50 -46.28
CA ALA B 274 -19.89 -8.23 -46.88
C ALA B 274 -21.12 -7.44 -47.32
N GLU B 275 -20.92 -6.14 -47.54
CA GLU B 275 -21.94 -5.24 -48.07
C GLU B 275 -21.53 -4.74 -49.45
N CYS B 276 -22.38 -4.98 -50.45
CA CYS B 276 -22.14 -4.43 -51.79
C CYS B 276 -22.66 -3.00 -51.87
N LYS B 277 -21.83 -2.08 -52.37
CA LYS B 277 -22.09 -0.66 -52.27
C LYS B 277 -21.80 0.04 -53.58
N ASN B 278 -22.51 1.14 -53.81
CA ASN B 278 -22.33 1.99 -54.99
C ASN B 278 -21.34 3.10 -54.66
N LYS B 279 -20.27 3.18 -55.44
CA LYS B 279 -19.28 4.23 -55.26
C LYS B 279 -19.81 5.57 -55.76
N THR B 280 -19.87 6.56 -54.86
CA THR B 280 -20.02 7.94 -55.27
C THR B 280 -18.72 8.45 -55.88
N ASP B 281 -18.79 9.00 -57.10
CA ASP B 281 -17.66 9.77 -57.62
C ASP B 281 -18.09 10.50 -58.91
N ARG B 282 -17.09 11.02 -59.62
CA ARG B 282 -17.28 11.71 -60.89
C ARG B 282 -17.82 10.76 -61.95
N TYR B 283 -19.01 11.05 -62.47
CA TYR B 283 -19.61 10.27 -63.55
C TYR B 283 -20.01 11.19 -64.69
N GLU B 284 -19.85 10.68 -65.91
CA GLU B 284 -20.42 11.32 -67.08
C GLU B 284 -21.95 11.33 -66.97
N VAL B 285 -22.57 12.48 -67.27
CA VAL B 285 -24.01 12.57 -67.11
C VAL B 285 -24.75 11.74 -68.16
N GLU B 286 -24.31 11.78 -69.41
CA GLU B 286 -24.97 11.00 -70.45
C GLU B 286 -24.96 9.50 -70.12
N SER B 287 -23.96 9.04 -69.40
CA SER B 287 -23.77 7.61 -69.15
C SER B 287 -24.25 7.20 -67.76
N LEU B 288 -25.15 8.00 -67.16
CA LEU B 288 -25.50 7.81 -65.76
C LEU B 288 -26.26 6.51 -65.52
N GLY B 289 -27.04 6.06 -66.50
CA GLY B 289 -27.80 4.84 -66.37
C GLY B 289 -27.09 3.59 -66.85
N GLU B 290 -25.86 3.73 -67.35
CA GLU B 290 -25.04 2.61 -67.76
C GLU B 290 -23.87 2.32 -66.85
N LYS B 291 -23.44 3.28 -66.03
CA LYS B 291 -22.15 3.21 -65.36
C LYS B 291 -22.29 3.67 -63.92
N THR B 292 -22.07 2.76 -62.98
CA THR B 292 -21.96 3.11 -61.56
C THR B 292 -21.17 2.01 -60.86
N ARG B 293 -20.00 2.38 -60.34
CA ARG B 293 -19.04 1.40 -59.83
C ARG B 293 -19.56 0.69 -58.58
N PRO B 294 -19.54 -0.65 -58.55
CA PRO B 294 -19.76 -1.37 -57.29
C PRO B 294 -18.49 -1.79 -56.58
N TYR B 295 -18.54 -1.83 -55.25
CA TYR B 295 -17.43 -2.27 -54.43
C TYR B 295 -17.98 -2.99 -53.20
N PHE B 296 -17.10 -3.65 -52.45
CA PHE B 296 -17.52 -4.50 -51.34
C PHE B 296 -16.85 -4.08 -50.03
N SER B 297 -17.68 -3.67 -49.07
CA SER B 297 -17.26 -3.46 -47.69
C SER B 297 -17.17 -4.80 -46.96
N HIS B 298 -15.98 -5.14 -46.46
CA HIS B 298 -15.72 -6.36 -45.72
C HIS B 298 -15.65 -6.13 -44.22
N PRO B 299 -15.83 -7.18 -43.41
CA PRO B 299 -15.69 -7.03 -41.96
C PRO B 299 -14.30 -6.58 -41.54
N PHE B 300 -14.28 -5.69 -40.56
CA PHE B 300 -13.03 -5.12 -40.06
C PHE B 300 -12.08 -6.19 -39.55
N HIS B 301 -12.58 -7.17 -38.80
CA HIS B 301 -11.70 -8.17 -38.21
C HIS B 301 -10.98 -9.04 -39.24
N LEU B 302 -11.56 -9.16 -40.44
CA LEU B 302 -10.92 -9.94 -41.50
C LEU B 302 -9.96 -9.08 -42.32
N SER B 303 -10.42 -7.88 -42.70
CA SER B 303 -9.60 -6.96 -43.47
C SER B 303 -8.34 -6.59 -42.69
N ALA B 304 -8.50 -6.22 -41.42
CA ALA B 304 -7.35 -5.93 -40.56
C ALA B 304 -6.35 -7.08 -40.54
N LEU B 305 -6.86 -8.31 -40.37
CA LEU B 305 -5.98 -9.46 -40.26
C LEU B 305 -5.16 -9.64 -41.54
N VAL B 306 -5.80 -9.47 -42.70
CA VAL B 306 -5.08 -9.63 -43.96
C VAL B 306 -4.14 -8.44 -44.23
N SER B 307 -4.57 -7.23 -43.84
CA SER B 307 -3.78 -6.02 -44.05
C SER B 307 -2.35 -6.14 -43.56
N VAL B 308 -2.11 -6.94 -42.51
CA VAL B 308 -0.75 -7.11 -42.02
C VAL B 308 0.17 -7.52 -43.18
N LEU B 309 -0.17 -8.66 -43.80
CA LEU B 309 0.57 -9.13 -44.97
C LEU B 309 0.54 -8.11 -46.09
N SER B 310 -0.66 -7.66 -46.47
CA SER B 310 -0.80 -6.76 -47.62
C SER B 310 0.10 -5.54 -47.50
N GLN B 311 0.01 -4.83 -46.37
CA GLN B 311 0.74 -3.58 -46.18
C GLN B 311 2.23 -3.83 -46.06
N SER B 312 2.65 -4.90 -45.38
CA SER B 312 4.08 -5.24 -45.39
C SER B 312 4.58 -5.41 -46.82
N PHE B 313 3.81 -6.12 -47.64
CA PHE B 313 4.23 -6.38 -49.01
C PHE B 313 4.32 -5.09 -49.81
N SER B 314 3.29 -4.25 -49.73
CA SER B 314 3.36 -2.92 -50.32
C SER B 314 4.62 -2.18 -49.88
N GLY B 315 4.98 -2.32 -48.61
CA GLY B 315 6.23 -1.75 -48.14
C GLY B 315 7.44 -2.24 -48.91
N ALA B 316 7.44 -3.53 -49.27
CA ALA B 316 8.64 -4.07 -49.91
C ALA B 316 8.69 -3.85 -51.43
N LEU B 317 7.57 -4.04 -52.13
CA LEU B 317 7.45 -3.97 -53.58
C LEU B 317 8.30 -2.89 -54.24
N LYS B 318 9.15 -3.31 -55.18
CA LYS B 318 9.89 -2.40 -56.05
C LYS B 318 8.99 -1.89 -57.19
N ILE B 319 9.36 -0.75 -57.75
CA ILE B 319 8.68 -0.21 -58.91
C ILE B 319 9.61 -0.25 -60.13
N MET B 320 9.03 0.00 -61.31
CA MET B 320 9.75 -0.27 -62.56
C MET B 320 10.92 0.68 -62.77
N THR B 321 10.86 1.89 -62.22
CA THR B 321 11.99 2.80 -62.35
C THR B 321 13.16 2.39 -61.46
N GLU B 322 12.94 1.49 -60.50
CA GLU B 322 13.98 0.96 -59.64
C GLU B 322 14.62 -0.30 -60.21
N ASP B 323 13.83 -1.14 -60.89
CA ASP B 323 14.25 -2.50 -61.24
C ASP B 323 13.70 -2.80 -62.62
N SER B 324 14.60 -3.01 -63.60
CA SER B 324 14.21 -3.09 -65.00
C SER B 324 13.22 -4.21 -65.29
N THR B 325 13.30 -5.33 -64.56
CA THR B 325 12.41 -6.45 -64.85
C THR B 325 10.97 -6.18 -64.38
N SER B 326 10.77 -5.24 -63.48
CA SER B 326 9.47 -5.05 -62.86
C SER B 326 8.47 -4.45 -63.84
N PHE B 327 7.26 -5.01 -63.85
CA PHE B 327 6.12 -4.46 -64.58
C PHE B 327 5.27 -3.56 -63.70
N ASN B 328 5.72 -3.26 -62.49
CA ASN B 328 4.89 -2.66 -61.45
C ASN B 328 5.14 -1.16 -61.35
N ALA B 329 4.06 -0.38 -61.42
CA ALA B 329 4.09 1.06 -61.20
C ALA B 329 3.27 1.47 -59.99
N TYR B 330 2.82 0.50 -59.19
CA TYR B 330 2.01 0.75 -58.00
C TYR B 330 2.97 1.11 -56.87
N GLY B 331 3.10 2.42 -56.61
CA GLY B 331 4.10 2.96 -55.71
C GLY B 331 4.89 4.09 -56.35
N PHE B 332 4.60 4.35 -57.63
CA PHE B 332 5.28 5.39 -58.39
C PHE B 332 4.86 6.79 -57.95
N SER B 333 5.80 7.72 -57.96
CA SER B 333 5.53 9.12 -57.66
C SER B 333 5.98 10.01 -58.81
N TRP B 334 5.15 11.00 -59.15
CA TRP B 334 5.55 11.99 -60.15
C TRP B 334 6.62 12.93 -59.59
N THR B 335 6.55 13.25 -58.30
CA THR B 335 7.39 14.29 -57.72
C THR B 335 8.82 13.80 -57.54
N ASN B 336 9.70 14.75 -57.25
CA ASN B 336 11.11 14.51 -56.93
C ASN B 336 11.75 13.61 -57.99
N GLY B 337 11.70 14.09 -59.24
CA GLY B 337 12.36 13.41 -60.34
C GLY B 337 11.52 12.34 -61.02
N GLY B 338 10.40 11.93 -60.42
CA GLY B 338 9.64 10.80 -60.93
C GLY B 338 9.32 10.88 -62.41
N ALA B 339 8.82 12.04 -62.86
CA ALA B 339 8.48 12.22 -64.28
C ALA B 339 9.69 11.93 -65.17
N GLU B 340 10.82 12.58 -64.86
CA GLU B 340 12.04 12.34 -65.62
C GLU B 340 12.43 10.87 -65.57
N ASP B 341 12.36 10.26 -64.37
CA ASP B 341 12.63 8.84 -64.24
C ASP B 341 11.79 8.01 -65.21
N LEU B 342 10.50 8.31 -65.29
CA LEU B 342 9.62 7.63 -66.23
C LEU B 342 10.13 7.78 -67.66
N ALA B 343 10.56 8.98 -68.01
CA ALA B 343 11.09 9.22 -69.36
C ALA B 343 12.36 8.38 -69.61
N ILE B 344 13.36 8.51 -68.73
CA ILE B 344 14.63 7.80 -68.91
C ILE B 344 14.40 6.29 -68.96
N TRP B 345 13.44 5.80 -68.17
CA TRP B 345 13.04 4.40 -68.21
C TRP B 345 12.48 4.04 -69.59
N ALA B 346 11.32 4.63 -69.93
CA ALA B 346 10.66 4.39 -71.19
C ALA B 346 11.60 4.36 -72.39
N ARG B 347 12.46 5.39 -72.50
CA ARG B 347 13.18 5.59 -73.76
C ARG B 347 14.28 4.57 -74.01
N GLN B 348 14.48 3.60 -73.11
CA GLN B 348 15.38 2.48 -73.35
C GLN B 348 14.64 1.21 -73.76
N ALA B 349 13.39 1.35 -74.19
CA ALA B 349 12.65 0.23 -74.75
C ALA B 349 13.27 -0.22 -76.07
N GLY B 350 13.04 -1.48 -76.42
CA GLY B 350 13.67 -2.11 -77.57
C GLY B 350 12.79 -2.20 -78.81
N GLU B 351 13.44 -2.50 -79.93
CA GLU B 351 12.77 -2.77 -81.18
C GLU B 351 11.78 -3.93 -81.04
N ALA B 352 10.53 -3.67 -81.43
CA ALA B 352 9.46 -4.64 -81.23
C ALA B 352 9.70 -5.90 -82.06
N GLY B 353 9.90 -7.02 -81.36
CA GLY B 353 10.19 -8.29 -81.98
C GLY B 353 11.59 -8.79 -81.73
N LYS B 354 12.52 -7.87 -81.44
CA LYS B 354 13.93 -8.18 -81.24
C LYS B 354 14.34 -8.05 -79.78
N LYS B 355 14.05 -6.92 -79.15
CA LYS B 355 14.42 -6.62 -77.79
C LYS B 355 13.17 -6.32 -76.95
N PRO B 356 13.27 -6.37 -75.61
CA PRO B 356 12.07 -6.27 -74.77
C PRO B 356 11.53 -4.85 -74.71
N PRO B 357 10.22 -4.68 -74.67
CA PRO B 357 9.60 -3.36 -74.50
C PRO B 357 9.65 -2.91 -73.05
N ARG B 358 9.14 -1.70 -72.80
CA ARG B 358 8.99 -1.18 -71.44
C ARG B 358 7.50 -1.08 -71.10
N ILE B 359 7.04 -1.85 -70.11
CA ILE B 359 5.63 -1.91 -69.75
C ILE B 359 5.49 -1.67 -68.26
N ALA B 360 4.57 -0.78 -67.87
CA ALA B 360 4.28 -0.53 -66.47
C ALA B 360 2.77 -0.52 -66.24
N CYS B 361 2.34 -1.07 -65.10
CA CYS B 361 0.92 -1.16 -64.77
C CYS B 361 0.63 -0.61 -63.38
N TYR B 362 -0.49 0.09 -63.28
CA TYR B 362 -1.12 0.48 -62.01
C TYR B 362 -2.59 0.14 -62.20
N GLY B 363 -3.02 -0.98 -61.63
CA GLY B 363 -4.34 -1.51 -61.98
C GLY B 363 -4.40 -1.77 -63.47
N ASP B 364 -5.54 -1.48 -64.06
CA ASP B 364 -5.64 -1.61 -65.51
C ASP B 364 -4.96 -0.47 -66.26
N ASP B 365 -4.57 0.60 -65.56
CA ASP B 365 -3.91 1.74 -66.22
C ASP B 365 -2.47 1.36 -66.55
N THR B 366 -2.20 1.18 -67.84
CA THR B 366 -0.91 0.66 -68.32
C THR B 366 -0.23 1.68 -69.22
N ASP B 367 1.10 1.58 -69.29
CA ASP B 367 1.92 2.41 -70.17
C ASP B 367 2.93 1.50 -70.87
N ILE B 368 2.84 1.45 -72.21
CA ILE B 368 3.64 0.55 -73.03
C ILE B 368 4.51 1.40 -73.97
N TYR B 369 5.81 1.09 -74.01
CA TYR B 369 6.75 1.71 -74.93
C TYR B 369 7.48 0.65 -75.74
N TYR B 370 7.65 0.92 -77.03
CA TYR B 370 8.28 -0.03 -77.95
C TYR B 370 8.83 0.73 -79.16
N ARG B 371 9.87 0.17 -79.78
CA ARG B 371 10.46 0.82 -80.93
C ARG B 371 10.06 0.14 -82.25
N LYS B 372 10.18 0.90 -83.32
CA LYS B 372 9.78 0.46 -84.65
C LYS B 372 10.67 1.22 -85.61
N ASP B 373 11.60 0.51 -86.26
CA ASP B 373 12.63 1.13 -87.10
C ASP B 373 13.38 2.22 -86.34
N GLY B 374 13.70 1.92 -85.09
CA GLY B 374 14.38 2.86 -84.23
C GLY B 374 13.50 3.88 -83.55
N LYS B 375 12.30 4.14 -84.06
CA LYS B 375 11.49 5.24 -83.55
C LYS B 375 10.61 4.76 -82.40
N LEU B 376 10.55 5.56 -81.33
CA LEU B 376 9.87 5.19 -80.09
C LEU B 376 8.37 5.46 -80.18
N TYR B 377 7.57 4.48 -79.76
CA TYR B 377 6.11 4.56 -79.75
C TYR B 377 5.59 4.24 -78.35
N ARG B 378 4.39 4.75 -78.06
CA ARG B 378 3.73 4.64 -76.76
C ARG B 378 2.26 4.26 -76.94
N ILE B 379 1.75 3.42 -76.03
CA ILE B 379 0.34 3.06 -75.96
C ILE B 379 -0.12 3.14 -74.51
N CYS B 380 -1.32 3.68 -74.30
CA CYS B 380 -1.92 3.84 -72.96
C CYS B 380 -3.32 3.27 -72.94
N PRO B 381 -3.47 1.94 -72.89
CA PRO B 381 -4.80 1.32 -72.91
C PRO B 381 -5.41 1.05 -71.54
N ASP B 382 -6.74 1.04 -71.52
CA ASP B 382 -7.54 0.71 -70.34
C ASP B 382 -8.37 -0.55 -70.60
N PHE B 383 -8.79 -1.20 -69.52
CA PHE B 383 -9.67 -2.36 -69.57
C PHE B 383 -11.04 -2.02 -68.97
N LYS B 384 -12.09 -2.66 -69.49
CA LYS B 384 -13.47 -2.45 -69.03
C LYS B 384 -13.82 -3.44 -67.93
N GLN B 385 -14.29 -2.92 -66.79
CA GLN B 385 -14.58 -3.73 -65.60
C GLN B 385 -13.56 -4.76 -65.15
N MET B 386 -12.30 -4.32 -65.01
CA MET B 386 -11.17 -5.22 -64.91
C MET B 386 -11.36 -6.29 -63.83
N ASP B 387 -12.03 -5.93 -62.73
CA ASP B 387 -12.32 -6.90 -61.67
C ASP B 387 -12.96 -8.17 -62.23
N GLY B 388 -13.93 -8.02 -63.12
CA GLY B 388 -14.60 -9.18 -63.68
C GLY B 388 -13.70 -10.10 -64.47
N SER B 389 -12.53 -9.61 -64.90
CA SER B 389 -11.59 -10.42 -65.68
C SER B 389 -10.53 -11.11 -64.82
N VAL B 390 -10.47 -10.83 -63.53
CA VAL B 390 -9.43 -11.38 -62.67
C VAL B 390 -9.81 -12.78 -62.23
N ASP B 391 -8.98 -13.76 -62.59
CA ASP B 391 -9.31 -15.18 -62.46
C ASP B 391 -8.85 -15.75 -61.12
N ALA B 392 -9.55 -16.80 -60.69
CA ALA B 392 -9.25 -17.45 -59.41
C ALA B 392 -7.80 -17.93 -59.33
N THR B 393 -7.26 -18.46 -60.43
CA THR B 393 -5.87 -18.89 -60.44
C THR B 393 -4.94 -17.73 -60.07
N THR B 394 -5.14 -16.57 -60.72
CA THR B 394 -4.31 -15.42 -60.43
C THR B 394 -4.43 -14.99 -58.97
N ILE B 395 -5.65 -14.96 -58.43
CA ILE B 395 -5.84 -14.55 -57.05
C ILE B 395 -5.13 -15.50 -56.10
N GLU B 396 -5.36 -16.80 -56.27
CA GLU B 396 -4.71 -17.79 -55.42
C GLU B 396 -3.18 -17.69 -55.54
N ALA B 397 -2.68 -17.49 -56.76
CA ALA B 397 -1.24 -17.38 -56.95
C ALA B 397 -0.66 -16.16 -56.25
N VAL B 398 -1.39 -15.04 -56.26
CA VAL B 398 -0.88 -13.83 -55.62
C VAL B 398 -0.92 -13.98 -54.11
N VAL B 399 -2.01 -14.51 -53.57
CA VAL B 399 -2.08 -14.77 -52.13
C VAL B 399 -0.94 -15.69 -51.71
N ASP B 400 -0.72 -16.76 -52.48
CA ASP B 400 0.41 -17.65 -52.25
C ASP B 400 1.73 -16.90 -52.26
N TYR B 401 1.93 -16.05 -53.29
CA TYR B 401 3.20 -15.34 -53.44
C TYR B 401 3.47 -14.45 -52.23
N VAL B 402 2.43 -13.79 -51.72
CA VAL B 402 2.61 -12.88 -50.58
C VAL B 402 2.88 -13.66 -49.30
N VAL B 403 1.97 -14.60 -48.96
CA VAL B 403 2.16 -15.45 -47.79
C VAL B 403 3.53 -16.11 -47.80
N ASP B 404 3.93 -16.62 -48.97
CA ASP B 404 5.23 -17.26 -49.14
C ASP B 404 6.37 -16.28 -48.91
N ALA B 405 6.31 -15.11 -49.55
CA ALA B 405 7.32 -14.08 -49.33
C ALA B 405 7.52 -13.84 -47.84
N HIS B 406 6.44 -13.93 -47.06
CA HIS B 406 6.60 -13.73 -45.63
C HIS B 406 7.19 -14.95 -44.94
N VAL B 407 6.59 -16.13 -45.15
CA VAL B 407 7.03 -17.32 -44.43
C VAL B 407 8.40 -17.82 -44.87
N LYS B 408 8.91 -17.32 -46.00
CA LYS B 408 10.30 -17.54 -46.34
C LYS B 408 11.21 -16.81 -45.34
N GLN B 409 10.97 -15.52 -45.15
CA GLN B 409 11.79 -14.72 -44.24
C GLN B 409 11.55 -15.09 -42.78
N TYR B 410 10.37 -15.60 -42.44
CA TYR B 410 9.98 -15.79 -41.04
C TYR B 410 9.26 -17.13 -40.91
N PRO B 411 10.00 -18.24 -41.02
CA PRO B 411 9.35 -19.56 -41.14
C PRO B 411 8.47 -19.92 -39.96
N THR B 412 8.76 -19.41 -38.76
CA THR B 412 8.15 -19.94 -37.54
C THR B 412 6.63 -19.81 -37.52
N ALA B 413 6.05 -18.96 -38.37
CA ALA B 413 4.62 -18.72 -38.36
C ALA B 413 3.90 -19.30 -39.56
N ARG B 414 4.57 -20.18 -40.32
CA ARG B 414 4.08 -20.62 -41.62
C ARG B 414 2.60 -20.97 -41.54
N GLN B 415 2.29 -21.99 -40.74
CA GLN B 415 0.94 -22.56 -40.73
C GLN B 415 -0.10 -21.46 -40.54
N PHE B 416 0.12 -20.60 -39.55
CA PHE B 416 -0.93 -19.64 -39.19
C PHE B 416 -1.28 -18.79 -40.40
N TRP B 417 -0.27 -18.21 -41.04
CA TRP B 417 -0.60 -17.29 -42.11
C TRP B 417 -1.12 -18.02 -43.33
N GLU B 418 -0.73 -19.29 -43.51
CA GLU B 418 -1.33 -20.05 -44.59
C GLU B 418 -2.82 -20.21 -44.35
N GLU B 419 -3.21 -20.40 -43.08
CA GLU B 419 -4.63 -20.47 -42.77
C GLU B 419 -5.31 -19.13 -43.00
N VAL B 420 -4.55 -18.03 -42.87
CA VAL B 420 -5.12 -16.73 -43.21
C VAL B 420 -5.26 -16.60 -44.72
N GLY B 421 -4.32 -17.18 -45.48
CA GLY B 421 -4.43 -17.12 -46.93
C GLY B 421 -5.73 -17.73 -47.43
N LYS B 422 -6.06 -18.93 -46.93
CA LYS B 422 -7.33 -19.57 -47.27
C LYS B 422 -8.50 -18.62 -47.03
N LEU B 423 -8.41 -17.83 -45.96
CA LEU B 423 -9.47 -16.86 -45.69
C LEU B 423 -9.45 -15.76 -46.74
N TRP B 424 -8.28 -15.16 -46.97
CA TRP B 424 -8.11 -14.09 -47.94
C TRP B 424 -8.78 -14.45 -49.26
N VAL B 425 -8.45 -15.63 -49.79
CA VAL B 425 -8.99 -16.06 -51.07
C VAL B 425 -10.51 -16.15 -51.01
N GLU B 426 -11.04 -16.81 -49.97
CA GLU B 426 -12.50 -16.93 -49.87
C GLU B 426 -13.15 -15.55 -49.75
N MET B 427 -12.39 -14.58 -49.26
CA MET B 427 -12.87 -13.21 -49.15
C MET B 427 -12.84 -12.47 -50.48
N ALA B 428 -11.90 -12.83 -51.35
CA ALA B 428 -11.72 -12.14 -52.62
C ALA B 428 -12.59 -12.68 -53.74
N THR B 429 -13.14 -13.89 -53.59
CA THR B 429 -13.78 -14.59 -54.69
C THR B 429 -15.21 -14.99 -54.36
N GLN B 430 -15.49 -15.29 -53.09
CA GLN B 430 -16.71 -16.03 -52.76
C GLN B 430 -17.40 -15.52 -51.50
N SER B 431 -17.14 -14.28 -51.10
CA SER B 431 -17.82 -13.74 -49.93
C SER B 431 -19.32 -13.67 -50.15
N PRO B 432 -20.14 -14.10 -49.19
CA PRO B 432 -21.56 -13.77 -49.26
C PRO B 432 -21.76 -12.29 -48.95
N PHE B 433 -22.77 -11.69 -49.57
CA PHE B 433 -22.88 -10.24 -49.46
C PHE B 433 -24.31 -9.76 -49.60
N LEU B 434 -24.59 -8.65 -48.95
CA LEU B 434 -25.87 -7.96 -49.07
C LEU B 434 -25.80 -6.91 -50.18
N ILE B 435 -26.98 -6.52 -50.66
CA ILE B 435 -27.07 -5.42 -51.61
C ILE B 435 -28.09 -4.42 -51.09
N ASP B 436 -29.37 -4.72 -51.24
CA ASP B 436 -30.44 -3.87 -50.71
C ASP B 436 -31.46 -4.73 -50.01
N GLY B 437 -31.63 -4.50 -48.72
CA GLY B 437 -32.56 -5.26 -47.91
C GLY B 437 -31.96 -6.51 -47.31
N THR B 438 -32.79 -7.52 -47.11
CA THR B 438 -32.47 -8.66 -46.27
C THR B 438 -31.85 -9.83 -47.03
N LYS B 439 -32.12 -9.93 -48.33
CA LYS B 439 -31.58 -11.03 -49.14
C LYS B 439 -30.06 -11.04 -49.15
N VAL B 440 -29.49 -12.23 -49.06
CA VAL B 440 -28.04 -12.44 -49.13
C VAL B 440 -27.72 -13.11 -50.45
N TYR B 441 -26.65 -12.67 -51.11
CA TYR B 441 -26.26 -13.17 -52.42
C TYR B 441 -24.85 -13.73 -52.36
N ARG B 442 -24.42 -14.34 -53.46
CA ARG B 442 -23.03 -14.75 -53.63
C ARG B 442 -22.73 -14.93 -55.11
N LYS B 443 -21.53 -14.52 -55.52
CA LYS B 443 -21.04 -14.73 -56.87
C LYS B 443 -21.12 -16.21 -57.26
N MET B 444 -21.63 -16.46 -58.46
CA MET B 444 -21.83 -17.83 -58.92
C MET B 444 -20.50 -18.55 -59.14
N GLN B 445 -19.58 -17.90 -59.82
CA GLN B 445 -18.27 -18.45 -60.14
C GLN B 445 -17.23 -18.03 -59.11
N LYS B 446 -16.13 -18.79 -59.06
CA LYS B 446 -14.97 -18.36 -58.29
C LYS B 446 -14.22 -17.22 -58.97
N ASP B 447 -14.16 -17.23 -60.29
CA ASP B 447 -13.48 -16.19 -61.04
C ASP B 447 -14.12 -14.82 -60.78
N GLY B 448 -13.32 -13.77 -60.96
CA GLY B 448 -13.82 -12.42 -60.77
C GLY B 448 -13.53 -11.87 -59.40
N LEU B 449 -12.88 -10.72 -59.33
CA LEU B 449 -12.46 -10.16 -58.05
C LEU B 449 -13.59 -9.34 -57.44
N MET B 450 -13.75 -9.47 -56.12
CA MET B 450 -14.73 -8.68 -55.39
C MET B 450 -14.02 -7.41 -54.95
N THR B 451 -14.10 -6.39 -55.81
CA THR B 451 -13.45 -5.11 -55.56
C THR B 451 -13.86 -4.55 -54.21
N GLY B 452 -12.85 -4.13 -53.44
CA GLY B 452 -13.04 -3.71 -52.06
C GLY B 452 -12.30 -4.57 -51.06
N VAL B 453 -11.96 -5.80 -51.44
CA VAL B 453 -11.16 -6.66 -50.58
C VAL B 453 -9.74 -6.11 -50.48
N VAL B 454 -9.11 -6.37 -49.34
CA VAL B 454 -7.71 -6.02 -49.17
C VAL B 454 -6.89 -6.63 -50.30
N GLY B 455 -6.01 -5.82 -50.89
CA GLY B 455 -5.17 -6.27 -51.98
C GLY B 455 -5.74 -6.06 -53.37
N THR B 456 -6.96 -5.52 -53.48
CA THR B 456 -7.64 -5.26 -54.75
C THR B 456 -6.69 -4.74 -55.83
N THR B 457 -6.06 -3.60 -55.55
CA THR B 457 -5.22 -2.95 -56.54
C THR B 457 -4.07 -3.86 -56.98
N LEU B 458 -3.55 -4.68 -56.06
CA LEU B 458 -2.47 -5.58 -56.38
C LEU B 458 -2.93 -6.71 -57.30
N PHE B 459 -4.09 -7.30 -57.00
CA PHE B 459 -4.64 -8.32 -57.89
C PHE B 459 -4.84 -7.78 -59.30
N ASP B 460 -5.42 -6.59 -59.40
CA ASP B 460 -5.61 -5.96 -60.71
C ASP B 460 -4.27 -5.79 -61.42
N THR B 461 -3.29 -5.20 -60.72
CA THR B 461 -1.99 -4.96 -61.33
C THR B 461 -1.36 -6.25 -61.81
N VAL B 462 -1.54 -7.33 -61.05
CA VAL B 462 -0.91 -8.59 -61.42
C VAL B 462 -1.53 -9.14 -62.69
N LYS B 463 -2.85 -9.42 -62.66
CA LYS B 463 -3.54 -9.90 -63.85
C LYS B 463 -3.17 -9.11 -65.10
N SER B 464 -3.25 -7.77 -64.99
CA SER B 464 -2.84 -6.89 -66.08
C SER B 464 -1.43 -7.22 -66.59
N ALA B 465 -0.45 -7.21 -65.67
CA ALA B 465 0.94 -7.41 -66.07
C ALA B 465 1.15 -8.79 -66.68
N LEU B 466 0.49 -9.81 -66.14
CA LEU B 466 0.60 -11.15 -66.70
C LEU B 466 0.17 -11.16 -68.16
N ALA B 467 -0.98 -10.54 -68.45
CA ALA B 467 -1.45 -10.48 -69.82
C ALA B 467 -0.47 -9.71 -70.71
N TYR B 468 0.00 -8.55 -70.25
CA TYR B 468 0.90 -7.77 -71.09
C TYR B 468 2.25 -8.46 -71.28
N ASN B 469 2.63 -9.33 -70.35
CA ASN B 469 3.85 -10.13 -70.50
C ASN B 469 3.66 -11.19 -71.56
N ASP B 470 2.49 -11.85 -71.56
CA ASP B 470 2.18 -12.76 -72.66
C ASP B 470 2.20 -12.04 -74.00
N TRP B 471 1.68 -10.80 -74.04
CA TRP B 471 1.75 -9.97 -75.23
C TRP B 471 3.19 -9.80 -75.72
N ALA B 472 4.08 -9.38 -74.83
CA ALA B 472 5.47 -9.20 -75.25
C ALA B 472 6.09 -10.52 -75.69
N ASP B 473 5.71 -11.62 -75.04
CA ASP B 473 6.25 -12.92 -75.40
C ASP B 473 5.80 -13.31 -76.81
N GLN B 474 4.55 -12.99 -77.16
CA GLN B 474 4.06 -13.21 -78.51
C GLN B 474 4.77 -12.29 -79.51
N LEU B 475 5.23 -11.13 -79.06
CA LEU B 475 6.00 -10.27 -79.95
C LEU B 475 7.35 -10.90 -80.27
N MET B 476 7.97 -11.58 -79.29
CA MET B 476 9.23 -12.23 -79.58
C MET B 476 9.09 -13.35 -80.60
N PHE B 477 7.91 -13.98 -80.69
CA PHE B 477 7.65 -14.98 -81.71
C PHE B 477 7.06 -14.39 -82.99
N GLY B 478 7.48 -13.18 -83.35
CA GLY B 478 7.22 -12.58 -84.64
C GLY B 478 5.79 -12.17 -84.92
N SER B 479 4.91 -12.18 -83.93
CA SER B 479 3.52 -11.77 -84.13
C SER B 479 3.37 -10.25 -83.94
N LEU B 480 4.00 -9.49 -84.83
CA LEU B 480 3.99 -8.04 -84.67
C LEU B 480 2.65 -7.42 -85.02
N ASN B 481 1.72 -8.19 -85.59
CA ASN B 481 0.38 -7.70 -85.84
C ASN B 481 -0.40 -7.52 -84.55
N LEU B 482 0.20 -7.91 -83.43
CA LEU B 482 -0.35 -7.62 -82.11
C LEU B 482 -0.12 -6.18 -81.71
N LEU B 483 0.71 -5.45 -82.44
CA LEU B 483 0.86 -4.01 -82.25
C LEU B 483 -0.31 -3.21 -82.81
N GLU B 484 -1.24 -3.87 -83.50
CA GLU B 484 -2.36 -3.22 -84.18
C GLU B 484 -3.63 -3.42 -83.36
N GLU B 485 -4.40 -2.34 -83.20
CA GLU B 485 -5.66 -2.37 -82.46
C GLU B 485 -6.50 -3.62 -82.75
N LYS B 486 -6.78 -3.83 -84.05
CA LYS B 486 -7.55 -4.95 -84.56
C LYS B 486 -7.25 -6.25 -83.83
N TYR B 487 -5.99 -6.66 -83.85
CA TYR B 487 -5.61 -7.97 -83.35
C TYR B 487 -5.33 -7.96 -81.86
N ALA B 488 -4.88 -6.83 -81.31
CA ALA B 488 -4.65 -6.75 -79.87
C ALA B 488 -5.93 -6.96 -79.08
N ILE B 489 -7.03 -6.33 -79.52
CA ILE B 489 -8.30 -6.51 -78.84
C ILE B 489 -8.67 -8.00 -78.80
N GLU B 490 -8.60 -8.65 -79.96
CA GLU B 490 -8.81 -10.10 -80.05
C GLU B 490 -7.92 -10.85 -79.08
N PHE B 491 -6.63 -10.52 -79.06
CA PHE B 491 -5.67 -11.25 -78.25
C PHE B 491 -6.06 -11.21 -76.79
N PHE B 492 -6.32 -10.00 -76.26
CA PHE B 492 -6.62 -9.92 -74.84
C PHE B 492 -7.97 -10.57 -74.52
N LYS B 493 -8.98 -10.36 -75.37
CA LYS B 493 -10.27 -11.02 -75.17
C LYS B 493 -10.14 -12.53 -75.10
N ASN B 494 -9.47 -13.13 -76.10
CA ASN B 494 -9.49 -14.57 -76.25
C ASN B 494 -8.50 -15.27 -75.33
N LYS B 495 -7.32 -14.68 -75.12
CA LYS B 495 -6.28 -15.32 -74.35
C LYS B 495 -6.26 -14.91 -72.88
N HIS B 496 -7.07 -13.93 -72.48
CA HIS B 496 -6.99 -13.47 -71.10
C HIS B 496 -8.33 -13.00 -70.54
N GLY B 497 -9.35 -12.91 -71.39
CA GLY B 497 -10.63 -12.41 -70.92
C GLY B 497 -10.64 -10.93 -70.61
N LEU B 498 -9.73 -10.17 -71.20
CA LEU B 498 -9.60 -8.75 -70.93
C LEU B 498 -10.24 -7.95 -72.06
N VAL B 499 -11.13 -7.04 -71.70
CA VAL B 499 -11.93 -6.28 -72.67
C VAL B 499 -11.37 -4.87 -72.72
N ILE B 500 -10.68 -4.54 -73.81
CA ILE B 500 -10.01 -3.24 -73.96
C ILE B 500 -11.09 -2.18 -74.22
N LYS B 501 -11.24 -1.24 -73.29
CA LYS B 501 -12.08 -0.08 -73.51
C LYS B 501 -11.69 0.59 -74.82
N GLU B 502 -12.61 0.59 -75.79
CA GLU B 502 -12.23 0.84 -77.17
C GLU B 502 -11.76 2.28 -77.38
N GLY B 503 -10.87 2.46 -78.35
CA GLY B 503 -10.25 3.73 -78.62
C GLY B 503 -9.07 4.06 -77.73
N THR B 504 -8.74 3.18 -76.77
CA THR B 504 -7.58 3.39 -75.93
C THR B 504 -6.30 2.76 -76.49
N TRP B 505 -6.43 1.86 -77.46
CA TRP B 505 -5.28 1.34 -78.19
C TRP B 505 -5.07 2.20 -79.43
N LYS B 506 -4.36 3.31 -79.23
CA LYS B 506 -4.01 4.23 -80.32
C LYS B 506 -2.53 4.58 -80.15
N PRO B 507 -1.63 3.74 -80.65
CA PRO B 507 -0.19 4.00 -80.49
C PRO B 507 0.22 5.33 -81.10
N ALA B 508 1.15 6.01 -80.44
CA ALA B 508 1.51 7.37 -80.79
C ALA B 508 3.02 7.56 -80.74
N LEU B 509 3.52 8.41 -81.63
CA LEU B 509 4.94 8.68 -81.76
C LEU B 509 5.40 9.57 -80.60
N VAL B 510 6.41 9.12 -79.87
CA VAL B 510 6.90 9.86 -78.71
C VAL B 510 7.89 10.93 -79.15
N ASN B 511 7.72 12.14 -78.62
CA ASN B 511 8.71 13.20 -78.76
C ASN B 511 9.82 12.89 -77.75
N GLU B 512 10.76 12.06 -78.19
CA GLU B 512 11.78 11.49 -77.31
C GLU B 512 12.44 12.53 -76.41
N ASP B 513 12.84 13.66 -76.98
CA ASP B 513 13.53 14.72 -76.24
C ASP B 513 12.81 16.03 -76.51
N PRO B 514 11.83 16.38 -75.67
CA PRO B 514 10.99 17.54 -75.95
C PRO B 514 11.71 18.85 -75.70
N GLY B 515 11.29 19.87 -76.42
CA GLY B 515 11.74 21.23 -76.16
C GLY B 515 10.86 21.92 -75.13
N PHE B 516 11.36 23.04 -74.61
CA PHE B 516 10.64 23.81 -73.59
C PHE B 516 9.19 24.02 -73.99
N GLY B 517 8.28 23.50 -73.16
CA GLY B 517 6.86 23.66 -73.38
C GLY B 517 6.20 22.56 -74.19
N GLU B 518 6.97 21.64 -74.75
CA GLU B 518 6.42 20.58 -75.60
C GLU B 518 6.01 19.37 -74.77
N LEU B 519 5.02 18.63 -75.28
CA LEU B 519 4.56 17.41 -74.63
C LEU B 519 5.44 16.21 -75.00
N TRP B 520 5.33 15.17 -74.18
CA TRP B 520 5.94 13.88 -74.45
C TRP B 520 5.11 13.09 -75.47
N THR B 521 3.85 12.84 -75.12
CA THR B 521 2.77 12.64 -76.08
C THR B 521 1.52 13.25 -75.48
N GLU B 522 0.45 13.32 -76.28
CA GLU B 522 -0.80 13.85 -75.77
C GLU B 522 -1.55 12.87 -74.88
N GLN B 523 -1.08 11.62 -74.81
CA GLN B 523 -1.74 10.57 -74.05
C GLN B 523 -1.58 10.79 -72.55
N LYS B 524 -2.49 10.20 -71.79
CA LYS B 524 -2.52 10.31 -70.34
C LYS B 524 -2.17 8.97 -69.71
N PHE B 525 -1.29 9.00 -68.71
CA PHE B 525 -0.97 7.83 -67.89
C PHE B 525 -1.09 8.26 -66.44
N LEU B 526 -1.87 7.51 -65.67
CA LEU B 526 -2.28 7.94 -64.33
C LEU B 526 -2.95 9.31 -64.40
N GLY B 527 -3.75 9.50 -65.45
CA GLY B 527 -4.57 10.68 -65.62
C GLY B 527 -3.85 11.95 -66.00
N LEU B 528 -2.56 11.88 -66.35
CA LEU B 528 -1.79 13.09 -66.57
C LEU B 528 -0.90 12.95 -67.80
N GLN B 529 -0.80 14.04 -68.56
CA GLN B 529 0.16 14.14 -69.65
C GLN B 529 1.53 14.49 -69.09
N LEU B 530 2.57 14.06 -69.80
CA LEU B 530 3.94 14.41 -69.46
C LEU B 530 4.40 15.59 -70.31
N LYS B 531 5.13 16.52 -69.70
CA LYS B 531 5.53 17.73 -70.40
C LYS B 531 6.85 18.21 -69.83
N VAL B 532 7.55 19.05 -70.61
CA VAL B 532 8.85 19.59 -70.21
C VAL B 532 8.72 21.11 -70.11
N VAL B 533 9.32 21.67 -69.06
CA VAL B 533 9.31 23.12 -68.83
C VAL B 533 10.74 23.59 -68.61
N ARG B 534 10.97 24.88 -68.83
CA ARG B 534 12.31 25.43 -68.70
C ARG B 534 12.56 25.88 -67.26
N ARG B 535 13.73 25.55 -66.74
CA ARG B 535 14.21 26.08 -65.48
C ARG B 535 15.68 26.42 -65.62
N GLU B 536 16.02 27.71 -65.68
CA GLU B 536 17.40 28.19 -65.89
C GLU B 536 18.13 27.35 -66.93
N ASN B 537 17.53 27.24 -68.12
CA ASN B 537 18.05 26.51 -69.27
C ASN B 537 18.08 25.01 -69.07
N GLU B 538 17.42 24.50 -68.04
CA GLU B 538 17.25 23.08 -67.79
C GLU B 538 15.85 22.66 -68.21
N LYS B 539 15.66 21.34 -68.28
CA LYS B 539 14.38 20.77 -68.68
C LYS B 539 13.85 19.99 -67.48
N VAL B 540 12.74 20.47 -66.91
CA VAL B 540 12.07 19.77 -65.82
C VAL B 540 10.86 19.04 -66.40
N TYR B 541 10.79 17.73 -66.16
CA TYR B 541 9.63 16.95 -66.57
C TYR B 541 8.55 17.06 -65.50
N VAL B 542 7.33 17.40 -65.93
CA VAL B 542 6.23 17.71 -65.02
C VAL B 542 4.92 17.19 -65.59
N PRO B 543 3.92 16.99 -64.74
CA PRO B 543 2.59 16.62 -65.24
C PRO B 543 1.85 17.82 -65.82
N ASN B 544 0.84 17.50 -66.62
CA ASN B 544 0.09 18.53 -67.32
C ASN B 544 -1.25 17.99 -67.78
N LEU B 545 -2.22 18.90 -67.95
CA LEU B 545 -3.49 18.59 -68.58
C LEU B 545 -3.98 19.83 -69.30
N PRO B 546 -4.84 19.67 -70.31
CA PRO B 546 -5.50 20.84 -70.90
C PRO B 546 -6.51 21.46 -69.93
N PHE B 547 -6.74 22.75 -70.13
CA PHE B 547 -7.59 23.53 -69.22
C PHE B 547 -8.94 22.86 -68.96
N GLU B 548 -9.60 22.37 -70.01
CA GLU B 548 -10.92 21.77 -69.83
C GLU B 548 -10.91 20.70 -68.73
N ASP B 549 -9.83 19.93 -68.65
CA ASP B 549 -9.76 18.85 -67.66
C ASP B 549 -9.59 19.41 -66.25
N TRP B 550 -8.66 20.36 -66.08
CA TRP B 550 -8.50 21.02 -64.79
C TRP B 550 -9.79 21.66 -64.33
N LEU B 551 -10.54 22.28 -65.25
CA LEU B 551 -11.77 22.96 -64.88
C LEU B 551 -12.86 21.96 -64.49
N THR B 552 -12.91 20.82 -65.18
CA THR B 552 -13.84 19.77 -64.80
C THR B 552 -13.54 19.28 -63.39
N MET B 553 -12.25 19.09 -63.08
CA MET B 553 -11.90 18.68 -61.72
C MET B 553 -12.24 19.76 -60.71
N TRP B 554 -12.01 21.03 -61.06
CA TRP B 554 -12.37 22.13 -60.16
C TRP B 554 -13.85 22.11 -59.81
N VAL B 555 -14.71 21.89 -60.81
CA VAL B 555 -16.14 22.10 -60.59
C VAL B 555 -16.86 20.87 -60.05
N THR B 556 -16.17 19.74 -59.86
CA THR B 556 -16.77 18.53 -59.29
C THR B 556 -16.00 18.05 -58.08
N PRO B 557 -16.00 18.81 -56.98
CA PRO B 557 -15.32 18.35 -55.77
C PRO B 557 -15.97 17.10 -55.20
N ARG B 558 -15.19 16.36 -54.42
CA ARG B 558 -15.66 15.12 -53.80
C ARG B 558 -15.99 15.44 -52.34
N SER B 559 -17.28 15.39 -52.01
CA SER B 559 -17.72 15.61 -50.64
C SER B 559 -19.00 14.84 -50.34
N GLU B 565 -21.24 23.70 -41.12
CA GLU B 565 -20.29 24.02 -42.18
C GLU B 565 -20.22 25.53 -42.40
N THR B 566 -19.34 26.16 -41.63
CA THR B 566 -19.24 27.61 -41.59
C THR B 566 -18.86 28.18 -42.96
N GLU B 567 -19.20 29.45 -43.17
CA GLU B 567 -18.57 30.24 -44.23
C GLU B 567 -17.06 30.07 -44.22
N THR B 568 -16.47 30.19 -43.03
CA THR B 568 -15.02 30.11 -42.87
C THR B 568 -14.45 28.83 -43.47
N MET B 569 -14.97 27.68 -43.02
CA MET B 569 -14.42 26.40 -43.45
C MET B 569 -14.60 26.18 -44.95
N ARG B 570 -15.69 26.70 -45.52
CA ARG B 570 -15.91 26.56 -46.96
C ARG B 570 -14.93 27.41 -47.75
N GLU B 571 -14.72 28.64 -47.31
CA GLU B 571 -13.72 29.51 -47.93
C GLU B 571 -12.33 28.86 -47.86
N ARG B 572 -12.06 28.18 -46.74
CA ARG B 572 -10.78 27.51 -46.59
C ARG B 572 -10.68 26.31 -47.53
N THR B 573 -11.77 25.56 -47.68
CA THR B 573 -11.78 24.44 -48.62
C THR B 573 -11.49 24.91 -50.04
N LEU B 574 -12.11 26.02 -50.45
CA LEU B 574 -11.78 26.61 -51.74
C LEU B 574 -10.28 26.87 -51.86
N PHE B 575 -9.70 27.52 -50.84
CA PHE B 575 -8.26 27.78 -50.82
C PHE B 575 -7.45 26.49 -50.96
N ASP B 576 -7.77 25.49 -50.14
CA ASP B 576 -7.04 24.23 -50.12
C ASP B 576 -7.08 23.54 -51.48
N ARG B 577 -8.28 23.43 -52.07
CA ARG B 577 -8.42 22.77 -53.36
C ARG B 577 -7.67 23.50 -54.45
N ALA B 578 -7.71 24.84 -54.44
CA ALA B 578 -6.93 25.59 -55.41
C ALA B 578 -5.45 25.24 -55.31
N ARG B 579 -4.90 25.31 -54.09
CA ARG B 579 -3.52 24.91 -53.87
C ARG B 579 -3.24 23.52 -54.40
N GLY B 580 -4.05 22.54 -53.98
CA GLY B 580 -3.94 21.16 -54.41
C GLY B 580 -3.85 21.00 -55.91
N LEU B 581 -4.84 21.52 -56.64
CA LEU B 581 -4.83 21.41 -58.09
C LEU B 581 -3.56 22.03 -58.68
N LEU B 582 -3.24 23.26 -58.30
CA LEU B 582 -1.96 23.85 -58.71
C LEU B 582 -0.81 22.86 -58.56
N VAL B 583 -0.71 22.24 -57.38
CA VAL B 583 0.40 21.32 -57.13
C VAL B 583 0.32 20.10 -58.05
N THR B 584 -0.90 19.64 -58.35
CA THR B 584 -1.05 18.46 -59.18
C THR B 584 -0.61 18.70 -60.61
N GLY B 585 -0.56 19.95 -61.04
CA GLY B 585 -0.05 20.28 -62.36
C GLY B 585 -0.80 21.40 -63.05
N ALA B 586 -1.80 21.97 -62.38
CA ALA B 586 -2.58 23.04 -62.99
C ALA B 586 -1.78 24.33 -63.13
N VAL B 587 -0.68 24.47 -62.39
CA VAL B 587 0.15 25.66 -62.50
C VAL B 587 0.84 25.73 -63.85
N PHE B 588 0.89 24.64 -64.60
CA PHE B 588 1.54 24.61 -65.90
C PHE B 588 0.57 24.82 -67.05
N ASP B 589 -0.68 25.14 -66.77
CA ASP B 589 -1.65 25.58 -67.78
C ASP B 589 -2.03 27.03 -67.51
N GLU B 590 -2.01 27.84 -68.57
CA GLU B 590 -2.30 29.27 -68.53
C GLU B 590 -3.60 29.72 -67.86
N ARG B 591 -4.71 29.15 -68.36
CA ARG B 591 -6.03 29.51 -67.86
C ARG B 591 -6.26 28.94 -66.47
N ALA B 592 -5.81 27.71 -66.23
CA ALA B 592 -6.04 27.06 -64.94
C ALA B 592 -5.21 27.72 -63.85
N ARG B 593 -3.93 28.02 -64.14
CA ARG B 593 -3.12 28.77 -63.19
C ARG B 593 -3.81 30.07 -62.82
N GLY B 594 -4.35 30.78 -63.83
CA GLY B 594 -5.03 32.04 -63.53
C GLY B 594 -6.24 31.86 -62.64
N LEU B 595 -7.04 30.80 -62.88
CA LEU B 595 -8.23 30.58 -62.07
C LEU B 595 -7.87 30.23 -60.62
N MET B 596 -6.94 29.29 -60.44
CA MET B 596 -6.53 28.93 -59.08
C MET B 596 -5.92 30.12 -58.35
N GLY B 597 -5.11 30.91 -59.07
CA GLY B 597 -4.60 32.14 -58.49
C GLY B 597 -5.70 33.08 -58.02
N ALA B 598 -6.71 33.28 -58.86
CA ALA B 598 -7.83 34.15 -58.48
C ALA B 598 -8.51 33.65 -57.21
N VAL B 599 -8.73 32.34 -57.12
CA VAL B 599 -9.34 31.76 -55.92
C VAL B 599 -8.47 32.05 -54.69
N ILE B 600 -7.18 31.71 -54.79
CA ILE B 600 -6.24 31.97 -53.69
C ILE B 600 -6.30 33.43 -53.25
N ASN B 601 -6.19 34.36 -54.20
CA ASN B 601 -6.15 35.77 -53.85
C ASN B 601 -7.47 36.28 -53.30
N SER B 602 -8.58 35.62 -53.61
CA SER B 602 -9.85 35.98 -52.99
C SER B 602 -9.85 35.64 -51.49
N THR B 603 -9.21 34.54 -51.13
CA THR B 603 -9.21 34.03 -49.76
C THR B 603 -8.79 35.11 -48.76
N ALA B 604 -9.67 35.40 -47.81
CA ALA B 604 -9.40 36.41 -46.80
C ALA B 604 -8.22 35.97 -45.91
N PRO B 605 -7.41 36.93 -45.45
CA PRO B 605 -6.19 36.58 -44.69
C PRO B 605 -6.44 35.70 -43.47
N GLU B 606 -7.50 35.99 -42.71
CA GLU B 606 -7.87 35.15 -41.57
C GLU B 606 -7.94 33.68 -41.97
N VAL B 607 -8.46 33.41 -43.17
CA VAL B 607 -8.65 32.04 -43.63
C VAL B 607 -7.32 31.43 -44.07
N VAL B 608 -6.41 32.25 -44.59
CA VAL B 608 -5.10 31.74 -45.02
C VAL B 608 -4.26 31.34 -43.81
N CYS B 609 -4.19 32.23 -42.81
CA CYS B 609 -3.29 31.99 -41.68
C CYS B 609 -3.96 31.24 -40.54
N MET B 610 -5.26 30.95 -40.68
CA MET B 610 -6.01 30.08 -39.78
C MET B 610 -5.25 28.82 -39.38
N ARG B 611 -5.44 28.40 -38.13
CA ARG B 611 -4.99 27.09 -37.65
C ARG B 611 -5.92 26.00 -38.20
N VAL B 612 -5.38 25.14 -39.05
CA VAL B 612 -6.13 24.03 -39.64
C VAL B 612 -5.30 22.77 -39.46
N GLN B 613 -5.90 21.62 -39.76
CA GLN B 613 -5.18 20.35 -39.70
C GLN B 613 -4.57 19.96 -41.03
N ILE B 637 -0.96 25.60 -38.91
CA ILE B 637 -1.36 26.04 -40.23
C ILE B 637 -0.29 25.75 -41.27
N SER B 638 -0.73 25.68 -42.52
CA SER B 638 0.10 26.02 -43.65
C SER B 638 -0.56 27.21 -44.32
N ASP B 639 0.18 28.31 -44.44
CA ASP B 639 -0.34 29.54 -45.03
C ASP B 639 0.56 29.96 -46.19
N GLY B 640 1.13 28.96 -46.87
CA GLY B 640 1.90 29.18 -48.07
C GLY B 640 1.11 28.72 -49.29
N TYR B 641 1.39 29.36 -50.42
CA TYR B 641 0.81 29.02 -51.71
C TYR B 641 1.87 28.43 -52.63
N PRO B 642 1.46 27.65 -53.63
CA PRO B 642 2.45 27.11 -54.58
C PRO B 642 2.70 28.00 -55.80
N SER B 643 3.80 28.73 -55.76
CA SER B 643 4.27 29.44 -56.93
C SER B 643 4.71 28.47 -58.02
N TYR B 644 4.65 28.94 -59.27
CA TYR B 644 5.22 28.20 -60.39
C TYR B 644 6.60 27.63 -60.05
N ASP B 645 7.49 28.49 -59.52
CA ASP B 645 8.86 28.09 -59.24
C ASP B 645 8.90 26.98 -58.19
N TRP B 646 8.09 27.11 -57.13
CA TRP B 646 8.10 26.11 -56.07
C TRP B 646 7.63 24.76 -56.57
N VAL B 647 6.57 24.74 -57.38
CA VAL B 647 6.07 23.49 -57.92
C VAL B 647 7.10 22.84 -58.85
N VAL B 648 7.73 23.66 -59.70
CA VAL B 648 8.80 23.15 -60.55
C VAL B 648 9.89 22.48 -59.70
N SER B 649 10.28 23.15 -58.61
CA SER B 649 11.24 22.54 -57.69
C SER B 649 10.71 21.24 -57.11
N LEU B 650 9.41 21.19 -56.82
CA LEU B 650 8.81 19.98 -56.27
C LEU B 650 9.00 18.80 -57.21
N TYR B 651 8.85 19.03 -58.51
CA TYR B 651 8.94 17.91 -59.44
C TYR B 651 10.38 17.61 -59.85
N SER B 652 11.30 18.75 -59.82
CA SER B 652 12.72 18.48 -59.96
C SER B 652 13.29 17.78 -58.73
N ARG B 653 14.54 17.33 -58.81
CA ARG B 653 15.16 16.50 -57.79
C ARG B 653 15.65 17.29 -56.58
N ASP B 654 15.36 18.60 -56.54
CA ASP B 654 15.80 19.45 -55.44
C ASP B 654 15.43 18.86 -54.08
N HIS B 655 16.22 19.20 -53.07
CA HIS B 655 15.84 18.91 -51.70
C HIS B 655 14.47 19.50 -51.41
N PRO B 656 13.63 18.86 -50.60
CA PRO B 656 12.33 19.45 -50.27
C PRO B 656 12.48 20.77 -49.53
N CYS B 657 11.47 21.62 -49.68
CA CYS B 657 11.47 22.93 -49.04
C CYS B 657 10.04 23.45 -49.01
N ASP B 658 9.81 24.42 -48.12
CA ASP B 658 8.47 24.91 -47.84
C ASP B 658 7.94 25.85 -48.92
N MET B 659 6.61 25.90 -49.03
CA MET B 659 5.96 26.83 -49.93
C MET B 659 6.26 28.29 -49.54
N PRO B 660 6.29 29.20 -50.51
CA PRO B 660 6.37 30.63 -50.18
C PRO B 660 5.18 31.07 -49.35
N ARG B 661 5.45 31.85 -48.31
CA ARG B 661 4.38 32.42 -47.49
C ARG B 661 3.55 33.40 -48.30
N VAL B 662 2.23 33.34 -48.12
CA VAL B 662 1.35 34.34 -48.73
C VAL B 662 1.55 35.69 -48.06
N PHE B 663 1.69 35.70 -46.74
CA PHE B 663 1.99 36.90 -45.96
C PHE B 663 3.33 36.68 -45.29
N PRO B 664 4.43 37.19 -45.86
CA PRO B 664 5.76 36.86 -45.32
C PRO B 664 5.94 37.27 -43.87
N GLU B 665 5.42 38.44 -43.51
CA GLU B 665 5.56 39.02 -42.18
C GLU B 665 4.35 38.75 -41.29
N ALA B 666 3.61 37.67 -41.57
CA ALA B 666 2.37 37.39 -40.84
C ALA B 666 2.63 36.89 -39.43
N ALA B 667 3.63 36.02 -39.25
CA ALA B 667 3.97 35.52 -37.91
C ALA B 667 4.14 36.67 -36.92
N THR B 668 4.93 37.68 -37.30
CA THR B 668 5.24 38.77 -36.38
C THR B 668 4.02 39.66 -36.16
N LEU B 669 3.25 39.93 -37.22
CA LEU B 669 2.03 40.71 -37.07
C LEU B 669 1.03 40.03 -36.14
N ILE B 670 0.97 38.69 -36.19
CA ILE B 670 0.06 37.97 -35.30
C ILE B 670 0.57 38.03 -33.87
N ALA B 671 1.81 37.58 -33.66
CA ALA B 671 2.38 37.57 -32.32
C ALA B 671 2.49 38.96 -31.69
N SER B 672 2.53 40.01 -32.52
CA SER B 672 2.63 41.41 -32.08
C SER B 672 4.02 41.71 -31.51
N TYR B 673 5.00 40.88 -31.84
CA TYR B 673 6.35 41.02 -31.31
C TYR B 673 7.35 40.54 -32.35
N ARG B 674 8.40 41.64 -33.04
CA ARG B 674 9.67 41.20 -33.58
C ARG B 674 10.57 41.18 -32.35
N LYS B 675 11.58 40.30 -32.42
CA LYS B 675 12.88 40.43 -31.76
C LYS B 675 13.64 41.66 -32.26
N GLN B 676 14.35 42.31 -31.34
CA GLN B 676 15.08 43.54 -31.63
C GLN B 676 16.37 43.53 -30.83
N VAL B 677 17.51 43.40 -31.53
CA VAL B 677 18.80 43.18 -30.88
C VAL B 677 19.09 44.34 -29.94
N MET B 678 19.30 44.02 -28.67
CA MET B 678 19.71 44.98 -27.64
C MET B 678 21.03 44.52 -27.06
N ASP B 679 22.10 45.28 -27.28
CA ASP B 679 23.41 44.86 -26.84
C ASP B 679 23.64 45.28 -25.40
N THR B 680 23.98 44.30 -24.57
CA THR B 680 24.24 44.51 -23.16
C THR B 680 25.70 44.87 -22.89
N ARG B 681 26.55 44.75 -23.90
CA ARG B 681 27.95 45.10 -23.81
C ARG B 681 28.22 46.54 -24.25
N VAL B 682 27.16 47.33 -24.38
CA VAL B 682 27.31 48.71 -24.85
C VAL B 682 27.96 49.55 -23.75
N VAL B 683 28.64 50.61 -24.17
CA VAL B 683 29.28 51.54 -23.24
C VAL B 683 28.30 52.64 -22.89
N ILE B 684 28.25 53.00 -21.61
CA ILE B 684 27.28 53.97 -21.13
C ILE B 684 27.98 55.15 -20.45
N THR C 24 -1.05 -9.09 42.53
CA THR C 24 0.18 -8.93 43.32
C THR C 24 1.07 -7.81 42.75
N ARG C 25 2.38 -7.92 42.97
CA ARG C 25 3.28 -6.79 42.75
C ARG C 25 3.89 -6.89 41.35
N LEU C 26 3.17 -6.35 40.37
CA LEU C 26 3.57 -6.30 38.98
C LEU C 26 4.21 -4.95 38.66
N SER C 27 4.82 -4.87 37.48
CA SER C 27 5.29 -3.61 36.94
C SER C 27 4.22 -3.05 36.00
N LEU C 28 4.23 -1.71 35.84
CA LEU C 28 3.19 -1.05 35.06
C LEU C 28 3.18 -1.53 33.60
N GLU C 29 4.35 -1.66 32.99
CA GLU C 29 4.45 -2.19 31.64
C GLU C 29 3.75 -3.55 31.54
N ALA C 30 4.08 -4.45 32.46
CA ALA C 30 3.46 -5.78 32.47
C ALA C 30 1.97 -5.68 32.75
N MET C 31 1.56 -4.77 33.64
CA MET C 31 0.14 -4.62 33.95
C MET C 31 -0.65 -4.17 32.73
N LEU C 32 -0.03 -3.31 31.90
CA LEU C 32 -0.70 -2.85 30.69
C LEU C 32 -0.79 -3.97 29.66
N ALA C 33 0.27 -4.76 29.50
CA ALA C 33 0.19 -5.94 28.63
C ALA C 33 -0.92 -6.89 29.09
N GLU C 34 -0.96 -7.15 30.40
CA GLU C 34 -1.95 -8.05 30.98
C GLU C 34 -3.37 -7.56 30.70
N ARG C 35 -3.59 -6.25 30.78
CA ARG C 35 -4.93 -5.71 30.53
C ARG C 35 -5.25 -5.67 29.03
N ALA C 36 -4.23 -5.52 28.18
CA ALA C 36 -4.48 -5.53 26.74
C ALA C 36 -4.92 -6.92 26.27
N MET C 37 -4.29 -7.97 26.81
CA MET C 37 -4.66 -9.32 26.39
C MET C 37 -6.13 -9.61 26.71
N VAL C 38 -6.63 -9.09 27.84
CA VAL C 38 -8.02 -9.35 28.19
C VAL C 38 -8.94 -8.42 27.41
N ALA C 39 -8.47 -7.21 27.07
CA ALA C 39 -9.29 -6.31 26.27
C ALA C 39 -9.53 -6.89 24.89
N ARG C 40 -8.58 -7.66 24.37
CA ARG C 40 -8.79 -8.26 23.05
C ARG C 40 -9.80 -9.41 23.06
N GLN C 41 -10.39 -9.74 24.21
CA GLN C 41 -11.40 -10.78 24.32
C GLN C 41 -12.79 -10.25 24.59
N ASP C 42 -12.92 -8.98 24.98
CA ASP C 42 -14.19 -8.37 25.35
C ASP C 42 -14.74 -7.65 24.12
N LEU C 43 -15.47 -8.39 23.30
CA LEU C 43 -15.83 -7.90 21.97
C LEU C 43 -16.77 -6.70 22.02
N ALA C 44 -17.61 -6.59 23.06
CA ALA C 44 -18.43 -5.40 23.21
C ALA C 44 -17.55 -4.16 23.37
N GLY C 45 -16.61 -4.22 24.31
CA GLY C 45 -15.72 -3.10 24.52
C GLY C 45 -14.74 -2.90 23.39
N LEU C 46 -14.32 -4.00 22.76
CA LEU C 46 -13.49 -3.89 21.55
C LEU C 46 -14.20 -3.10 20.47
N LYS C 47 -15.48 -3.44 20.21
CA LYS C 47 -16.29 -2.66 19.28
C LYS C 47 -16.37 -1.20 19.71
N ARG C 48 -16.56 -0.96 21.00
CA ARG C 48 -16.72 0.41 21.49
C ARG C 48 -15.44 1.23 21.29
N LYS C 49 -14.28 0.63 21.52
CA LYS C 49 -13.02 1.38 21.49
C LYS C 49 -12.54 1.69 20.07
N LEU C 50 -12.91 0.85 19.10
CA LEU C 50 -12.44 0.97 17.72
C LEU C 50 -13.44 1.65 16.81
N ALA C 51 -14.46 2.29 17.37
CA ALA C 51 -15.58 2.81 16.57
C ALA C 51 -15.15 3.88 15.57
N GLY C 52 -14.27 4.79 15.96
CA GLY C 52 -13.88 5.87 15.07
C GLY C 52 -12.45 5.79 14.59
N ALA C 53 -11.93 4.58 14.48
CA ALA C 53 -10.53 4.38 14.13
C ALA C 53 -10.29 4.43 12.63
N ASP C 54 -9.16 5.03 12.26
CA ASP C 54 -8.70 5.00 10.88
C ASP C 54 -8.48 3.55 10.45
N ARG C 55 -9.04 3.18 9.31
CA ARG C 55 -9.03 1.80 8.84
C ARG C 55 -8.39 1.75 7.46
N VAL C 56 -7.29 1.03 7.34
CA VAL C 56 -6.65 0.79 6.05
C VAL C 56 -7.53 -0.16 5.24
N LEU C 57 -8.28 0.40 4.29
CA LEU C 57 -9.23 -0.38 3.52
C LEU C 57 -8.55 -1.09 2.36
N ALA C 58 -9.02 -2.31 2.07
CA ALA C 58 -8.52 -3.08 0.94
C ALA C 58 -9.19 -2.62 -0.35
N PRO C 59 -8.52 -2.81 -1.49
CA PRO C 59 -9.19 -2.59 -2.78
C PRO C 59 -10.45 -3.43 -2.88
N GLN C 60 -11.54 -2.80 -3.32
CA GLN C 60 -12.84 -3.45 -3.25
C GLN C 60 -13.65 -3.10 -4.49
N SER C 61 -14.57 -4.01 -4.84
CA SER C 61 -15.56 -3.95 -5.90
C SER C 61 -16.88 -3.40 -5.34
N PRO C 62 -17.61 -2.63 -6.14
CA PRO C 62 -18.87 -2.04 -5.65
C PRO C 62 -19.96 -3.07 -5.41
N GLU C 63 -20.93 -2.66 -4.60
CA GLU C 63 -22.05 -3.54 -4.27
C GLU C 63 -23.00 -3.66 -5.45
N GLN C 64 -23.41 -4.88 -5.75
CA GLN C 64 -24.37 -5.12 -6.82
C GLN C 64 -25.80 -5.19 -6.31
N CYS C 65 -26.01 -5.60 -5.07
CA CYS C 65 -27.34 -5.68 -4.49
C CYS C 65 -27.19 -5.83 -2.98
N GLY C 66 -28.33 -5.75 -2.27
CA GLY C 66 -28.31 -5.74 -0.83
C GLY C 66 -28.04 -7.11 -0.22
N ARG C 67 -27.61 -7.10 1.04
CA ARG C 67 -27.32 -8.34 1.76
C ARG C 67 -28.55 -9.26 1.84
N GLU C 68 -29.74 -8.68 1.96
CA GLU C 68 -30.94 -9.52 2.11
C GLU C 68 -31.33 -10.16 0.77
N SER C 69 -31.34 -9.37 -0.31
CA SER C 69 -31.55 -9.94 -1.64
C SER C 69 -30.52 -11.03 -1.95
N ALA C 70 -29.27 -10.80 -1.53
CA ALA C 70 -28.22 -11.78 -1.78
C ALA C 70 -28.46 -13.04 -0.98
N GLN C 71 -28.89 -12.90 0.28
CA GLN C 71 -29.29 -14.06 1.07
C GLN C 71 -30.41 -14.82 0.37
N ALA C 72 -31.36 -14.11 -0.25
CA ALA C 72 -32.45 -14.81 -0.92
C ALA C 72 -31.92 -15.64 -2.09
N GLN C 73 -31.03 -15.07 -2.89
CA GLN C 73 -30.51 -15.81 -4.05
C GLN C 73 -29.64 -16.99 -3.60
N ALA C 74 -28.85 -16.80 -2.54
CA ALA C 74 -28.04 -17.87 -1.99
C ALA C 74 -28.92 -19.01 -1.48
N ARG C 75 -29.92 -18.69 -0.66
CA ARG C 75 -30.92 -19.64 -0.22
C ARG C 75 -31.47 -20.47 -1.38
N SER C 76 -31.82 -19.80 -2.48
CA SER C 76 -32.35 -20.51 -3.65
C SER C 76 -31.35 -21.53 -4.20
N VAL C 77 -30.11 -21.08 -4.44
CA VAL C 77 -29.11 -21.98 -5.01
C VAL C 77 -28.85 -23.15 -4.07
N THR C 78 -28.66 -22.86 -2.79
CA THR C 78 -28.48 -23.89 -1.77
C THR C 78 -29.59 -24.93 -1.81
N SER C 79 -30.84 -24.49 -2.01
CA SER C 79 -31.93 -25.46 -2.08
C SER C 79 -31.79 -26.37 -3.30
N GLU C 80 -31.51 -25.79 -4.46
CA GLU C 80 -31.35 -26.62 -5.65
C GLU C 80 -30.22 -27.63 -5.47
N LEU C 81 -29.12 -27.19 -4.86
CA LEU C 81 -27.98 -28.08 -4.63
C LEU C 81 -28.33 -29.19 -3.65
N LYS C 82 -29.02 -28.85 -2.56
CA LYS C 82 -29.43 -29.85 -1.59
C LYS C 82 -30.27 -30.94 -2.25
N SER C 83 -31.21 -30.56 -3.12
CA SER C 83 -32.08 -31.59 -3.66
C SER C 83 -31.38 -32.42 -4.73
N ALA C 84 -30.47 -31.82 -5.51
CA ALA C 84 -29.71 -32.63 -6.46
C ALA C 84 -28.79 -33.60 -5.72
N VAL C 85 -28.15 -33.15 -4.65
CA VAL C 85 -27.26 -34.01 -3.88
C VAL C 85 -28.05 -35.16 -3.27
N LYS C 86 -29.20 -34.85 -2.65
CA LYS C 86 -30.05 -35.89 -2.07
C LYS C 86 -30.43 -36.94 -3.12
N GLU C 87 -30.84 -36.47 -4.30
CA GLU C 87 -31.13 -37.41 -5.39
C GLU C 87 -29.95 -38.34 -5.63
N ALA C 88 -28.77 -37.79 -5.84
CA ALA C 88 -27.61 -38.63 -6.15
C ALA C 88 -27.23 -39.53 -4.98
N GLN C 89 -27.54 -39.10 -3.75
CA GLN C 89 -27.24 -39.89 -2.56
C GLN C 89 -28.20 -41.06 -2.40
N GLY C 90 -29.37 -41.01 -3.04
CA GLY C 90 -30.25 -42.14 -2.96
C GLY C 90 -29.98 -43.27 -3.93
N LEU C 91 -29.00 -43.10 -4.82
CA LEU C 91 -28.74 -44.10 -5.87
C LEU C 91 -28.24 -45.42 -5.30
N GLU C 92 -28.72 -46.51 -5.89
CA GLU C 92 -28.26 -47.85 -5.51
C GLU C 92 -26.76 -47.98 -5.78
N HIS C 93 -26.06 -48.67 -4.90
CA HIS C 93 -24.61 -48.85 -5.01
C HIS C 93 -24.30 -50.30 -5.36
N GLN C 94 -23.51 -50.49 -6.41
CA GLN C 94 -23.19 -51.83 -6.89
C GLN C 94 -22.52 -52.66 -5.80
N THR C 95 -22.70 -53.97 -5.89
CA THR C 95 -22.34 -54.86 -4.80
C THR C 95 -20.83 -54.88 -4.57
N LEU C 96 -20.45 -55.36 -3.39
CA LEU C 96 -19.06 -55.45 -2.97
C LEU C 96 -18.51 -56.86 -3.14
N ASP C 97 -18.82 -57.51 -4.27
CA ASP C 97 -18.37 -58.86 -4.52
C ASP C 97 -16.90 -58.92 -4.87
N PHE C 98 -16.36 -57.84 -5.43
CA PHE C 98 -14.98 -57.81 -5.88
C PHE C 98 -13.98 -57.85 -4.75
N LEU C 99 -14.42 -57.80 -3.50
CA LEU C 99 -13.54 -57.84 -2.35
C LEU C 99 -13.62 -59.19 -1.63
N GLU C 100 -12.46 -59.69 -1.20
CA GLU C 100 -12.40 -60.82 -0.30
C GLU C 100 -13.10 -60.48 1.02
N GLN C 101 -13.62 -61.51 1.70
CA GLN C 101 -14.37 -61.33 2.93
C GLN C 101 -13.81 -62.21 4.03
N LEU C 102 -13.61 -61.62 5.21
CA LEU C 102 -13.06 -62.32 6.37
C LEU C 102 -14.05 -62.35 7.52
N GLY C 103 -15.34 -62.18 7.24
CA GLY C 103 -16.35 -62.24 8.28
C GLY C 103 -16.29 -61.05 9.22
N GLU C 104 -16.64 -61.30 10.48
CA GLU C 104 -16.70 -60.27 11.50
C GLU C 104 -15.54 -60.44 12.48
N TYR C 105 -15.02 -59.31 12.96
CA TYR C 105 -13.96 -59.29 13.97
C TYR C 105 -14.54 -58.98 15.34
N PRO C 106 -13.99 -59.60 16.40
CA PRO C 106 -14.46 -59.31 17.75
C PRO C 106 -13.89 -58.02 18.31
N VAL C 107 -14.70 -57.35 19.13
CA VAL C 107 -14.26 -56.14 19.81
C VAL C 107 -13.05 -56.44 20.69
N CYS C 108 -12.02 -55.60 20.57
CA CYS C 108 -10.80 -55.77 21.36
C CYS C 108 -11.07 -55.56 22.85
N GLY C 109 -10.64 -56.51 23.66
CA GLY C 109 -10.83 -56.48 25.10
C GLY C 109 -9.70 -55.88 25.91
N ILE C 110 -8.74 -55.21 25.28
CA ILE C 110 -7.61 -54.65 26.00
C ILE C 110 -8.05 -53.51 26.90
N LEU C 111 -7.53 -53.48 28.13
CA LEU C 111 -7.81 -52.44 29.09
C LEU C 111 -6.53 -51.66 29.40
N HIS C 112 -6.67 -50.36 29.60
CA HIS C 112 -5.58 -49.51 30.08
C HIS C 112 -6.05 -48.84 31.37
N GLY C 113 -5.70 -49.42 32.51
CA GLY C 113 -6.18 -48.92 33.79
C GLY C 113 -7.67 -49.07 33.97
N ASP C 114 -8.36 -47.95 34.23
CA ASP C 114 -9.76 -48.01 34.64
C ASP C 114 -10.73 -48.20 33.48
N HIS C 115 -10.28 -48.00 32.24
CA HIS C 115 -11.18 -48.01 31.10
C HIS C 115 -10.66 -48.90 29.98
N PRO C 116 -11.54 -49.42 29.14
CA PRO C 116 -11.09 -50.16 27.95
C PRO C 116 -10.60 -49.21 26.87
N VAL C 117 -9.66 -49.72 26.06
CA VAL C 117 -9.17 -48.95 24.92
C VAL C 117 -10.29 -48.72 23.92
N HIS C 118 -11.08 -49.76 23.63
CA HIS C 118 -12.26 -49.64 22.79
C HIS C 118 -13.43 -49.22 23.66
N PRO C 119 -13.90 -47.97 23.56
CA PRO C 119 -14.98 -47.51 24.45
C PRO C 119 -16.22 -48.37 24.36
N SER C 120 -17.03 -48.33 25.41
CA SER C 120 -18.13 -49.28 25.56
C SER C 120 -19.26 -49.00 24.57
N GLY C 121 -19.64 -47.74 24.43
CA GLY C 121 -20.75 -47.41 23.53
C GLY C 121 -20.44 -47.68 22.07
N THR C 122 -19.31 -47.16 21.60
CA THR C 122 -19.11 -46.94 20.17
C THR C 122 -18.75 -48.23 19.45
N HIS C 123 -19.04 -48.22 18.14
CA HIS C 123 -18.42 -49.09 17.15
C HIS C 123 -18.41 -50.56 17.59
N ASN C 124 -19.60 -51.02 17.95
CA ASN C 124 -19.83 -52.35 18.50
C ASN C 124 -21.34 -52.60 18.49
N ASN C 125 -21.82 -53.46 17.60
CA ASN C 125 -23.25 -53.74 17.59
C ASN C 125 -23.60 -54.75 18.68
N ASN C 126 -22.85 -55.85 18.75
CA ASN C 126 -22.69 -56.65 19.96
C ASN C 126 -21.59 -57.68 19.72
N GLY C 127 -20.51 -57.59 20.49
CA GLY C 127 -19.37 -58.45 20.32
C GLY C 127 -18.47 -58.10 19.15
N LYS C 128 -19.06 -57.64 18.05
CA LYS C 128 -18.36 -57.46 16.78
C LYS C 128 -18.11 -55.98 16.50
N VAL C 129 -16.96 -55.68 15.91
CA VAL C 129 -16.62 -54.31 15.52
C VAL C 129 -17.50 -53.88 14.34
N SER C 130 -18.19 -52.75 14.50
CA SER C 130 -19.04 -52.21 13.44
C SER C 130 -18.73 -50.74 13.21
N VAL C 131 -19.17 -50.24 12.05
CA VAL C 131 -18.84 -48.89 11.59
C VAL C 131 -19.98 -48.40 10.70
N LYS C 132 -20.27 -47.10 10.77
CA LYS C 132 -21.39 -46.49 10.07
C LYS C 132 -20.89 -45.37 9.16
N ARG C 133 -21.07 -45.54 7.86
CA ARG C 133 -20.58 -44.56 6.90
C ARG C 133 -21.51 -43.34 6.84
N GLN C 134 -20.91 -42.16 6.66
CA GLN C 134 -21.64 -40.90 6.76
C GLN C 134 -21.76 -40.25 5.38
N PHE C 135 -23.00 -40.15 4.90
CA PHE C 135 -23.35 -39.40 3.68
C PHE C 135 -24.50 -38.47 4.02
N ALA C 136 -24.19 -37.21 4.36
CA ALA C 136 -25.22 -36.25 4.71
C ALA C 136 -25.38 -35.23 3.59
N ALA C 137 -26.59 -34.68 3.44
CA ALA C 137 -26.87 -33.77 2.29
C ALA C 137 -26.88 -32.30 2.71
N GLY C 138 -26.35 -31.98 3.89
CA GLY C 138 -26.28 -30.58 4.35
C GLY C 138 -25.71 -29.66 3.28
N SER C 142 -25.46 -20.36 2.77
CA SER C 142 -23.99 -20.18 2.68
C SER C 142 -23.64 -18.70 2.76
N ASP C 143 -22.86 -18.32 3.77
CA ASP C 143 -22.48 -16.89 3.97
C ASP C 143 -21.45 -16.48 2.90
N ALA C 144 -20.68 -17.44 2.37
CA ALA C 144 -19.75 -17.11 1.29
C ALA C 144 -20.52 -16.85 0.00
N LEU C 145 -21.50 -17.70 -0.29
CA LEU C 145 -22.33 -17.52 -1.46
C LEU C 145 -23.10 -16.21 -1.40
N THR C 146 -23.62 -15.88 -0.21
CA THR C 146 -24.21 -14.57 0.04
C THR C 146 -23.28 -13.43 -0.38
N CYS C 147 -22.07 -13.41 0.20
CA CYS C 147 -21.11 -12.36 -0.14
C CYS C 147 -20.89 -12.27 -1.65
N ALA C 148 -20.70 -13.43 -2.29
CA ALA C 148 -20.46 -13.45 -3.74
C ALA C 148 -21.62 -12.81 -4.49
N PHE C 149 -22.85 -13.21 -4.15
CA PHE C 149 -24.02 -12.59 -4.77
C PHE C 149 -24.06 -11.09 -4.49
N ARG C 150 -23.58 -10.66 -3.33
CA ARG C 150 -23.57 -9.24 -3.01
C ARG C 150 -22.65 -8.46 -3.95
N PHE C 151 -21.52 -9.06 -4.34
CA PHE C 151 -20.50 -8.24 -5.00
C PHE C 151 -20.16 -8.60 -6.44
N GLU C 152 -20.81 -9.59 -7.05
CA GLU C 152 -20.50 -9.96 -8.43
C GLU C 152 -21.77 -10.37 -9.16
N ASP C 153 -21.64 -10.55 -10.48
CA ASP C 153 -22.78 -10.76 -11.38
C ASP C 153 -23.60 -11.99 -10.97
N SER C 154 -24.92 -11.79 -10.87
CA SER C 154 -25.81 -12.83 -10.36
C SER C 154 -25.73 -14.11 -11.18
N ASP C 155 -25.80 -14.01 -12.50
CA ASP C 155 -25.89 -15.21 -13.34
C ASP C 155 -24.59 -16.01 -13.28
N LEU C 156 -23.46 -15.31 -13.26
CA LEU C 156 -22.17 -15.98 -13.19
C LEU C 156 -22.01 -16.70 -11.86
N VAL C 157 -22.38 -16.03 -10.77
CA VAL C 157 -22.35 -16.66 -9.45
C VAL C 157 -23.23 -17.91 -9.45
N ARG C 158 -24.44 -17.79 -10.02
CA ARG C 158 -25.35 -18.93 -10.06
C ARG C 158 -24.72 -20.13 -10.76
N GLU C 159 -24.21 -19.94 -11.97
CA GLU C 159 -23.77 -21.11 -12.73
C GLU C 159 -22.47 -21.68 -12.17
N THR C 160 -21.59 -20.83 -11.62
CA THR C 160 -20.38 -21.38 -11.01
C THR C 160 -20.68 -22.09 -9.70
N ALA C 161 -21.64 -21.58 -8.92
CA ALA C 161 -22.02 -22.24 -7.68
C ALA C 161 -22.83 -23.49 -7.93
N LEU C 162 -23.38 -23.66 -9.12
CA LEU C 162 -24.07 -24.91 -9.42
C LEU C 162 -23.16 -25.94 -10.07
N LYS C 163 -22.01 -25.52 -10.62
CA LYS C 163 -21.11 -26.50 -11.23
C LYS C 163 -20.48 -27.44 -10.19
N THR C 164 -20.06 -26.93 -9.03
CA THR C 164 -19.36 -27.76 -8.03
C THR C 164 -19.88 -27.48 -6.63
N THR C 165 -19.55 -28.39 -5.70
CA THR C 165 -20.05 -28.31 -4.33
C THR C 165 -19.18 -29.16 -3.39
N TYR C 166 -18.98 -28.67 -2.17
CA TYR C 166 -18.25 -29.40 -1.14
C TYR C 166 -19.20 -30.37 -0.44
N THR C 167 -18.94 -31.67 -0.55
CA THR C 167 -19.89 -32.65 -0.02
C THR C 167 -19.19 -33.94 0.36
N ASP C 168 -19.94 -34.77 1.10
CA ASP C 168 -19.55 -36.13 1.49
C ASP C 168 -19.56 -37.13 0.34
N GLY C 169 -20.19 -36.79 -0.78
CA GLY C 169 -20.29 -37.70 -1.90
C GLY C 169 -21.50 -38.61 -1.80
N THR C 170 -21.45 -39.69 -2.58
CA THR C 170 -22.56 -40.63 -2.71
C THR C 170 -22.05 -42.05 -2.51
N TRP C 171 -22.92 -42.92 -2.00
CA TRP C 171 -22.60 -44.34 -1.90
C TRP C 171 -22.21 -44.92 -3.25
N ALA C 172 -22.94 -44.54 -4.31
CA ALA C 172 -22.70 -45.10 -5.63
C ALA C 172 -21.28 -44.79 -6.12
N GLY C 173 -20.90 -43.51 -6.11
CA GLY C 173 -19.59 -43.15 -6.60
C GLY C 173 -18.48 -43.63 -5.67
N PHE C 174 -18.78 -43.71 -4.37
CA PHE C 174 -17.85 -44.31 -3.42
C PHE C 174 -17.48 -45.71 -3.85
N VAL C 175 -18.49 -46.57 -4.07
CA VAL C 175 -18.19 -47.95 -4.44
C VAL C 175 -17.58 -48.03 -5.84
N GLN C 176 -17.97 -47.13 -6.74
CA GLN C 176 -17.41 -47.18 -8.10
C GLN C 176 -15.92 -46.89 -8.09
N ARG C 177 -15.51 -45.87 -7.34
CA ARG C 177 -14.08 -45.55 -7.28
C ARG C 177 -13.31 -46.58 -6.46
N LEU C 178 -13.95 -47.16 -5.43
CA LEU C 178 -13.32 -48.24 -4.69
C LEU C 178 -13.02 -49.42 -5.60
N LYS C 179 -13.96 -49.78 -6.47
CA LYS C 179 -13.72 -50.82 -7.46
C LYS C 179 -12.59 -50.43 -8.40
N MET C 180 -12.56 -49.17 -8.82
CA MET C 180 -11.48 -48.74 -9.72
C MET C 180 -10.11 -48.87 -9.06
N GLN C 181 -10.03 -48.67 -7.75
CA GLN C 181 -8.72 -48.63 -7.11
C GLN C 181 -8.34 -49.94 -6.42
N THR C 182 -9.23 -50.92 -6.36
CA THR C 182 -8.90 -52.20 -5.76
C THR C 182 -8.72 -53.33 -6.76
N THR C 183 -9.12 -53.15 -8.03
CA THR C 183 -9.19 -54.26 -8.98
C THR C 183 -8.52 -53.94 -10.31
N ARG C 184 -7.68 -52.90 -10.38
CA ARG C 184 -7.08 -52.52 -11.65
C ARG C 184 -5.89 -53.42 -11.98
N LYS C 185 -5.82 -53.83 -13.25
CA LYS C 185 -4.71 -54.63 -13.76
C LYS C 185 -3.46 -53.76 -13.85
N CYS C 186 -2.48 -54.03 -12.99
CA CYS C 186 -1.27 -53.23 -12.91
C CYS C 186 -0.13 -53.84 -13.71
N VAL C 187 1.00 -53.14 -13.72
CA VAL C 187 2.21 -53.59 -14.39
C VAL C 187 3.36 -53.39 -13.40
N GLN C 188 3.90 -54.49 -12.88
CA GLN C 188 5.09 -54.43 -12.03
C GLN C 188 6.16 -53.58 -12.68
N GLU C 189 6.65 -52.58 -11.95
CA GLU C 189 7.66 -51.69 -12.48
C GLU C 189 9.05 -52.33 -12.41
N LYS C 190 9.99 -51.76 -13.16
CA LYS C 190 11.36 -52.25 -13.25
C LYS C 190 12.24 -51.26 -12.51
N VAL C 191 12.51 -51.55 -11.24
CA VAL C 191 13.01 -50.55 -10.30
C VAL C 191 14.15 -51.12 -9.46
N SER C 192 15.10 -50.26 -9.11
CA SER C 192 16.23 -50.61 -8.26
C SER C 192 16.64 -49.40 -7.43
N ARG C 193 17.41 -49.65 -6.36
CA ARG C 193 17.97 -48.53 -5.60
C ARG C 193 18.83 -47.62 -6.45
N LYS C 194 19.58 -48.16 -7.42
CA LYS C 194 20.31 -47.32 -8.37
C LYS C 194 19.39 -46.24 -8.95
N LEU C 195 18.26 -46.68 -9.52
CA LEU C 195 17.31 -45.78 -10.13
C LEU C 195 16.77 -44.77 -9.12
N LEU C 196 16.42 -45.23 -7.92
CA LEU C 196 15.79 -44.35 -6.94
C LEU C 196 16.79 -43.34 -6.37
N LYS C 197 18.04 -43.76 -6.17
CA LYS C 197 19.12 -42.81 -5.90
C LYS C 197 19.16 -41.74 -6.97
N GLN C 198 18.97 -42.13 -8.22
CA GLN C 198 19.01 -41.17 -9.32
C GLN C 198 17.83 -40.22 -9.29
N LEU C 199 16.61 -40.76 -9.21
CA LEU C 199 15.39 -39.97 -9.34
C LEU C 199 15.02 -39.26 -8.04
N PHE C 200 15.32 -39.85 -6.89
CA PHE C 200 14.94 -39.30 -5.59
C PHE C 200 16.18 -39.19 -4.71
N PRO C 201 17.09 -38.28 -5.03
CA PRO C 201 18.23 -38.04 -4.12
C PRO C 201 17.76 -37.46 -2.80
N TYR C 202 18.50 -37.80 -1.74
CA TYR C 202 18.26 -37.24 -0.41
C TYR C 202 19.60 -36.86 0.20
N ASP C 203 19.55 -36.31 1.41
CA ASP C 203 20.75 -35.89 2.12
C ASP C 203 20.83 -36.69 3.42
N PRO C 204 21.66 -37.75 3.45
CA PRO C 204 21.69 -38.63 4.62
C PRO C 204 21.77 -37.94 5.98
N GLN C 205 22.50 -36.81 6.08
CA GLN C 205 22.69 -36.20 7.39
C GLN C 205 21.44 -35.51 7.94
N LYS C 206 20.34 -35.50 7.19
CA LYS C 206 19.10 -34.91 7.66
C LYS C 206 18.10 -35.96 8.12
N LEU C 207 18.50 -37.23 8.10
CA LEU C 207 17.65 -38.31 8.59
C LEU C 207 17.74 -38.42 10.10
N VAL C 208 16.60 -38.72 10.72
CA VAL C 208 16.57 -38.86 12.18
C VAL C 208 17.42 -40.05 12.62
N ASP C 209 18.20 -39.85 13.67
CA ASP C 209 18.94 -40.97 14.26
C ASP C 209 17.77 -41.84 14.65
N VAL C 210 17.64 -43.00 14.01
CA VAL C 210 16.47 -43.83 14.21
C VAL C 210 16.80 -44.98 15.16
N SER C 211 18.03 -44.95 15.70
CA SER C 211 18.50 -46.01 16.63
C SER C 211 18.29 -45.58 18.08
N GLY C 212 17.78 -44.37 18.30
CA GLY C 212 17.49 -43.89 19.66
C GLY C 212 16.21 -44.50 20.21
N GLU C 213 15.96 -44.36 21.51
CA GLU C 213 14.77 -44.96 22.17
C GLU C 213 13.47 -44.73 21.39
N LEU C 214 12.75 -45.80 21.07
CA LEU C 214 11.50 -45.70 20.28
C LEU C 214 10.59 -44.62 20.88
N SER C 215 10.46 -44.57 22.20
CA SER C 215 9.54 -43.60 22.81
C SER C 215 9.82 -42.18 22.33
N GLU C 216 11.07 -41.74 22.43
CA GLU C 216 11.40 -40.37 22.04
C GLU C 216 11.17 -40.15 20.55
N LEU C 217 11.51 -41.14 19.73
CA LEU C 217 11.32 -41.03 18.28
C LEU C 217 9.84 -40.86 17.94
N VAL C 218 8.99 -41.68 18.55
CA VAL C 218 7.55 -41.57 18.30
C VAL C 218 7.02 -40.24 18.82
N LEU C 219 7.55 -39.78 19.95
CA LEU C 219 7.15 -38.48 20.48
C LEU C 219 7.56 -37.36 19.54
N GLY C 220 8.54 -37.60 18.67
CA GLY C 220 8.99 -36.57 17.75
C GLY C 220 8.13 -36.37 16.52
N ILE C 221 7.32 -37.36 16.14
CA ILE C 221 6.55 -37.24 14.90
C ILE C 221 5.41 -36.25 15.08
N LYS C 222 5.02 -35.61 13.97
CA LYS C 222 3.90 -34.68 13.95
C LYS C 222 2.68 -35.37 13.36
N THR C 223 1.49 -34.92 13.76
CA THR C 223 0.27 -35.53 13.26
C THR C 223 -0.93 -34.64 13.52
N ASN C 224 -1.99 -34.87 12.75
CA ASN C 224 -3.27 -34.20 12.92
C ASN C 224 -3.91 -34.65 14.23
N ALA C 225 -4.02 -33.73 15.19
CA ALA C 225 -4.56 -34.06 16.51
C ALA C 225 -6.04 -34.40 16.46
N ILE C 226 -6.76 -33.95 15.42
CA ILE C 226 -8.20 -34.17 15.34
C ILE C 226 -8.54 -35.44 14.56
N ALA C 227 -7.57 -35.99 13.82
CA ALA C 227 -7.82 -37.16 13.00
C ALA C 227 -8.19 -38.37 13.84
N SER C 228 -9.00 -39.25 13.24
CA SER C 228 -9.34 -40.52 13.88
C SER C 228 -8.09 -41.36 14.12
N ALA C 229 -7.94 -41.84 15.36
CA ALA C 229 -6.91 -42.83 15.67
C ALA C 229 -7.24 -44.21 15.09
N GLY C 230 -8.39 -44.36 14.44
CA GLY C 230 -8.82 -45.62 13.89
C GLY C 230 -9.01 -46.69 14.94
N PRO C 231 -9.23 -47.92 14.50
CA PRO C 231 -9.39 -49.03 15.44
C PRO C 231 -8.11 -49.26 16.22
N PRO C 232 -8.21 -49.63 17.51
CA PRO C 232 -9.43 -49.85 18.28
C PRO C 232 -9.82 -48.70 19.20
N TYR C 233 -9.23 -47.52 18.98
CA TYR C 233 -9.45 -46.42 19.91
C TYR C 233 -10.78 -45.72 19.66
N TRP C 234 -11.12 -45.52 18.38
CA TRP C 234 -12.38 -44.91 17.96
C TRP C 234 -12.62 -43.54 18.61
N ARG C 235 -11.54 -42.75 18.69
CA ARG C 235 -11.63 -41.35 19.07
C ARG C 235 -10.47 -40.61 18.42
N THR C 236 -10.43 -39.30 18.63
CA THR C 236 -9.35 -38.48 18.08
C THR C 236 -8.00 -38.90 18.63
N LYS C 237 -6.94 -38.45 17.97
CA LYS C 237 -5.59 -38.83 18.40
C LYS C 237 -5.17 -38.14 19.68
N ARG C 238 -5.60 -36.90 19.92
CA ARG C 238 -5.28 -36.28 21.20
C ARG C 238 -6.01 -36.97 22.34
N ASP C 239 -7.23 -37.45 22.09
CA ASP C 239 -7.95 -38.24 23.09
C ASP C 239 -7.27 -39.58 23.35
N ALA C 240 -6.80 -40.23 22.29
CA ALA C 240 -6.31 -41.60 22.36
C ALA C 240 -4.80 -41.72 22.54
N LEU C 241 -4.10 -40.59 22.64
CA LEU C 241 -2.63 -40.62 22.72
C LEU C 241 -2.11 -41.46 23.88
N PRO C 242 -2.56 -41.28 25.13
CA PRO C 242 -1.97 -42.09 26.22
C PRO C 242 -2.23 -43.58 26.06
N ASP C 243 -3.44 -43.94 25.64
CA ASP C 243 -3.78 -45.36 25.46
C ASP C 243 -2.88 -46.01 24.43
N MET C 244 -2.64 -45.33 23.30
CA MET C 244 -1.68 -45.85 22.33
C MET C 244 -0.28 -45.91 22.93
N LEU C 245 0.11 -44.86 23.67
CA LEU C 245 1.52 -44.62 23.95
C LEU C 245 2.05 -45.52 25.05
N ASP C 246 1.37 -45.57 26.19
CA ASP C 246 1.87 -46.31 27.34
C ASP C 246 1.25 -47.71 27.44
N CYS C 247 0.37 -48.08 26.51
CA CYS C 247 -0.32 -49.35 26.62
C CYS C 247 -0.18 -50.22 25.37
N VAL C 248 -0.65 -49.72 24.22
CA VAL C 248 -0.69 -50.56 23.03
C VAL C 248 0.69 -50.64 22.37
N LEU C 249 1.34 -49.49 22.18
CA LEU C 249 2.66 -49.49 21.55
C LEU C 249 3.68 -50.37 22.27
N PRO C 250 3.75 -50.41 23.61
CA PRO C 250 4.67 -51.37 24.25
C PRO C 250 4.32 -52.82 23.97
N LEU C 251 3.03 -53.17 24.00
CA LEU C 251 2.61 -54.52 23.65
C LEU C 251 3.04 -54.87 22.22
N LEU C 252 2.81 -53.95 21.29
CA LEU C 252 3.21 -54.14 19.89
C LEU C 252 4.72 -54.37 19.79
N TYR C 253 5.50 -53.53 20.48
CA TYR C 253 6.95 -53.69 20.47
C TYR C 253 7.37 -55.06 20.99
N ASP C 254 6.90 -55.41 22.19
CA ASP C 254 7.10 -56.73 22.76
C ASP C 254 6.90 -57.82 21.72
N HIS C 255 5.74 -57.80 21.05
CA HIS C 255 5.44 -58.86 20.10
C HIS C 255 6.24 -58.76 18.81
N ILE C 256 6.72 -57.56 18.46
CA ILE C 256 7.52 -57.42 17.24
C ILE C 256 8.88 -58.05 17.45
N VAL C 257 9.52 -57.78 18.59
CA VAL C 257 10.87 -58.29 18.79
C VAL C 257 10.85 -59.76 19.20
N ARG C 258 9.76 -60.22 19.78
CA ARG C 258 9.55 -61.63 20.10
C ARG C 258 9.16 -62.44 18.87
N LYS C 259 9.08 -61.79 17.70
CA LYS C 259 8.68 -62.44 16.45
C LYS C 259 7.29 -63.06 16.57
N ASP C 260 6.43 -62.43 17.35
CA ASP C 260 5.20 -63.02 17.86
C ASP C 260 3.97 -62.29 17.30
N LEU C 261 4.10 -61.73 16.10
CA LEU C 261 3.07 -60.82 15.60
C LEU C 261 1.77 -61.54 15.26
N THR C 262 1.83 -62.74 14.69
CA THR C 262 0.61 -63.36 14.20
C THR C 262 -0.28 -63.86 15.33
N THR C 263 0.31 -64.23 16.47
CA THR C 263 -0.51 -64.62 17.61
C THR C 263 -1.15 -63.41 18.27
N LEU C 264 -0.50 -62.25 18.20
CA LEU C 264 -1.13 -61.01 18.62
C LEU C 264 -2.25 -60.62 17.66
N ARG C 265 -2.01 -60.80 16.35
CA ARG C 265 -3.05 -60.60 15.34
C ARG C 265 -4.24 -61.50 15.61
N ASN C 266 -4.00 -62.66 16.20
CA ASN C 266 -5.09 -63.60 16.50
C ASN C 266 -5.82 -63.22 17.79
N LYS C 267 -5.09 -62.89 18.85
CA LYS C 267 -5.73 -62.57 20.12
C LYS C 267 -6.51 -61.26 20.04
N HIS C 268 -6.10 -60.35 19.16
CA HIS C 268 -6.68 -59.00 19.10
C HIS C 268 -6.72 -58.53 17.65
N PRO C 269 -7.65 -59.06 16.86
CA PRO C 269 -7.68 -58.69 15.44
C PRO C 269 -7.87 -57.20 15.19
N GLU C 270 -8.62 -56.51 16.06
CA GLU C 270 -8.92 -55.10 15.83
C GLU C 270 -7.67 -54.23 15.86
N LEU C 271 -6.56 -54.75 16.39
CA LEU C 271 -5.31 -54.01 16.41
C LEU C 271 -4.72 -53.83 15.01
N PHE C 272 -5.16 -54.62 14.04
CA PHE C 272 -4.59 -54.58 12.69
C PHE C 272 -5.66 -54.29 11.65
N LEU C 273 -6.73 -53.61 12.04
CA LEU C 273 -7.89 -53.33 11.20
C LEU C 273 -7.90 -51.87 10.74
N ALA C 274 -8.34 -51.65 9.49
CA ALA C 274 -8.50 -50.31 8.95
C ALA C 274 -9.98 -50.01 8.69
N GLU C 275 -10.27 -48.72 8.55
CA GLU C 275 -11.61 -48.24 8.19
C GLU C 275 -11.57 -47.56 6.83
N CYS C 276 -12.38 -48.04 5.89
CA CYS C 276 -12.51 -47.38 4.59
C CYS C 276 -13.54 -46.25 4.70
N LYS C 277 -13.17 -45.07 4.20
CA LYS C 277 -13.93 -43.86 4.45
C LYS C 277 -14.06 -43.06 3.16
N ASN C 278 -15.15 -42.30 3.07
CA ASN C 278 -15.45 -41.43 1.95
C ASN C 278 -14.90 -40.03 2.23
N LYS C 279 -14.04 -39.53 1.34
CA LYS C 279 -13.51 -38.19 1.50
C LYS C 279 -14.56 -37.14 1.15
N THR C 280 -14.88 -36.28 2.12
CA THR C 280 -15.60 -35.04 1.84
C THR C 280 -14.67 -34.06 1.13
N ASP C 281 -15.09 -33.55 -0.02
CA ASP C 281 -14.40 -32.38 -0.60
C ASP C 281 -15.20 -31.84 -1.78
N ARG C 282 -14.54 -30.97 -2.54
CA ARG C 282 -15.08 -30.36 -3.76
C ARG C 282 -15.36 -31.42 -4.82
N TYR C 283 -16.63 -31.56 -5.20
CA TYR C 283 -17.01 -32.48 -6.27
C TYR C 283 -17.85 -31.75 -7.31
N GLU C 284 -17.65 -32.12 -8.56
CA GLU C 284 -18.56 -31.71 -9.62
C GLU C 284 -19.94 -32.33 -9.35
N VAL C 285 -20.98 -31.52 -9.48
CA VAL C 285 -22.32 -32.03 -9.24
C VAL C 285 -22.70 -33.02 -10.34
N GLU C 286 -22.24 -32.73 -11.56
CA GLU C 286 -22.46 -33.59 -12.72
C GLU C 286 -22.01 -35.03 -12.48
N SER C 287 -20.92 -35.22 -11.73
CA SER C 287 -20.29 -36.51 -11.56
C SER C 287 -20.54 -37.11 -10.18
N LEU C 288 -21.60 -36.69 -9.48
CA LEU C 288 -21.74 -37.04 -8.07
C LEU C 288 -21.94 -38.53 -7.86
N GLY C 289 -22.57 -39.22 -8.80
CA GLY C 289 -22.77 -40.66 -8.64
C GLY C 289 -21.67 -41.50 -9.25
N GLU C 290 -20.67 -40.88 -9.87
CA GLU C 290 -19.55 -41.59 -10.44
C GLU C 290 -18.26 -41.41 -9.66
N LYS C 291 -18.15 -40.38 -8.83
CA LYS C 291 -16.87 -39.95 -8.27
C LYS C 291 -17.05 -39.60 -6.80
N THR C 292 -16.40 -40.37 -5.92
CA THR C 292 -16.28 -40.03 -4.51
C THR C 292 -15.07 -40.78 -3.95
N ARG C 293 -14.06 -40.03 -3.51
CA ARG C 293 -12.76 -40.62 -3.18
C ARG C 293 -12.84 -41.52 -1.96
N PRO C 294 -12.32 -42.76 -2.04
CA PRO C 294 -12.13 -43.56 -0.83
C PRO C 294 -10.72 -43.50 -0.27
N TYR C 295 -10.60 -43.62 1.04
CA TYR C 295 -9.30 -43.63 1.73
C TYR C 295 -9.39 -44.53 2.95
N PHE C 296 -8.25 -44.83 3.55
CA PHE C 296 -8.20 -45.81 4.63
C PHE C 296 -7.60 -45.21 5.89
N SER C 297 -8.40 -45.15 6.96
CA SER C 297 -7.92 -44.82 8.29
C SER C 297 -7.28 -46.05 8.92
N HIS C 298 -6.00 -45.94 9.29
CA HIS C 298 -5.24 -47.02 9.90
C HIS C 298 -5.11 -46.81 11.41
N PRO C 299 -4.80 -47.87 12.16
CA PRO C 299 -4.58 -47.73 13.61
C PRO C 299 -3.42 -46.79 13.93
N PHE C 300 -3.62 -46.00 14.98
CA PHE C 300 -2.65 -44.99 15.40
C PHE C 300 -1.29 -45.62 15.72
N HIS C 301 -1.27 -46.73 16.45
CA HIS C 301 0.00 -47.32 16.87
C HIS C 301 0.84 -47.81 15.71
N LEU C 302 0.23 -48.13 14.57
CA LEU C 302 0.97 -48.57 13.39
C LEU C 302 1.42 -47.38 12.54
N SER C 303 0.49 -46.45 12.29
CA SER C 303 0.80 -45.26 11.52
C SER C 303 1.92 -44.45 12.18
N ALA C 304 1.78 -44.20 13.49
CA ALA C 304 2.84 -43.51 14.24
C ALA C 304 4.18 -44.20 14.09
N LEU C 305 4.19 -45.53 14.22
CA LEU C 305 5.44 -46.28 14.14
C LEU C 305 6.11 -46.09 12.78
N VAL C 306 5.31 -46.11 11.72
CA VAL C 306 5.87 -45.92 10.37
C VAL C 306 6.27 -44.47 10.14
N SER C 307 5.48 -43.53 10.66
CA SER C 307 5.70 -42.10 10.49
C SER C 307 7.12 -41.68 10.85
N VAL C 308 7.76 -42.35 11.81
CA VAL C 308 9.14 -42.00 12.16
C VAL C 308 10.00 -41.99 10.91
N LEU C 309 10.06 -43.13 10.23
CA LEU C 309 10.78 -43.25 8.97
C LEU C 309 10.25 -42.28 7.93
N SER C 310 8.93 -42.32 7.69
CA SER C 310 8.33 -41.51 6.64
C SER C 310 8.72 -40.04 6.76
N GLN C 311 8.51 -39.47 7.95
CA GLN C 311 8.73 -38.05 8.18
C GLN C 311 10.22 -37.69 8.15
N SER C 312 11.08 -38.56 8.72
CA SER C 312 12.52 -38.32 8.57
C SER C 312 12.90 -38.24 7.10
N PHE C 313 12.38 -39.16 6.29
CA PHE C 313 12.73 -39.20 4.88
C PHE C 313 12.24 -37.94 4.16
N SER C 314 10.98 -37.57 4.40
CA SER C 314 10.48 -36.29 3.89
C SER C 314 11.41 -35.14 4.27
N GLY C 315 11.92 -35.16 5.51
CA GLY C 315 12.91 -34.17 5.91
C GLY C 315 14.12 -34.15 5.02
N ALA C 316 14.58 -35.32 4.58
CA ALA C 316 15.83 -35.35 3.83
C ALA C 316 15.64 -35.11 2.32
N LEU C 317 14.60 -35.68 1.73
CA LEU C 317 14.30 -35.63 0.28
C LEU C 317 14.60 -34.28 -0.37
N LYS C 318 15.44 -34.31 -1.41
CA LYS C 318 15.67 -33.14 -2.26
C LYS C 318 14.54 -32.97 -3.27
N ILE C 319 14.37 -31.74 -3.76
CA ILE C 319 13.41 -31.43 -4.80
C ILE C 319 14.15 -31.02 -6.07
N MET C 320 13.39 -30.93 -7.18
CA MET C 320 14.00 -30.81 -8.50
C MET C 320 14.72 -29.48 -8.69
N THR C 321 14.28 -28.43 -8.02
CA THR C 321 14.98 -27.16 -8.14
C THR C 321 16.30 -27.15 -7.38
N GLU C 322 16.52 -28.14 -6.51
CA GLU C 322 17.76 -28.31 -5.77
C GLU C 322 18.75 -29.20 -6.51
N ASP C 323 18.27 -30.22 -7.22
CA ASP C 323 19.12 -31.29 -7.73
C ASP C 323 18.60 -31.69 -9.10
N SER C 324 19.42 -31.48 -10.14
CA SER C 324 18.97 -31.63 -11.52
C SER C 324 18.47 -33.04 -11.85
N THR C 325 19.04 -34.06 -11.22
CA THR C 325 18.61 -35.43 -11.54
C THR C 325 17.25 -35.77 -10.95
N SER C 326 16.81 -35.02 -9.94
CA SER C 326 15.61 -35.39 -9.20
C SER C 326 14.35 -35.14 -10.03
N PHE C 327 13.44 -36.11 -10.00
CA PHE C 327 12.12 -36.00 -10.59
C PHE C 327 11.07 -35.54 -9.59
N ASN C 328 11.49 -35.11 -8.40
CA ASN C 328 10.60 -34.91 -7.27
C ASN C 328 10.21 -33.44 -7.14
N ALA C 329 8.90 -33.19 -7.08
CA ALA C 329 8.37 -31.87 -6.78
C ALA C 329 7.58 -31.89 -5.47
N TYR C 330 7.69 -32.98 -4.71
CA TYR C 330 7.02 -33.15 -3.43
C TYR C 330 7.86 -32.46 -2.37
N GLY C 331 7.48 -31.25 -2.02
CA GLY C 331 8.25 -30.41 -1.11
C GLY C 331 8.52 -29.04 -1.69
N PHE C 332 8.11 -28.83 -2.94
CA PHE C 332 8.32 -27.56 -3.62
C PHE C 332 7.37 -26.50 -3.06
N SER C 333 7.86 -25.27 -2.94
CA SER C 333 7.04 -24.16 -2.49
C SER C 333 7.03 -23.04 -3.54
N TRP C 334 5.85 -22.46 -3.76
CA TRP C 334 5.72 -21.32 -4.66
C TRP C 334 6.39 -20.08 -4.10
N THR C 335 6.34 -19.89 -2.78
CA THR C 335 6.78 -18.64 -2.16
C THR C 335 8.30 -18.54 -2.13
N ASN C 336 8.78 -17.34 -1.82
CA ASN C 336 10.19 -17.03 -1.64
C ASN C 336 11.02 -17.55 -2.81
N GLY C 337 10.66 -17.06 -4.00
CA GLY C 337 11.40 -17.36 -5.21
C GLY C 337 10.99 -18.63 -5.92
N GLY C 338 10.17 -19.47 -5.27
CA GLY C 338 9.85 -20.78 -5.82
C GLY C 338 9.35 -20.77 -7.26
N ALA C 339 8.40 -19.88 -7.56
CA ALA C 339 7.87 -19.77 -8.93
C ALA C 339 8.98 -19.51 -9.94
N GLU C 340 9.80 -18.49 -9.68
CA GLU C 340 10.91 -18.20 -10.57
C GLU C 340 11.86 -19.39 -10.68
N ASP C 341 12.16 -20.03 -9.54
CA ASP C 341 12.98 -21.24 -9.56
C ASP C 341 12.42 -22.29 -10.51
N LEU C 342 11.11 -22.51 -10.45
CA LEU C 342 10.47 -23.45 -11.37
C LEU C 342 10.72 -23.04 -12.81
N ALA C 343 10.59 -21.74 -13.10
CA ALA C 343 10.84 -21.26 -14.46
C ALA C 343 12.28 -21.53 -14.89
N ILE C 344 13.25 -21.05 -14.10
CA ILE C 344 14.67 -21.21 -14.44
C ILE C 344 15.02 -22.68 -14.62
N TRP C 345 14.41 -23.55 -13.82
CA TRP C 345 14.55 -24.99 -13.96
C TRP C 345 14.03 -25.45 -15.31
N ALA C 346 12.72 -25.33 -15.50
CA ALA C 346 12.05 -25.73 -16.75
C ALA C 346 12.83 -25.32 -18.00
N ARG C 347 13.22 -24.05 -18.08
CA ARG C 347 13.66 -23.52 -19.36
C ARG C 347 15.04 -24.02 -19.80
N GLN C 348 15.69 -24.89 -19.02
CA GLN C 348 16.93 -25.54 -19.43
C GLN C 348 16.71 -26.98 -19.89
N ALA C 349 15.46 -27.33 -20.20
CA ALA C 349 15.17 -28.63 -20.80
C ALA C 349 15.78 -28.73 -22.20
N GLY C 350 16.01 -29.96 -22.64
CA GLY C 350 16.70 -30.22 -23.89
C GLY C 350 15.79 -30.57 -25.06
N GLU C 351 16.38 -30.54 -26.24
CA GLU C 351 15.72 -30.98 -27.46
C GLU C 351 15.26 -32.43 -27.32
N ALA C 352 13.97 -32.67 -27.55
CA ALA C 352 13.39 -33.99 -27.35
C ALA C 352 14.00 -35.01 -28.32
N GLY C 353 14.72 -35.99 -27.78
CA GLY C 353 15.41 -36.98 -28.56
C GLY C 353 16.91 -36.87 -28.48
N LYS C 354 17.43 -35.68 -28.16
CA LYS C 354 18.86 -35.42 -28.09
C LYS C 354 19.35 -35.25 -26.65
N LYS C 355 18.70 -34.39 -25.89
CA LYS C 355 19.06 -34.06 -24.51
C LYS C 355 17.89 -34.34 -23.57
N PRO C 356 18.13 -34.45 -22.27
CA PRO C 356 17.06 -34.87 -21.34
C PRO C 356 16.06 -33.75 -21.09
N PRO C 357 14.78 -34.10 -20.95
CA PRO C 357 13.75 -33.11 -20.63
C PRO C 357 13.77 -32.76 -19.15
N ARG C 358 12.89 -31.84 -18.76
CA ARG C 358 12.68 -31.49 -17.35
C ARG C 358 11.32 -31.99 -16.89
N ILE C 359 11.30 -32.93 -15.95
CA ILE C 359 10.06 -33.54 -15.48
C ILE C 359 10.00 -33.45 -13.96
N ALA C 360 8.87 -33.02 -13.43
CA ALA C 360 8.66 -32.98 -11.98
C ALA C 360 7.30 -33.56 -11.64
N CYS C 361 7.24 -34.29 -10.53
CA CYS C 361 6.00 -34.94 -10.11
C CYS C 361 5.66 -34.62 -8.66
N TYR C 362 4.36 -34.39 -8.41
CA TYR C 362 3.78 -34.32 -7.08
C TYR C 362 2.53 -35.20 -7.19
N GLY C 363 2.62 -36.43 -6.68
CA GLY C 363 1.58 -37.41 -6.97
C GLY C 363 1.45 -37.60 -8.47
N ASP C 364 0.21 -37.77 -8.93
CA ASP C 364 -0.01 -37.85 -10.36
C ASP C 364 0.12 -36.50 -11.06
N ASP C 365 0.16 -35.40 -10.30
CA ASP C 365 0.27 -34.07 -10.89
C ASP C 365 1.70 -33.84 -11.38
N THR C 366 1.88 -33.85 -12.70
CA THR C 366 3.21 -33.82 -13.31
C THR C 366 3.37 -32.56 -14.17
N ASP C 367 4.62 -32.16 -14.36
CA ASP C 367 4.98 -31.04 -15.22
C ASP C 367 6.16 -31.44 -16.10
N ILE C 368 5.94 -31.45 -17.41
CA ILE C 368 6.93 -31.92 -18.38
C ILE C 368 7.31 -30.76 -19.30
N TYR C 369 8.62 -30.54 -19.47
CA TYR C 369 9.15 -29.55 -20.40
C TYR C 369 10.14 -30.19 -21.35
N TYR C 370 10.04 -29.80 -22.63
CA TYR C 370 10.89 -30.35 -23.68
C TYR C 370 10.97 -29.38 -24.84
N ARG C 371 12.08 -29.43 -25.58
CA ARG C 371 12.25 -28.54 -26.71
C ARG C 371 12.01 -29.25 -28.04
N LYS C 372 11.72 -28.45 -29.05
CA LYS C 372 11.38 -28.94 -30.38
C LYS C 372 11.80 -27.84 -31.35
N ASP C 373 12.86 -28.09 -32.11
CA ASP C 373 13.48 -27.09 -32.97
C ASP C 373 13.83 -25.84 -32.16
N GLY C 374 14.38 -26.07 -30.97
CA GLY C 374 14.74 -24.99 -30.08
C GLY C 374 13.61 -24.43 -29.24
N LYS C 375 12.36 -24.62 -29.64
CA LYS C 375 11.24 -23.96 -28.98
C LYS C 375 10.74 -24.80 -27.82
N LEU C 376 10.49 -24.16 -26.67
CA LEU C 376 10.15 -24.84 -25.43
C LEU C 376 8.65 -25.14 -25.36
N TYR C 377 8.32 -26.38 -25.00
CA TYR C 377 6.94 -26.86 -24.84
C TYR C 377 6.74 -27.43 -23.45
N ARG C 378 5.47 -27.45 -23.02
CA ARG C 378 5.04 -27.88 -21.70
C ARG C 378 3.81 -28.79 -21.79
N ILE C 379 3.78 -29.81 -20.92
CA ILE C 379 2.62 -30.69 -20.77
C ILE C 379 2.33 -30.87 -19.27
N CYS C 380 1.04 -30.85 -18.92
CA CYS C 380 0.58 -31.00 -17.53
C CYS C 380 -0.51 -32.05 -17.43
N PRO C 381 -0.14 -33.34 -17.48
CA PRO C 381 -1.14 -34.41 -17.45
C PRO C 381 -1.45 -34.97 -16.07
N ASP C 382 -2.67 -35.52 -15.96
CA ASP C 382 -3.16 -36.24 -14.79
C ASP C 382 -3.43 -37.70 -15.14
N PHE C 383 -3.46 -38.54 -14.09
CA PHE C 383 -3.81 -39.95 -14.20
C PHE C 383 -5.12 -40.24 -13.49
N LYS C 384 -5.89 -41.21 -13.99
CA LYS C 384 -7.22 -41.53 -13.38
C LYS C 384 -7.02 -42.55 -12.26
N GLN C 385 -7.58 -42.29 -11.06
CA GLN C 385 -7.47 -43.21 -9.89
C GLN C 385 -6.03 -43.71 -9.76
N MET C 386 -5.10 -42.81 -9.47
CA MET C 386 -3.66 -43.19 -9.36
C MET C 386 -3.56 -44.51 -8.55
N ASP C 387 -4.41 -44.64 -7.54
CA ASP C 387 -4.18 -45.54 -6.40
C ASP C 387 -4.09 -46.96 -6.94
N GLY C 388 -5.06 -47.31 -7.78
CA GLY C 388 -5.17 -48.63 -8.35
C GLY C 388 -4.04 -49.01 -9.28
N SER C 389 -3.28 -48.03 -9.77
CA SER C 389 -2.19 -48.33 -10.69
C SER C 389 -0.86 -48.55 -10.00
N VAL C 390 -0.78 -48.32 -8.70
CA VAL C 390 0.47 -48.45 -7.97
C VAL C 390 0.69 -49.91 -7.62
N ASP C 391 1.77 -50.48 -8.14
CA ASP C 391 2.01 -51.92 -8.09
C ASP C 391 2.82 -52.32 -6.86
N ALA C 392 2.63 -53.57 -6.42
CA ALA C 392 3.29 -54.07 -5.23
C ALA C 392 4.81 -53.95 -5.33
N THR C 393 5.38 -54.20 -6.51
CA THR C 393 6.82 -54.06 -6.69
C THR C 393 7.28 -52.66 -6.31
N THR C 394 6.60 -51.63 -6.82
CA THR C 394 6.96 -50.25 -6.51
C THR C 394 6.86 -49.97 -5.01
N ILE C 395 5.78 -50.46 -4.38
CA ILE C 395 5.57 -50.23 -2.95
C ILE C 395 6.71 -50.86 -2.14
N GLU C 396 6.99 -52.14 -2.41
CA GLU C 396 8.06 -52.82 -1.70
C GLU C 396 9.39 -52.14 -1.93
N ALA C 397 9.65 -51.69 -3.17
CA ALA C 397 10.91 -51.03 -3.48
C ALA C 397 11.03 -49.70 -2.72
N VAL C 398 9.94 -48.97 -2.58
CA VAL C 398 9.99 -47.68 -1.89
C VAL C 398 10.19 -47.89 -0.38
N VAL C 399 9.44 -48.83 0.19
CA VAL C 399 9.61 -49.15 1.60
C VAL C 399 11.06 -49.55 1.88
N ASP C 400 11.59 -50.44 1.04
CA ASP C 400 13.00 -50.82 1.13
C ASP C 400 13.91 -49.61 1.04
N TYR C 401 13.69 -48.74 0.05
CA TYR C 401 14.58 -47.61 -0.18
C TYR C 401 14.64 -46.72 1.05
N VAL C 402 13.49 -46.51 1.69
CA VAL C 402 13.43 -45.63 2.85
C VAL C 402 14.13 -46.27 4.04
N VAL C 403 13.68 -47.47 4.42
CA VAL C 403 14.30 -48.17 5.55
C VAL C 403 15.80 -48.30 5.34
N ASP C 404 16.23 -48.63 4.12
CA ASP C 404 17.64 -48.76 3.80
C ASP C 404 18.36 -47.45 4.00
N ALA C 405 17.82 -46.35 3.45
CA ALA C 405 18.41 -45.05 3.67
C ALA C 405 18.67 -44.82 5.16
N HIS C 406 17.78 -45.33 6.01
CA HIS C 406 17.99 -45.16 7.43
C HIS C 406 19.05 -46.12 7.99
N VAL C 407 18.89 -47.42 7.75
CA VAL C 407 19.78 -48.41 8.35
C VAL C 407 21.18 -48.38 7.76
N LYS C 408 21.38 -47.70 6.64
CA LYS C 408 22.72 -47.38 6.18
C LYS C 408 23.40 -46.43 7.15
N GLN C 409 22.73 -45.32 7.47
CA GLN C 409 23.29 -44.31 8.35
C GLN C 409 23.36 -44.78 9.80
N TYR C 410 22.49 -45.71 10.20
CA TYR C 410 22.34 -46.08 11.61
C TYR C 410 22.18 -47.58 11.70
N PRO C 411 23.26 -48.34 11.43
CA PRO C 411 23.11 -49.80 11.25
C PRO C 411 22.56 -50.52 12.46
N THR C 412 22.78 -49.99 13.67
CA THR C 412 22.53 -50.76 14.89
C THR C 412 21.08 -51.17 15.04
N ALA C 413 20.15 -50.54 14.31
CA ALA C 413 18.73 -50.81 14.48
C ALA C 413 18.15 -51.59 13.30
N ARG C 414 19.02 -52.13 12.45
CA ARG C 414 18.59 -52.71 11.17
C ARG C 414 17.38 -53.60 11.39
N GLN C 415 17.56 -54.65 12.20
CA GLN C 415 16.54 -55.68 12.33
C GLN C 415 15.20 -55.05 12.62
N PHE C 416 15.16 -54.17 13.64
CA PHE C 416 13.87 -53.68 14.10
C PHE C 416 13.14 -52.98 12.96
N TRP C 417 13.81 -52.06 12.29
CA TRP C 417 13.07 -51.31 11.29
C TRP C 417 12.75 -52.15 10.08
N GLU C 418 13.56 -53.18 9.80
CA GLU C 418 13.21 -54.09 8.73
C GLU C 418 11.89 -54.80 9.06
N GLU C 419 11.72 -55.16 10.33
CA GLU C 419 10.45 -55.75 10.75
C GLU C 419 9.32 -54.74 10.65
N VAL C 420 9.62 -53.46 10.81
CA VAL C 420 8.59 -52.46 10.58
C VAL C 420 8.27 -52.37 9.09
N GLY C 421 9.28 -52.52 8.24
CA GLY C 421 9.02 -52.48 6.80
C GLY C 421 7.99 -53.51 6.38
N LYS C 422 8.18 -54.76 6.85
CA LYS C 422 7.22 -55.82 6.59
C LYS C 422 5.81 -55.38 6.95
N LEU C 423 5.68 -54.65 8.05
CA LEU C 423 4.36 -54.18 8.46
C LEU C 423 3.86 -53.13 7.50
N TRP C 424 4.69 -52.11 7.21
CA TRP C 424 4.32 -51.03 6.31
C TRP C 424 3.71 -51.58 5.02
N VAL C 425 4.38 -52.55 4.41
CA VAL C 425 3.91 -53.12 3.15
C VAL C 425 2.55 -53.77 3.35
N GLU C 426 2.41 -54.61 4.38
CA GLU C 426 1.13 -55.25 4.62
C GLU C 426 0.05 -54.21 4.91
N MET C 427 0.46 -53.04 5.40
CA MET C 427 -0.46 -51.94 5.66
C MET C 427 -0.86 -51.22 4.37
N ALA C 428 0.04 -51.19 3.38
CA ALA C 428 -0.20 -50.45 2.15
C ALA C 428 -0.94 -51.24 1.10
N THR C 429 -0.97 -52.56 1.23
CA THR C 429 -1.46 -53.43 0.17
C THR C 429 -2.58 -54.36 0.59
N GLN C 430 -2.59 -54.81 1.85
CA GLN C 430 -3.38 -55.97 2.22
C GLN C 430 -4.05 -55.82 3.59
N SER C 431 -4.23 -54.59 4.06
CA SER C 431 -4.89 -54.39 5.34
C SER C 431 -6.33 -54.89 5.28
N PRO C 432 -6.79 -55.66 6.26
CA PRO C 432 -8.23 -55.90 6.38
C PRO C 432 -8.93 -54.64 6.86
N PHE C 433 -10.16 -54.45 6.38
CA PHE C 433 -10.79 -53.16 6.63
C PHE C 433 -12.31 -53.30 6.64
N LEU C 434 -12.93 -52.41 7.40
CA LEU C 434 -14.37 -52.23 7.48
C LEU C 434 -14.81 -51.20 6.45
N ILE C 435 -16.10 -51.23 6.13
CA ILE C 435 -16.68 -50.19 5.28
C ILE C 435 -17.92 -49.64 5.96
N ASP C 436 -19.02 -50.39 5.91
CA ASP C 436 -20.26 -50.02 6.58
C ASP C 436 -20.80 -51.23 7.31
N GLY C 437 -20.90 -51.12 8.63
CA GLY C 437 -21.39 -52.23 9.43
C GLY C 437 -20.29 -53.17 9.89
N THR C 438 -20.65 -54.43 10.05
CA THR C 438 -19.83 -55.39 10.76
C THR C 438 -18.90 -56.21 9.85
N LYS C 439 -19.25 -56.34 8.57
CA LYS C 439 -18.46 -57.13 7.64
C LYS C 439 -17.05 -56.57 7.48
N VAL C 440 -16.06 -57.47 7.42
CA VAL C 440 -14.66 -57.12 7.20
C VAL C 440 -14.27 -57.58 5.81
N TYR C 441 -13.51 -56.75 5.10
CA TYR C 441 -13.12 -57.01 3.72
C TYR C 441 -11.60 -57.02 3.59
N ARG C 442 -11.13 -57.34 2.38
CA ARG C 442 -9.73 -57.18 2.03
C ARG C 442 -9.57 -57.18 0.51
N LYS C 443 -8.66 -56.32 0.04
CA LYS C 443 -8.27 -56.30 -1.38
C LYS C 443 -7.82 -57.68 -1.84
N MET C 444 -8.31 -58.08 -3.02
CA MET C 444 -7.99 -59.41 -3.54
C MET C 444 -6.51 -59.51 -3.92
N GLN C 445 -6.00 -58.52 -4.65
CA GLN C 445 -4.63 -58.49 -5.14
C GLN C 445 -3.74 -57.71 -4.21
N LYS C 446 -2.43 -57.97 -4.31
CA LYS C 446 -1.45 -57.14 -3.62
C LYS C 446 -1.29 -55.79 -4.31
N ASP C 447 -1.38 -55.77 -5.64
CA ASP C 447 -1.25 -54.52 -6.38
C ASP C 447 -2.34 -53.55 -5.97
N GLY C 448 -2.06 -52.25 -6.14
CA GLY C 448 -3.02 -51.22 -5.81
C GLY C 448 -2.80 -50.67 -4.42
N LEU C 449 -2.62 -49.36 -4.33
CA LEU C 449 -2.26 -48.72 -3.06
C LEU C 449 -3.51 -48.40 -2.25
N MET C 450 -3.43 -48.63 -0.94
CA MET C 450 -4.51 -48.30 -0.03
C MET C 450 -4.25 -46.88 0.47
N THR C 451 -4.81 -45.91 -0.27
CA THR C 451 -4.66 -44.50 0.07
C THR C 451 -5.10 -44.23 1.50
N GLY C 452 -4.25 -43.50 2.23
CA GLY C 452 -4.42 -43.29 3.66
C GLY C 452 -3.29 -43.87 4.49
N VAL C 453 -2.56 -44.84 3.92
CA VAL C 453 -1.38 -45.37 4.58
C VAL C 453 -0.31 -44.31 4.64
N VAL C 454 0.52 -44.36 5.69
CA VAL C 454 1.67 -43.46 5.77
C VAL C 454 2.51 -43.61 4.51
N GLY C 455 2.88 -42.49 3.90
CA GLY C 455 3.67 -42.50 2.69
C GLY C 455 2.89 -42.49 1.38
N THR C 456 1.55 -42.47 1.44
CA THR C 456 0.70 -42.44 0.24
C THR C 456 1.25 -41.56 -0.88
N THR C 457 1.44 -40.27 -0.56
CA THR C 457 1.87 -39.30 -1.55
C THR C 457 3.21 -39.68 -2.16
N LEU C 458 4.10 -40.27 -1.36
CA LEU C 458 5.41 -40.66 -1.86
C LEU C 458 5.32 -41.84 -2.82
N PHE C 459 4.51 -42.85 -2.47
CA PHE C 459 4.30 -43.98 -3.37
C PHE C 459 3.78 -43.49 -4.71
N ASP C 460 2.78 -42.60 -4.67
CA ASP C 460 2.23 -42.04 -5.90
C ASP C 460 3.33 -41.33 -6.70
N THR C 461 4.08 -40.44 -6.05
CA THR C 461 5.11 -39.68 -6.74
C THR C 461 6.12 -40.62 -7.40
N VAL C 462 6.46 -41.71 -6.72
CA VAL C 462 7.47 -42.61 -7.24
C VAL C 462 6.96 -43.33 -8.49
N LYS C 463 5.85 -44.05 -8.36
CA LYS C 463 5.27 -44.74 -9.52
C LYS C 463 5.17 -43.81 -10.74
N SER C 464 4.58 -42.62 -10.53
CA SER C 464 4.49 -41.61 -11.57
C SER C 464 5.85 -41.33 -12.20
N ALA C 465 6.84 -40.99 -11.37
CA ALA C 465 8.15 -40.62 -11.89
C ALA C 465 8.81 -41.76 -12.64
N LEU C 466 8.65 -42.99 -12.16
CA LEU C 466 9.21 -44.15 -12.85
C LEU C 466 8.65 -44.24 -14.27
N ALA C 467 7.33 -44.11 -14.40
CA ALA C 467 6.72 -44.16 -15.73
C ALA C 467 7.26 -43.03 -16.62
N TYR C 468 7.30 -41.81 -16.10
CA TYR C 468 7.77 -40.71 -16.94
C TYR C 468 9.25 -40.82 -17.29
N ASN C 469 10.03 -41.51 -16.46
CA ASN C 469 11.43 -41.75 -16.79
C ASN C 469 11.55 -42.76 -17.93
N ASP C 470 10.73 -43.82 -17.88
CA ASP C 470 10.68 -44.73 -19.03
C ASP C 470 10.28 -43.99 -20.30
N TRP C 471 9.33 -43.05 -20.19
CA TRP C 471 8.95 -42.20 -21.32
C TRP C 471 10.15 -41.46 -21.90
N ALA C 472 10.91 -40.75 -21.04
CA ALA C 472 12.06 -40.00 -21.55
C ALA C 472 13.10 -40.95 -22.16
N ASP C 473 13.25 -42.14 -21.58
CA ASP C 473 14.20 -43.11 -22.11
C ASP C 473 13.79 -43.58 -23.49
N GLN C 474 12.48 -43.75 -23.71
CA GLN C 474 11.99 -44.08 -25.05
C GLN C 474 12.21 -42.91 -26.01
N LEU C 475 12.24 -41.69 -25.48
CA LEU C 475 12.54 -40.54 -26.34
C LEU C 475 13.99 -40.57 -26.79
N MET C 476 14.90 -41.01 -25.92
CA MET C 476 16.30 -41.08 -26.34
C MET C 476 16.51 -42.10 -27.45
N PHE C 477 15.67 -43.13 -27.54
CA PHE C 477 15.72 -44.08 -28.64
C PHE C 477 14.85 -43.68 -29.83
N GLY C 478 14.73 -42.37 -30.09
CA GLY C 478 14.14 -41.86 -31.31
C GLY C 478 12.65 -42.06 -31.49
N SER C 479 11.95 -42.49 -30.45
CA SER C 479 10.49 -42.67 -30.52
C SER C 479 9.77 -41.38 -30.16
N LEU C 480 9.96 -40.37 -31.02
CA LEU C 480 9.39 -39.05 -30.73
C LEU C 480 7.88 -39.00 -30.92
N ASN C 481 7.28 -40.05 -31.49
CA ASN C 481 5.82 -40.09 -31.59
C ASN C 481 5.18 -40.31 -30.24
N LEU C 482 5.97 -40.52 -29.19
CA LEU C 482 5.47 -40.52 -27.83
C LEU C 482 5.18 -39.13 -27.32
N LEU C 483 5.58 -38.09 -28.06
CA LEU C 483 5.18 -36.73 -27.74
C LEU C 483 3.73 -36.45 -28.12
N GLU C 484 3.07 -37.38 -28.78
CA GLU C 484 1.73 -37.21 -29.30
C GLU C 484 0.72 -37.94 -28.42
N GLU C 485 -0.40 -37.27 -28.10
CA GLU C 485 -1.46 -37.85 -27.28
C GLU C 485 -1.77 -39.30 -27.64
N LYS C 486 -2.06 -39.53 -28.92
CA LYS C 486 -2.37 -40.83 -29.49
C LYS C 486 -1.54 -41.95 -28.88
N TYR C 487 -0.22 -41.83 -29.00
CA TYR C 487 0.69 -42.91 -28.64
C TYR C 487 1.08 -42.86 -27.18
N ALA C 488 1.10 -41.67 -26.57
CA ALA C 488 1.42 -41.57 -25.14
C ALA C 488 0.39 -42.28 -24.28
N ILE C 489 -0.89 -42.09 -24.58
CA ILE C 489 -1.93 -42.77 -23.81
C ILE C 489 -1.72 -44.28 -23.84
N GLU C 490 -1.53 -44.82 -25.05
CA GLU C 490 -1.19 -46.23 -25.23
C GLU C 490 0.03 -46.62 -24.41
N PHE C 491 1.09 -45.81 -24.48
CA PHE C 491 2.34 -46.14 -23.81
C PHE C 491 2.11 -46.32 -22.33
N PHE C 492 1.48 -45.35 -21.68
CA PHE C 492 1.31 -45.43 -20.24
C PHE C 492 0.36 -46.58 -19.87
N LYS C 493 -0.75 -46.72 -20.60
CA LYS C 493 -1.68 -47.81 -20.35
C LYS C 493 -0.99 -49.17 -20.42
N ASN C 494 -0.25 -49.42 -21.50
CA ASN C 494 0.24 -50.76 -21.78
C ASN C 494 1.52 -51.07 -21.02
N LYS C 495 2.42 -50.10 -20.86
CA LYS C 495 3.70 -50.34 -20.23
C LYS C 495 3.72 -50.03 -18.74
N HIS C 496 2.64 -49.44 -18.19
CA HIS C 496 2.69 -49.05 -16.79
C HIS C 496 1.34 -49.17 -16.08
N GLY C 497 0.27 -49.45 -16.83
CA GLY C 497 -1.04 -49.51 -16.22
C GLY C 497 -1.60 -48.17 -15.81
N LEU C 498 -1.12 -47.09 -16.42
CA LEU C 498 -1.49 -45.73 -16.07
C LEU C 498 -2.48 -45.19 -17.09
N VAL C 499 -3.63 -44.70 -16.60
CA VAL C 499 -4.72 -44.26 -17.46
C VAL C 499 -4.79 -42.74 -17.39
N ILE C 500 -4.38 -42.09 -18.48
CA ILE C 500 -4.31 -40.63 -18.52
C ILE C 500 -5.72 -40.06 -18.64
N LYS C 501 -6.16 -39.32 -17.62
CA LYS C 501 -7.41 -38.57 -17.71
C LYS C 501 -7.44 -37.75 -19.00
N GLU C 502 -8.37 -38.07 -19.89
CA GLU C 502 -8.25 -37.65 -21.28
C GLU C 502 -8.39 -36.13 -21.42
N GLY C 503 -7.73 -35.60 -22.44
CA GLY C 503 -7.66 -34.18 -22.69
C GLY C 503 -6.62 -33.44 -21.87
N THR C 504 -5.90 -34.14 -20.99
CA THR C 504 -4.84 -33.52 -20.21
C THR C 504 -3.49 -33.57 -20.90
N TRP C 505 -3.33 -34.42 -21.91
CA TRP C 505 -2.14 -34.40 -22.77
C TRP C 505 -2.40 -33.46 -23.95
N LYS C 506 -2.15 -32.18 -23.72
CA LYS C 506 -2.28 -31.15 -24.75
C LYS C 506 -1.06 -30.23 -24.65
N PRO C 507 0.04 -30.63 -25.29
CA PRO C 507 1.28 -29.83 -25.20
C PRO C 507 1.07 -28.42 -25.73
N ALA C 508 1.73 -27.46 -25.06
CA ALA C 508 1.50 -26.05 -25.31
C ALA C 508 2.81 -25.28 -25.36
N LEU C 509 2.84 -24.24 -26.19
CA LEU C 509 4.03 -23.42 -26.37
C LEU C 509 4.24 -22.50 -25.17
N VAL C 510 5.43 -22.56 -24.59
CA VAL C 510 5.75 -21.77 -23.40
C VAL C 510 6.21 -20.37 -23.82
N ASN C 511 5.66 -19.35 -23.15
CA ASN C 511 6.17 -17.98 -23.26
C ASN C 511 7.42 -17.90 -22.38
N GLU C 512 8.55 -18.27 -22.99
CA GLU C 512 9.81 -18.46 -22.25
C GLU C 512 10.12 -17.30 -21.30
N ASP C 513 10.00 -16.07 -21.79
CA ASP C 513 10.32 -14.89 -20.99
C ASP C 513 9.12 -13.94 -21.06
N PRO C 514 8.18 -14.07 -20.12
CA PRO C 514 6.95 -13.29 -20.22
C PRO C 514 7.16 -11.83 -19.88
N GLY C 515 6.31 -10.98 -20.46
CA GLY C 515 6.24 -9.59 -20.09
C GLY C 515 5.26 -9.36 -18.95
N PHE C 516 5.35 -8.16 -18.36
CA PHE C 516 4.49 -7.81 -17.23
C PHE C 516 3.03 -8.15 -17.51
N GLY C 517 2.47 -9.02 -16.68
CA GLY C 517 1.07 -9.41 -16.78
C GLY C 517 0.79 -10.62 -17.64
N GLU C 518 1.79 -11.15 -18.34
CA GLU C 518 1.61 -12.28 -19.24
C GLU C 518 1.77 -13.61 -18.50
N LEU C 519 1.11 -14.64 -19.01
CA LEU C 519 1.23 -15.98 -18.46
C LEU C 519 2.44 -16.71 -19.02
N TRP C 520 2.84 -17.76 -18.28
CA TRP C 520 3.86 -18.70 -18.74
C TRP C 520 3.25 -19.67 -19.74
N THR C 521 2.22 -20.42 -19.31
CA THR C 521 1.18 -20.94 -20.18
C THR C 521 -0.12 -20.90 -19.41
N GLU C 522 -1.22 -21.21 -20.10
CA GLU C 522 -2.52 -21.27 -19.45
C GLU C 522 -2.71 -22.53 -18.62
N GLN C 523 -1.78 -23.49 -18.70
CA GLN C 523 -1.90 -24.75 -17.99
C GLN C 523 -1.67 -24.56 -16.50
N LYS C 524 -2.21 -25.49 -15.72
CA LYS C 524 -2.14 -25.45 -14.26
C LYS C 524 -1.24 -26.58 -13.77
N PHE C 525 -0.34 -26.25 -12.86
CA PHE C 525 0.49 -27.23 -12.16
C PHE C 525 0.40 -26.94 -10.67
N LEU C 526 0.07 -27.98 -9.90
CA LEU C 526 -0.31 -27.83 -8.50
C LEU C 526 -1.47 -26.84 -8.38
N GLY C 527 -2.41 -26.93 -9.33
CA GLY C 527 -3.64 -26.17 -9.32
C GLY C 527 -3.51 -24.70 -9.66
N LEU C 528 -2.35 -24.25 -10.13
CA LEU C 528 -2.12 -22.82 -10.32
C LEU C 528 -1.38 -22.57 -11.62
N GLN C 529 -1.76 -21.48 -12.30
CA GLN C 529 -1.02 -20.96 -13.44
C GLN C 529 0.16 -20.13 -12.97
N LEU C 530 1.20 -20.08 -13.79
CA LEU C 530 2.35 -19.22 -13.53
C LEU C 530 2.22 -17.91 -14.31
N LYS C 531 2.59 -16.79 -13.68
CA LYS C 531 2.40 -15.49 -14.30
C LYS C 531 3.48 -14.54 -13.79
N VAL C 532 3.69 -13.45 -14.53
CA VAL C 532 4.70 -12.45 -14.18
C VAL C 532 4.03 -11.10 -13.95
N VAL C 533 4.46 -10.40 -12.89
CA VAL C 533 3.97 -9.06 -12.59
C VAL C 533 5.17 -8.16 -12.30
N ARG C 534 4.98 -6.85 -12.46
CA ARG C 534 6.08 -5.92 -12.27
C ARG C 534 6.15 -5.38 -10.84
N ARG C 535 7.36 -5.23 -10.34
CA ARG C 535 7.71 -4.50 -9.13
C ARG C 535 8.81 -3.54 -9.56
N GLU C 536 8.48 -2.25 -9.63
CA GLU C 536 9.36 -1.23 -10.21
C GLU C 536 9.57 -1.68 -11.65
N ASN C 537 10.80 -1.93 -12.10
CA ASN C 537 11.06 -2.46 -13.44
C ASN C 537 11.55 -3.90 -13.39
N GLU C 538 11.41 -4.57 -12.26
CA GLU C 538 11.76 -5.97 -12.13
C GLU C 538 10.48 -6.80 -12.22
N LYS C 539 10.63 -8.10 -12.48
CA LYS C 539 9.48 -8.96 -12.71
C LYS C 539 9.47 -10.13 -11.72
N VAL C 540 8.40 -10.22 -10.95
CA VAL C 540 8.18 -11.30 -9.98
C VAL C 540 7.25 -12.35 -10.59
N TYR C 541 7.69 -13.61 -10.52
CA TYR C 541 6.86 -14.74 -10.92
C TYR C 541 5.96 -15.14 -9.75
N VAL C 542 4.66 -15.29 -10.03
CA VAL C 542 3.64 -15.52 -9.01
C VAL C 542 2.59 -16.48 -9.54
N PRO C 543 1.85 -17.13 -8.65
CA PRO C 543 0.72 -17.96 -9.08
C PRO C 543 -0.49 -17.11 -9.47
N ASN C 544 -1.38 -17.74 -10.22
CA ASN C 544 -2.56 -17.06 -10.76
C ASN C 544 -3.61 -18.08 -11.17
N LEU C 545 -4.86 -17.61 -11.22
CA LEU C 545 -5.96 -18.36 -11.79
C LEU C 545 -6.96 -17.37 -12.39
N PRO C 546 -7.77 -17.81 -13.36
CA PRO C 546 -8.88 -16.97 -13.80
C PRO C 546 -9.95 -16.83 -12.74
N PHE C 547 -10.67 -15.71 -12.79
CA PHE C 547 -11.67 -15.37 -11.78
C PHE C 547 -12.62 -16.52 -11.46
N GLU C 548 -13.15 -17.17 -12.51
CA GLU C 548 -14.11 -18.24 -12.29
C GLU C 548 -13.60 -19.29 -11.31
N ASP C 549 -12.30 -19.60 -11.36
CA ASP C 549 -11.74 -20.61 -10.47
C ASP C 549 -11.68 -20.10 -9.03
N TRP C 550 -11.17 -18.88 -8.83
CA TRP C 550 -11.16 -18.28 -7.51
C TRP C 550 -12.56 -18.24 -6.92
N LEU C 551 -13.55 -17.92 -7.74
CA LEU C 551 -14.93 -17.82 -7.25
C LEU C 551 -15.48 -19.19 -6.87
N THR C 552 -15.13 -20.22 -7.66
CA THR C 552 -15.53 -21.57 -7.29
C THR C 552 -14.97 -21.95 -5.93
N MET C 553 -13.70 -21.62 -5.69
CA MET C 553 -13.11 -21.91 -4.38
C MET C 553 -13.77 -21.09 -3.28
N TRP C 554 -14.09 -19.83 -3.56
CA TRP C 554 -14.77 -19.00 -2.57
C TRP C 554 -16.09 -19.62 -2.13
N VAL C 555 -16.89 -20.09 -3.08
CA VAL C 555 -18.26 -20.48 -2.75
C VAL C 555 -18.37 -21.91 -2.26
N THR C 556 -17.26 -22.65 -2.20
CA THR C 556 -17.25 -24.03 -1.70
C THR C 556 -16.23 -24.19 -0.57
N PRO C 557 -16.49 -23.57 0.58
CA PRO C 557 -15.56 -23.71 1.72
C PRO C 557 -15.50 -25.15 2.21
N ARG C 558 -14.36 -25.50 2.82
CA ARG C 558 -14.14 -26.83 3.37
C ARG C 558 -14.30 -26.75 4.88
N SER C 559 -15.35 -27.39 5.40
CA SER C 559 -15.56 -27.46 6.84
C SER C 559 -16.29 -28.74 7.22
N GLU C 565 -21.58 -22.51 16.76
CA GLU C 565 -21.05 -21.78 15.61
C GLU C 565 -21.63 -20.35 15.59
N THR C 566 -21.00 -19.47 16.36
CA THR C 566 -21.55 -18.13 16.59
C THR C 566 -21.58 -17.32 15.30
N GLU C 567 -22.45 -16.31 15.29
CA GLU C 567 -22.34 -15.20 14.34
C GLU C 567 -20.89 -14.72 14.26
N THR C 568 -20.28 -14.50 15.42
CA THR C 568 -18.91 -13.99 15.51
C THR C 568 -17.93 -14.85 14.73
N MET C 569 -17.87 -16.14 15.05
CA MET C 569 -16.86 -17.01 14.45
C MET C 569 -17.07 -17.16 12.94
N ARG C 570 -18.32 -17.11 12.48
CA ARG C 570 -18.59 -17.18 11.04
C ARG C 570 -18.13 -15.91 10.35
N GLU C 571 -18.45 -14.76 10.96
CA GLU C 571 -17.99 -13.48 10.43
C GLU C 571 -16.46 -13.45 10.36
N ARG C 572 -15.80 -14.08 11.33
CA ARG C 572 -14.34 -14.15 11.33
C ARG C 572 -13.84 -15.09 10.24
N THR C 573 -14.51 -16.22 10.06
CA THR C 573 -14.14 -17.18 9.03
C THR C 573 -14.17 -16.55 7.64
N LEU C 574 -15.20 -15.76 7.35
CA LEU C 574 -15.22 -15.03 6.08
C LEU C 574 -13.93 -14.24 5.88
N PHE C 575 -13.53 -13.48 6.90
CA PHE C 575 -12.30 -12.70 6.87
C PHE C 575 -11.08 -13.58 6.62
N ASP C 576 -10.95 -14.66 7.38
CA ASP C 576 -9.81 -15.56 7.26
C ASP C 576 -9.71 -16.14 5.86
N ARG C 577 -10.82 -16.66 5.33
CA ARG C 577 -10.81 -17.27 4.00
C ARG C 577 -10.46 -16.25 2.92
N ALA C 578 -11.02 -15.04 3.02
CA ALA C 578 -10.66 -13.99 2.07
C ALA C 578 -9.15 -13.74 2.09
N ARG C 579 -8.58 -13.54 3.28
CA ARG C 579 -7.14 -13.37 3.41
C ARG C 579 -6.38 -14.51 2.75
N GLY C 580 -6.71 -15.74 3.12
CA GLY C 580 -6.10 -16.94 2.57
C GLY C 580 -6.08 -16.96 1.06
N LEU C 581 -7.26 -16.84 0.44
CA LEU C 581 -7.35 -16.86 -1.02
C LEU C 581 -6.48 -15.77 -1.63
N LEU C 582 -6.62 -14.53 -1.16
CA LEU C 582 -5.72 -13.46 -1.60
C LEU C 582 -4.26 -13.91 -1.61
N VAL C 583 -3.81 -14.49 -0.49
CA VAL C 583 -2.40 -14.89 -0.40
C VAL C 583 -2.08 -15.99 -1.41
N THR C 584 -3.04 -16.88 -1.68
CA THR C 584 -2.80 -17.97 -2.61
C THR C 584 -2.61 -17.50 -4.05
N GLY C 585 -3.10 -16.31 -4.38
CA GLY C 585 -2.88 -15.75 -5.69
C GLY C 585 -4.07 -14.99 -6.23
N ALA C 586 -5.14 -14.91 -5.43
CA ALA C 586 -6.34 -14.20 -5.88
C ALA C 586 -6.12 -12.71 -5.96
N VAL C 587 -5.09 -12.19 -5.29
CA VAL C 587 -4.78 -10.77 -5.35
C VAL C 587 -4.30 -10.36 -6.74
N PHE C 588 -3.92 -11.32 -7.58
CA PHE C 588 -3.42 -11.04 -8.92
C PHE C 588 -4.49 -11.16 -9.99
N ASP C 589 -5.75 -11.39 -9.61
CA ASP C 589 -6.88 -11.27 -10.51
C ASP C 589 -7.72 -10.10 -10.05
N GLU C 590 -8.02 -9.18 -10.97
CA GLU C 590 -8.78 -7.98 -10.66
C GLU C 590 -10.09 -8.29 -9.93
N ARG C 591 -10.99 -9.02 -10.59
CA ARG C 591 -12.32 -9.24 -10.03
C ARG C 591 -12.23 -9.95 -8.69
N ALA C 592 -11.32 -10.91 -8.57
CA ALA C 592 -11.18 -11.67 -7.33
C ALA C 592 -10.61 -10.80 -6.21
N ARG C 593 -9.57 -10.01 -6.52
CA ARG C 593 -9.07 -9.06 -5.54
C ARG C 593 -10.17 -8.16 -5.02
N GLY C 594 -11.02 -7.65 -5.93
CA GLY C 594 -12.10 -6.78 -5.49
C GLY C 594 -13.09 -7.48 -4.58
N LEU C 595 -13.43 -8.74 -4.91
CA LEU C 595 -14.39 -9.47 -4.09
C LEU C 595 -13.83 -9.73 -2.69
N MET C 596 -12.59 -10.23 -2.62
CA MET C 596 -11.98 -10.49 -1.32
C MET C 596 -11.83 -9.21 -0.52
N GLY C 597 -11.44 -8.12 -1.19
CA GLY C 597 -11.40 -6.82 -0.52
C GLY C 597 -12.73 -6.44 0.09
N ALA C 598 -13.81 -6.57 -0.67
CA ALA C 598 -15.13 -6.24 -0.15
C ALA C 598 -15.46 -7.09 1.08
N VAL C 599 -15.14 -8.38 1.02
CA VAL C 599 -15.38 -9.23 2.18
C VAL C 599 -14.61 -8.71 3.39
N ILE C 600 -13.30 -8.53 3.23
CA ILE C 600 -12.46 -7.99 4.30
C ILE C 600 -13.05 -6.72 4.89
N ASN C 601 -13.37 -5.76 4.03
CA ASN C 601 -13.86 -4.46 4.47
C ASN C 601 -15.22 -4.56 5.14
N SER C 602 -16.00 -5.60 4.83
CA SER C 602 -17.25 -5.82 5.55
C SER C 602 -16.99 -6.21 7.01
N THR C 603 -15.95 -6.99 7.26
CA THR C 603 -15.64 -7.50 8.59
C THR C 603 -15.59 -6.39 9.64
N ALA C 604 -16.42 -6.50 10.67
CA ALA C 604 -16.48 -5.50 11.71
C ALA C 604 -15.15 -5.44 12.48
N PRO C 605 -14.75 -4.25 12.94
CA PRO C 605 -13.42 -4.12 13.57
C PRO C 605 -13.18 -5.05 14.76
N GLU C 606 -14.19 -5.21 15.63
CA GLU C 606 -14.10 -6.15 16.74
C GLU C 606 -13.68 -7.53 16.26
N VAL C 607 -14.16 -7.94 15.10
CA VAL C 607 -13.86 -9.27 14.59
C VAL C 607 -12.44 -9.31 14.04
N VAL C 608 -11.94 -8.19 13.51
CA VAL C 608 -10.59 -8.16 12.97
C VAL C 608 -9.57 -8.24 14.08
N CYS C 609 -9.74 -7.44 15.14
CA CYS C 609 -8.74 -7.37 16.20
C CYS C 609 -9.03 -8.35 17.34
N MET C 610 -10.13 -9.11 17.25
CA MET C 610 -10.44 -10.23 18.14
C MET C 610 -9.31 -11.22 18.42
N ARG C 611 -9.16 -11.59 19.70
CA ARG C 611 -8.16 -12.60 20.08
C ARG C 611 -8.56 -13.93 19.46
N VAL C 612 -7.75 -14.41 18.51
CA VAL C 612 -8.01 -15.68 17.84
C VAL C 612 -6.70 -16.49 17.84
N GLN C 613 -6.80 -17.74 17.41
CA GLN C 613 -5.60 -18.57 17.24
C GLN C 613 -5.08 -18.48 15.82
N ILE C 637 -3.97 -12.43 18.31
CA ILE C 637 -4.62 -12.11 17.04
C ILE C 637 -3.61 -11.98 15.92
N SER C 638 -4.10 -12.16 14.70
CA SER C 638 -3.54 -11.50 13.53
C SER C 638 -4.64 -10.61 12.98
N ASP C 639 -4.34 -9.31 12.88
CA ASP C 639 -5.30 -8.33 12.41
C ASP C 639 -4.73 -7.55 11.23
N GLY C 640 -3.90 -8.21 10.43
CA GLY C 640 -3.37 -7.64 9.20
C GLY C 640 -4.01 -8.29 7.99
N TYR C 641 -4.09 -7.54 6.91
CA TYR C 641 -4.59 -8.01 5.63
C TYR C 641 -3.45 -8.10 4.61
N PRO C 642 -3.59 -8.94 3.57
CA PRO C 642 -2.55 -9.01 2.55
C PRO C 642 -2.76 -8.04 1.40
N SER C 643 -2.02 -6.93 1.42
CA SER C 643 -1.98 -6.03 0.28
C SER C 643 -1.30 -6.72 -0.90
N TYR C 644 -1.67 -6.27 -2.11
CA TYR C 644 -0.96 -6.68 -3.33
C TYR C 644 0.55 -6.65 -3.15
N ASP C 645 1.07 -5.54 -2.64
CA ASP C 645 2.52 -5.37 -2.50
C ASP C 645 3.10 -6.42 -1.55
N TRP C 646 2.40 -6.69 -0.44
CA TRP C 646 2.91 -7.66 0.52
C TRP C 646 2.95 -9.07 -0.07
N VAL C 647 1.91 -9.44 -0.81
CA VAL C 647 1.89 -10.77 -1.43
C VAL C 647 3.00 -10.88 -2.46
N VAL C 648 3.18 -9.84 -3.28
CA VAL C 648 4.28 -9.80 -4.23
C VAL C 648 5.61 -10.04 -3.51
N SER C 649 5.80 -9.36 -2.37
CA SER C 649 7.00 -9.60 -1.57
C SER C 649 7.09 -11.04 -1.11
N LEU C 650 5.94 -11.63 -0.76
CA LEU C 650 5.93 -13.02 -0.30
C LEU C 650 6.47 -13.95 -1.37
N TYR C 651 6.12 -13.72 -2.62
CA TYR C 651 6.55 -14.65 -3.66
C TYR C 651 7.94 -14.33 -4.18
N SER C 652 8.33 -13.05 -4.14
CA SER C 652 9.71 -12.65 -4.39
C SER C 652 10.68 -13.08 -3.30
N ARG C 653 11.97 -12.95 -3.56
CA ARG C 653 13.01 -13.38 -2.64
C ARG C 653 13.27 -12.49 -1.44
N ASP C 654 12.48 -11.44 -1.26
CA ASP C 654 12.64 -10.51 -0.14
C ASP C 654 12.67 -11.25 1.20
N HIS C 655 13.33 -10.64 2.18
CA HIS C 655 13.22 -11.07 3.57
C HIS C 655 11.75 -11.11 3.98
N PRO C 656 11.34 -12.05 4.82
CA PRO C 656 9.95 -12.08 5.30
C PRO C 656 9.61 -10.84 6.12
N CYS C 657 8.32 -10.50 6.14
CA CYS C 657 7.82 -9.35 6.89
C CYS C 657 6.34 -9.52 7.11
N ASP C 658 5.82 -8.81 8.11
CA ASP C 658 4.43 -8.96 8.55
C ASP C 658 3.45 -8.26 7.62
N MET C 659 2.22 -8.76 7.61
CA MET C 659 1.14 -8.13 6.86
C MET C 659 0.89 -6.70 7.36
N PRO C 660 0.46 -5.81 6.47
CA PRO C 660 0.01 -4.47 6.91
C PRO C 660 -1.18 -4.58 7.85
N ARG C 661 -1.13 -3.83 8.94
CA ARG C 661 -2.25 -3.77 9.88
C ARG C 661 -3.47 -3.13 9.23
N VAL C 662 -4.65 -3.71 9.50
CA VAL C 662 -5.88 -3.09 9.05
C VAL C 662 -6.17 -1.81 9.85
N PHE C 663 -5.93 -1.86 11.16
CA PHE C 663 -6.08 -0.70 12.03
C PHE C 663 -4.72 -0.36 12.63
N PRO C 664 -3.99 0.60 12.04
CA PRO C 664 -2.61 0.85 12.50
C PRO C 664 -2.51 1.24 13.96
N GLU C 665 -3.43 2.08 14.44
CA GLU C 665 -3.43 2.57 15.81
C GLU C 665 -4.34 1.75 16.72
N ALA C 666 -4.53 0.47 16.40
CA ALA C 666 -5.44 -0.36 17.18
C ALA C 666 -4.85 -0.74 18.53
N ALA C 667 -3.55 -1.06 18.57
CA ALA C 667 -2.89 -1.39 19.83
C ALA C 667 -3.16 -0.32 20.90
N THR C 668 -2.93 0.95 20.53
CA THR C 668 -3.08 2.03 21.49
C THR C 668 -4.55 2.26 21.83
N LEU C 669 -5.44 2.17 20.84
CA LEU C 669 -6.87 2.33 21.09
C LEU C 669 -7.38 1.26 22.06
N ILE C 670 -6.86 0.05 21.94
CA ILE C 670 -7.29 -1.03 22.84
C ILE C 670 -6.72 -0.80 24.23
N ALA C 671 -5.40 -0.65 24.33
CA ALA C 671 -4.77 -0.42 25.63
C ALA C 671 -5.26 0.85 26.30
N SER C 672 -5.81 1.80 25.53
CA SER C 672 -6.36 3.07 26.01
C SER C 672 -5.28 4.06 26.42
N TYR C 673 -4.07 3.90 25.89
CA TYR C 673 -2.93 4.75 26.22
C TYR C 673 -2.04 4.84 25.00
N ARG C 674 -1.77 6.06 24.51
CA ARG C 674 -0.66 6.28 23.61
C ARG C 674 0.45 7.02 24.36
N LYS C 675 1.65 6.45 24.29
CA LYS C 675 2.86 7.09 24.79
C LYS C 675 2.97 8.52 24.27
N GLN C 676 3.44 9.41 25.13
CA GLN C 676 3.61 10.82 24.79
C GLN C 676 4.87 11.29 25.49
N VAL C 677 5.93 11.53 24.73
CA VAL C 677 7.26 11.76 25.29
C VAL C 677 7.23 12.97 26.21
N MET C 678 7.61 12.75 27.47
CA MET C 678 7.80 13.83 28.43
C MET C 678 9.24 13.72 28.92
N ASP C 679 10.07 14.69 28.56
CA ASP C 679 11.49 14.62 28.90
C ASP C 679 11.69 15.25 30.28
N THR C 680 12.47 14.58 31.13
CA THR C 680 12.67 15.05 32.49
C THR C 680 13.73 16.13 32.59
N ARG C 681 14.43 16.38 31.47
CA ARG C 681 15.44 17.46 31.41
C ARG C 681 14.75 18.67 30.81
N VAL C 682 14.20 19.54 31.66
CA VAL C 682 13.39 20.69 31.15
C VAL C 682 13.47 21.86 32.14
N VAL C 683 13.40 23.09 31.64
CA VAL C 683 13.53 24.30 32.50
C VAL C 683 12.25 24.49 33.32
N ARG D 25 -1.44 -31.35 13.06
CA ARG D 25 -0.81 -30.04 13.18
C ARG D 25 0.41 -30.07 14.09
N LEU D 26 0.21 -30.63 15.28
CA LEU D 26 1.21 -30.66 16.35
C LEU D 26 2.04 -31.94 16.32
N SER D 27 3.10 -31.93 17.14
CA SER D 27 3.90 -33.11 17.42
C SER D 27 3.40 -33.76 18.72
N LEU D 28 3.62 -35.07 18.83
CA LEU D 28 3.08 -35.84 19.96
C LEU D 28 3.60 -35.33 21.30
N GLU D 29 4.89 -35.03 21.39
CA GLU D 29 5.44 -34.45 22.61
C GLU D 29 4.66 -33.20 23.03
N ALA D 30 4.46 -32.29 22.07
CA ALA D 30 3.69 -31.07 22.34
C ALA D 30 2.24 -31.41 22.68
N MET D 31 1.66 -32.40 22.01
CA MET D 31 0.28 -32.78 22.27
C MET D 31 0.11 -33.30 23.69
N LEU D 32 1.12 -34.02 24.20
CA LEU D 32 1.05 -34.53 25.56
C LEU D 32 1.21 -33.39 26.57
N ALA D 33 2.12 -32.46 26.31
CA ALA D 33 2.20 -31.28 27.16
C ALA D 33 0.87 -30.53 27.20
N GLU D 34 0.28 -30.33 26.02
CA GLU D 34 -1.01 -29.64 25.90
C GLU D 34 -2.09 -30.34 26.71
N ARG D 35 -2.10 -31.69 26.70
CA ARG D 35 -3.12 -32.42 27.43
C ARG D 35 -2.86 -32.43 28.94
N ALA D 36 -1.59 -32.37 29.34
CA ALA D 36 -1.26 -32.30 30.76
C ALA D 36 -1.70 -30.97 31.36
N MET D 37 -1.51 -29.88 30.61
CA MET D 37 -1.89 -28.56 31.13
C MET D 37 -3.39 -28.51 31.43
N VAL D 38 -4.21 -29.17 30.61
CA VAL D 38 -5.65 -29.13 30.87
C VAL D 38 -6.02 -30.15 31.93
N ALA D 39 -5.30 -31.28 32.02
CA ALA D 39 -5.61 -32.25 33.06
C ALA D 39 -5.36 -31.68 34.45
N ARG D 40 -4.39 -30.76 34.57
CA ARG D 40 -4.15 -30.18 35.89
C ARG D 40 -5.24 -29.20 36.33
N GLN D 41 -6.25 -28.95 35.49
CA GLN D 41 -7.35 -28.06 35.82
C GLN D 41 -8.67 -28.80 36.06
N ASP D 42 -8.75 -30.08 35.69
CA ASP D 42 -9.96 -30.89 35.80
C ASP D 42 -9.86 -31.67 37.10
N LEU D 43 -10.31 -31.05 38.20
CA LEU D 43 -10.06 -31.59 39.53
C LEU D 43 -10.76 -32.92 39.77
N ALA D 44 -11.91 -33.16 39.13
CA ALA D 44 -12.54 -34.48 39.24
C ALA D 44 -11.62 -35.57 38.71
N GLY D 45 -11.12 -35.37 37.48
CA GLY D 45 -10.23 -36.35 36.90
C GLY D 45 -8.87 -36.37 37.57
N LEU D 46 -8.40 -35.21 38.04
CA LEU D 46 -7.17 -35.16 38.82
C LEU D 46 -7.28 -36.02 40.07
N LYS D 47 -8.39 -35.88 40.80
CA LYS D 47 -8.67 -36.73 41.96
C LYS D 47 -8.70 -38.20 41.56
N ARG D 48 -9.34 -38.51 40.43
CA ARG D 48 -9.43 -39.91 40.01
C ARG D 48 -8.06 -40.48 39.68
N LYS D 49 -7.20 -39.68 39.03
CA LYS D 49 -5.90 -40.16 38.58
C LYS D 49 -4.86 -40.26 39.70
N LEU D 50 -5.01 -39.46 40.77
CA LEU D 50 -3.97 -39.38 41.79
C LEU D 50 -4.28 -40.26 43.00
N ALA D 51 -5.34 -41.08 42.92
CA ALA D 51 -5.69 -41.95 44.03
C ALA D 51 -4.64 -43.04 44.20
N GLY D 52 -4.44 -43.46 45.45
CA GLY D 52 -3.48 -44.49 45.76
C GLY D 52 -2.08 -44.24 45.27
N ALA D 53 -1.69 -42.99 45.08
CA ALA D 53 -0.37 -42.66 44.58
C ALA D 53 0.59 -42.59 45.77
N ASP D 54 1.82 -43.07 45.55
CA ASP D 54 2.83 -42.96 46.59
C ASP D 54 3.05 -41.51 46.97
N ARG D 55 2.98 -41.23 48.27
CA ARG D 55 3.00 -39.87 48.79
C ARG D 55 4.12 -39.71 49.81
N VAL D 56 5.04 -38.80 49.54
CA VAL D 56 6.09 -38.44 50.48
C VAL D 56 5.47 -37.65 51.63
N LEU D 57 5.27 -38.31 52.77
CA LEU D 57 4.60 -37.69 53.91
C LEU D 57 5.57 -36.85 54.72
N ALA D 58 5.08 -35.72 55.23
CA ALA D 58 5.87 -34.85 56.09
C ALA D 58 5.88 -35.35 57.53
N PRO D 59 6.91 -35.03 58.29
CA PRO D 59 6.84 -35.24 59.75
C PRO D 59 5.64 -34.50 60.30
N GLN D 60 4.85 -35.16 61.13
CA GLN D 60 3.56 -34.59 61.46
C GLN D 60 3.22 -34.79 62.92
N SER D 61 2.37 -33.89 63.45
CA SER D 61 1.85 -34.09 64.79
C SER D 61 0.57 -34.89 64.70
N PRO D 62 0.45 -35.85 65.61
CA PRO D 62 -0.67 -36.77 65.54
C PRO D 62 -1.96 -36.13 66.04
N GLU D 63 -3.06 -36.71 65.59
CA GLU D 63 -4.38 -36.18 65.85
C GLU D 63 -4.83 -36.41 67.27
N GLN D 64 -5.38 -35.36 67.88
CA GLN D 64 -5.90 -35.39 69.24
C GLN D 64 -7.38 -35.68 69.31
N CYS D 65 -8.14 -35.32 68.28
CA CYS D 65 -9.59 -35.51 68.28
C CYS D 65 -10.10 -35.37 66.85
N GLY D 66 -11.38 -35.71 66.68
CA GLY D 66 -11.94 -35.77 65.35
C GLY D 66 -12.24 -34.40 64.76
N ARG D 67 -12.37 -34.38 63.43
CA ARG D 67 -12.67 -33.15 62.70
C ARG D 67 -13.98 -32.52 63.16
N GLU D 68 -14.95 -33.33 63.57
CA GLU D 68 -16.25 -32.79 63.98
C GLU D 68 -16.17 -32.12 65.36
N SER D 69 -15.54 -32.80 66.32
CA SER D 69 -15.28 -32.20 67.62
C SER D 69 -14.45 -30.91 67.48
N ALA D 70 -13.46 -30.93 66.59
CA ALA D 70 -12.61 -29.77 66.40
C ALA D 70 -13.41 -28.61 65.79
N GLN D 71 -14.29 -28.91 64.83
CA GLN D 71 -15.19 -27.89 64.32
C GLN D 71 -16.02 -27.29 65.45
N ALA D 72 -16.48 -28.13 66.39
CA ALA D 72 -17.29 -27.60 67.50
C ALA D 72 -16.49 -26.63 68.36
N GLN D 73 -15.25 -27.00 68.69
CA GLN D 73 -14.45 -26.12 69.55
C GLN D 73 -14.09 -24.83 68.82
N ALA D 74 -13.79 -24.93 67.53
CA ALA D 74 -13.49 -23.74 66.73
C ALA D 74 -14.69 -22.80 66.68
N ARG D 75 -15.86 -23.34 66.34
CA ARG D 75 -17.13 -22.61 66.40
C ARG D 75 -17.29 -21.86 67.72
N SER D 76 -16.99 -22.53 68.83
CA SER D 76 -17.09 -21.90 70.15
C SER D 76 -16.18 -20.67 70.25
N VAL D 77 -14.90 -20.85 69.92
CA VAL D 77 -13.96 -19.74 70.03
C VAL D 77 -14.38 -18.58 69.13
N THR D 78 -14.72 -18.90 67.87
CA THR D 78 -15.21 -17.91 66.92
C THR D 78 -16.38 -17.11 67.49
N SER D 79 -17.29 -17.77 68.20
CA SER D 79 -18.44 -17.05 68.77
C SER D 79 -17.97 -16.06 69.84
N GLU D 80 -17.12 -16.50 70.75
CA GLU D 80 -16.64 -15.59 71.79
C GLU D 80 -15.91 -14.38 71.18
N LEU D 81 -15.10 -14.63 70.15
CA LEU D 81 -14.36 -13.55 69.49
C LEU D 81 -15.31 -12.59 68.80
N LYS D 82 -16.32 -13.11 68.09
CA LYS D 82 -17.30 -12.25 67.42
C LYS D 82 -17.96 -11.32 68.41
N SER D 83 -18.36 -11.83 69.57
CA SER D 83 -19.11 -10.98 70.47
C SER D 83 -18.22 -9.96 71.17
N ALA D 84 -16.96 -10.32 71.47
CA ALA D 84 -16.05 -9.32 72.04
C ALA D 84 -15.74 -8.22 71.03
N VAL D 85 -15.54 -8.60 69.77
CA VAL D 85 -15.25 -7.61 68.73
C VAL D 85 -16.43 -6.67 68.56
N LYS D 86 -17.65 -7.23 68.44
CA LYS D 86 -18.84 -6.39 68.31
C LYS D 86 -18.95 -5.40 69.47
N GLU D 87 -18.74 -5.89 70.70
CA GLU D 87 -18.71 -5.01 71.87
C GLU D 87 -17.77 -3.84 71.65
N ALA D 88 -16.51 -4.14 71.32
CA ALA D 88 -15.53 -3.06 71.18
C ALA D 88 -15.84 -2.17 70.00
N GLN D 89 -16.54 -2.69 68.99
CA GLN D 89 -16.92 -1.90 67.83
C GLN D 89 -18.06 -0.94 68.13
N GLY D 90 -18.81 -1.18 69.20
CA GLY D 90 -19.85 -0.24 69.54
C GLY D 90 -19.44 0.98 70.34
N LEU D 91 -18.16 1.08 70.72
CA LEU D 91 -17.68 2.15 71.58
C LEU D 91 -17.72 3.52 70.90
N GLU D 92 -18.08 4.54 71.67
CA GLU D 92 -18.06 5.92 71.17
C GLU D 92 -16.65 6.33 70.76
N HIS D 93 -16.55 7.10 69.68
CA HIS D 93 -15.27 7.58 69.18
C HIS D 93 -15.14 9.08 69.40
N GLN D 94 -14.04 9.49 70.05
CA GLN D 94 -13.82 10.89 70.38
C GLN D 94 -13.77 11.74 69.11
N THR D 95 -14.13 13.01 69.27
CA THR D 95 -14.35 13.90 68.15
C THR D 95 -13.06 14.16 67.38
N LEU D 96 -13.22 14.66 66.15
CA LEU D 96 -12.12 14.96 65.25
C LEU D 96 -11.79 16.44 65.26
N ASP D 97 -11.76 17.06 66.44
CA ASP D 97 -11.49 18.49 66.54
C ASP D 97 -10.01 18.80 66.35
N PHE D 98 -9.12 17.85 66.64
CA PHE D 98 -7.69 18.07 66.58
C PHE D 98 -7.18 18.25 65.15
N LEU D 99 -8.02 18.08 64.15
CA LEU D 99 -7.64 18.24 62.75
C LEU D 99 -8.20 19.52 62.18
N GLU D 100 -7.40 20.21 61.37
CA GLU D 100 -7.89 21.30 60.56
C GLU D 100 -8.96 20.80 59.60
N GLN D 101 -9.87 21.70 59.23
CA GLN D 101 -11.01 21.34 58.38
C GLN D 101 -11.11 22.30 57.20
N LEU D 102 -11.27 21.72 56.01
CA LEU D 102 -11.31 22.48 54.76
C LEU D 102 -12.64 22.32 54.04
N GLY D 103 -13.69 21.93 54.74
CA GLY D 103 -15.00 21.78 54.13
C GLY D 103 -15.09 20.59 53.18
N GLU D 104 -15.90 20.75 52.14
CA GLU D 104 -16.16 19.69 51.18
C GLU D 104 -15.47 20.02 49.86
N TYR D 105 -14.98 18.98 49.18
CA TYR D 105 -14.37 19.12 47.85
C TYR D 105 -15.35 18.69 46.77
N PRO D 106 -15.35 19.35 45.61
CA PRO D 106 -16.22 18.94 44.51
C PRO D 106 -15.65 17.75 43.76
N VAL D 107 -16.57 16.91 43.25
CA VAL D 107 -16.18 15.79 42.42
C VAL D 107 -15.46 16.28 41.18
N CYS D 108 -14.30 15.69 40.90
CA CYS D 108 -13.51 16.07 39.73
C CYS D 108 -14.25 15.73 38.45
N GLY D 109 -14.38 16.71 37.57
CA GLY D 109 -15.08 16.58 36.31
C GLY D 109 -14.24 16.19 35.12
N ILE D 110 -12.99 15.75 35.33
CA ILE D 110 -12.12 15.43 34.21
C ILE D 110 -12.63 14.19 33.48
N LEU D 111 -12.59 14.24 32.16
CA LEU D 111 -13.00 13.14 31.30
C LEU D 111 -11.81 12.60 30.53
N HIS D 112 -11.77 11.28 30.35
CA HIS D 112 -10.80 10.63 29.47
C HIS D 112 -11.60 9.85 28.42
N GLY D 113 -11.80 10.48 27.26
CA GLY D 113 -12.63 9.89 26.23
C GLY D 113 -14.09 9.77 26.63
N ASP D 114 -14.63 8.56 26.58
CA ASP D 114 -16.07 8.38 26.71
C ASP D 114 -16.56 8.41 28.16
N HIS D 115 -15.66 8.29 29.13
CA HIS D 115 -16.06 8.15 30.53
C HIS D 115 -15.31 9.13 31.42
N PRO D 116 -15.90 9.51 32.54
CA PRO D 116 -15.19 10.34 33.52
C PRO D 116 -14.17 9.53 34.32
N VAL D 117 -13.13 10.23 34.75
CA VAL D 117 -12.13 9.60 35.62
C VAL D 117 -12.77 9.18 36.94
N HIS D 118 -13.59 10.06 37.52
CA HIS D 118 -14.35 9.74 38.72
C HIS D 118 -15.66 9.07 38.31
N PRO D 119 -15.83 7.76 38.51
CA PRO D 119 -17.06 7.09 38.06
C PRO D 119 -18.32 7.70 38.67
N SER D 120 -19.44 7.46 37.99
CA SER D 120 -20.68 8.15 38.31
C SER D 120 -21.28 7.68 39.62
N GLY D 121 -21.33 6.36 39.83
CA GLY D 121 -21.95 5.84 41.04
C GLY D 121 -21.18 6.18 42.31
N THR D 122 -19.88 5.91 42.29
CA THR D 122 -19.12 5.77 43.53
C THR D 122 -18.77 7.11 44.14
N HIS D 123 -18.56 7.08 45.47
CA HIS D 123 -17.79 8.08 46.21
C HIS D 123 -18.21 9.50 45.85
N ASN D 124 -19.52 9.74 45.97
CA ASN D 124 -20.15 10.99 45.59
C ASN D 124 -21.57 10.97 46.16
N ASN D 125 -21.84 11.78 47.18
CA ASN D 125 -23.19 11.83 47.72
C ASN D 125 -24.08 12.70 46.85
N ASN D 126 -23.61 13.91 46.53
CA ASN D 126 -24.04 14.68 45.35
C ASN D 126 -23.13 15.89 45.21
N GLY D 127 -22.39 15.95 44.10
CA GLY D 127 -21.44 17.01 43.88
C GLY D 127 -20.14 16.87 44.65
N LYS D 128 -20.20 16.36 45.87
CA LYS D 128 -19.09 16.35 46.80
C LYS D 128 -18.50 14.95 46.93
N VAL D 129 -17.18 14.88 47.05
CA VAL D 129 -16.50 13.60 47.24
C VAL D 129 -16.80 13.06 48.62
N SER D 130 -17.32 11.82 48.68
CA SER D 130 -17.61 11.18 49.96
C SER D 130 -17.01 9.78 50.00
N VAL D 131 -16.89 9.25 51.22
CA VAL D 131 -16.24 7.96 51.50
C VAL D 131 -16.89 7.34 52.73
N LYS D 132 -16.96 6.02 52.73
CA LYS D 132 -17.62 5.26 53.80
C LYS D 132 -16.60 4.29 54.40
N ARG D 133 -16.28 4.50 55.68
CA ARG D 133 -15.29 3.68 56.37
C ARG D 133 -15.90 2.36 56.82
N GLN D 134 -15.11 1.29 56.75
CA GLN D 134 -15.60 -0.08 56.93
C GLN D 134 -15.09 -0.68 58.23
N PHE D 135 -16.01 -1.00 59.15
CA PHE D 135 -15.72 -1.74 60.37
C PHE D 135 -16.69 -2.92 60.49
N ALA D 136 -16.27 -4.11 60.06
CA ALA D 136 -17.10 -5.30 60.12
C ALA D 136 -16.61 -6.23 61.23
N ALA D 137 -17.54 -7.05 61.75
CA ALA D 137 -17.18 -8.01 62.84
C ALA D 137 -17.10 -9.42 62.28
N GLY D 138 -16.92 -9.57 60.96
CA GLY D 138 -16.85 -10.90 60.32
C GLY D 138 -15.53 -11.60 60.58
N VAL D 139 -15.59 -12.92 60.78
CA VAL D 139 -14.50 -13.70 61.45
C VAL D 139 -14.70 -15.18 61.15
N SER D 142 -13.48 -20.01 60.97
CA SER D 142 -12.02 -20.23 60.77
C SER D 142 -11.73 -21.73 60.73
N ASP D 143 -11.18 -22.21 59.62
CA ASP D 143 -10.83 -23.62 59.52
C ASP D 143 -9.36 -23.89 59.84
N ALA D 144 -8.51 -22.86 59.83
CA ALA D 144 -7.19 -22.97 60.46
C ALA D 144 -7.34 -23.33 61.93
N LEU D 145 -8.27 -22.68 62.61
CA LEU D 145 -8.53 -22.98 64.02
C LEU D 145 -9.00 -24.42 64.19
N THR D 146 -9.87 -24.88 63.29
CA THR D 146 -10.25 -26.29 63.22
C THR D 146 -9.03 -27.20 63.20
N CYS D 147 -8.16 -27.02 62.19
CA CYS D 147 -6.96 -27.85 62.08
C CYS D 147 -6.16 -27.85 63.37
N ALA D 148 -5.96 -26.65 63.95
CA ALA D 148 -5.18 -26.54 65.18
C ALA D 148 -5.80 -27.38 66.30
N PHE D 149 -7.12 -27.24 66.50
CA PHE D 149 -7.79 -28.06 67.50
C PHE D 149 -7.66 -29.54 67.19
N ARG D 150 -7.61 -29.89 65.91
CA ARG D 150 -7.47 -31.30 65.54
C ARG D 150 -6.14 -31.87 66.00
N PHE D 151 -5.08 -31.06 65.98
CA PHE D 151 -3.76 -31.63 66.17
C PHE D 151 -2.97 -31.17 67.39
N GLU D 152 -3.53 -30.32 68.25
CA GLU D 152 -2.77 -29.85 69.41
C GLU D 152 -3.70 -29.66 70.61
N ASP D 153 -3.08 -29.42 71.76
CA ASP D 153 -3.78 -29.39 73.05
C ASP D 153 -4.87 -28.32 73.06
N SER D 154 -6.08 -28.74 73.48
CA SER D 154 -7.27 -27.88 73.38
C SER D 154 -7.12 -26.57 74.15
N ASP D 155 -6.66 -26.63 75.40
CA ASP D 155 -6.68 -25.43 76.24
C ASP D 155 -5.68 -24.39 75.73
N LEU D 156 -4.52 -24.84 75.25
CA LEU D 156 -3.52 -23.92 74.73
C LEU D 156 -4.00 -23.25 73.44
N VAL D 157 -4.59 -24.04 72.55
CA VAL D 157 -5.16 -23.49 71.33
C VAL D 157 -6.23 -22.46 71.67
N ARG D 158 -7.10 -22.80 72.62
CA ARG D 158 -8.18 -21.89 73.03
C ARG D 158 -7.62 -20.54 73.49
N GLU D 159 -6.67 -20.56 74.44
CA GLU D 159 -6.27 -19.28 75.01
C GLU D 159 -5.40 -18.48 74.05
N THR D 160 -4.62 -19.14 73.19
CA THR D 160 -3.86 -18.36 72.21
C THR D 160 -4.77 -17.81 71.12
N ALA D 161 -5.81 -18.55 70.74
CA ALA D 161 -6.74 -18.04 69.74
C ALA D 161 -7.65 -16.97 70.31
N LEU D 162 -7.75 -16.87 71.63
CA LEU D 162 -8.51 -15.77 72.21
C LEU D 162 -7.66 -14.54 72.51
N LYS D 163 -6.34 -14.68 72.57
CA LYS D 163 -5.51 -13.51 72.83
C LYS D 163 -5.54 -12.50 71.67
N THR D 164 -5.50 -12.97 70.41
CA THR D 164 -5.40 -12.05 69.27
C THR D 164 -6.35 -12.47 68.15
N THR D 165 -6.59 -11.55 67.20
CA THR D 165 -7.56 -11.79 66.14
C THR D 165 -7.33 -10.84 64.96
N TYR D 166 -7.56 -11.35 63.74
CA TYR D 166 -7.48 -10.56 62.52
C TYR D 166 -8.78 -9.80 62.29
N THR D 167 -8.72 -8.47 62.32
CA THR D 167 -9.96 -7.70 62.24
C THR D 167 -9.71 -6.30 61.67
N ASP D 168 -10.82 -5.64 61.31
CA ASP D 168 -10.85 -4.26 60.86
C ASP D 168 -10.62 -3.24 61.97
N GLY D 169 -10.73 -3.65 63.23
CA GLY D 169 -10.55 -2.73 64.34
C GLY D 169 -11.84 -2.02 64.72
N THR D 170 -11.67 -0.93 65.46
CA THR D 170 -12.78 -0.17 66.02
C THR D 170 -12.63 1.29 65.69
N TRP D 171 -13.77 1.99 65.59
CA TRP D 171 -13.77 3.43 65.40
C TRP D 171 -12.98 4.12 66.52
N ALA D 172 -13.15 3.66 67.75
CA ALA D 172 -12.51 4.30 68.90
C ALA D 172 -11.00 4.26 68.79
N GLY D 173 -10.42 3.07 68.58
CA GLY D 173 -8.98 2.96 68.50
C GLY D 173 -8.43 3.59 67.23
N PHE D 174 -9.22 3.56 66.16
CA PHE D 174 -8.84 4.27 64.95
C PHE D 174 -8.61 5.74 65.25
N VAL D 175 -9.59 6.41 65.87
CA VAL D 175 -9.45 7.83 66.13
C VAL D 175 -8.35 8.09 67.16
N GLN D 176 -8.20 7.18 68.13
CA GLN D 176 -7.18 7.39 69.16
C GLN D 176 -5.77 7.34 68.58
N ARG D 177 -5.49 6.36 67.72
CA ARG D 177 -4.17 6.28 67.12
C ARG D 177 -3.95 7.39 66.11
N LEU D 178 -5.01 7.80 65.40
CA LEU D 178 -4.90 8.95 64.51
C LEU D 178 -4.49 10.20 65.27
N LYS D 179 -5.10 10.42 66.44
CA LYS D 179 -4.70 11.54 67.30
C LYS D 179 -3.25 11.38 67.72
N MET D 180 -2.83 10.16 68.08
CA MET D 180 -1.44 9.97 68.50
C MET D 180 -0.47 10.31 67.39
N GLN D 181 -0.84 10.09 66.13
CA GLN D 181 0.12 10.26 65.04
C GLN D 181 -0.01 11.59 64.33
N THR D 182 -1.02 12.40 64.65
CA THR D 182 -1.15 13.71 64.02
C THR D 182 -0.82 14.86 64.95
N THR D 183 -0.70 14.63 66.26
CA THR D 183 -0.61 15.72 67.23
C THR D 183 0.57 15.56 68.20
N ARG D 184 1.55 14.72 67.90
CA ARG D 184 2.66 14.50 68.81
C ARG D 184 3.68 15.63 68.71
N LYS D 185 4.16 16.08 69.86
CA LYS D 185 5.21 17.09 69.95
C LYS D 185 6.54 16.48 69.53
N CYS D 186 7.06 16.91 68.37
CA CYS D 186 8.27 16.37 67.78
C CYS D 186 9.50 17.22 68.11
N VAL D 187 10.66 16.75 67.65
CA VAL D 187 11.93 17.44 67.81
C VAL D 187 12.64 17.40 66.46
N GLN D 188 12.73 18.56 65.81
CA GLN D 188 13.49 18.69 64.57
C GLN D 188 14.88 18.08 64.69
N GLU D 189 15.21 17.18 63.78
CA GLU D 189 16.51 16.54 63.84
C GLU D 189 17.59 17.44 63.24
N LYS D 190 18.84 17.14 63.55
CA LYS D 190 20.00 17.94 63.12
C LYS D 190 20.74 17.10 62.08
N VAL D 191 20.49 17.37 60.79
CA VAL D 191 20.80 16.42 59.73
C VAL D 191 21.45 17.11 58.53
N SER D 192 22.32 16.36 57.84
CA SER D 192 22.97 16.82 56.62
C SER D 192 23.20 15.63 55.69
N ARG D 193 23.46 15.94 54.41
CA ARG D 193 23.85 14.89 53.46
C ARG D 193 25.09 14.14 53.90
N LYS D 194 26.06 14.86 54.48
CA LYS D 194 27.25 14.22 55.04
C LYS D 194 26.85 13.04 55.92
N LEU D 195 25.98 13.31 56.89
CA LEU D 195 25.51 12.30 57.83
C LEU D 195 24.81 11.16 57.11
N LEU D 196 23.94 11.48 56.15
CA LEU D 196 23.14 10.44 55.51
C LEU D 196 23.99 9.57 54.58
N LYS D 197 24.97 10.16 53.90
CA LYS D 197 25.99 9.38 53.20
C LYS D 197 26.65 8.42 54.17
N GLN D 198 26.90 8.87 55.40
CA GLN D 198 27.54 8.01 56.38
C GLN D 198 26.61 6.87 56.80
N LEU D 199 25.38 7.19 57.17
CA LEU D 199 24.45 6.22 57.74
C LEU D 199 23.77 5.36 56.69
N PHE D 200 23.50 5.91 55.50
CA PHE D 200 22.78 5.21 54.43
C PHE D 200 23.60 5.25 53.15
N PRO D 201 24.74 4.55 53.11
CA PRO D 201 25.49 4.46 51.86
C PRO D 201 24.70 3.70 50.81
N TYR D 202 24.90 4.10 49.55
CA TYR D 202 24.26 3.44 48.41
C TYR D 202 25.31 3.25 47.31
N ASP D 203 24.88 2.68 46.19
CA ASP D 203 25.77 2.40 45.07
C ASP D 203 25.27 3.22 43.89
N PRO D 204 25.89 4.38 43.61
CA PRO D 204 25.36 5.29 42.58
C PRO D 204 25.00 4.63 41.25
N GLN D 205 25.77 3.63 40.81
CA GLN D 205 25.55 3.05 39.49
C GLN D 205 24.32 2.17 39.41
N LYS D 206 23.61 1.97 40.52
CA LYS D 206 22.40 1.17 40.51
C LYS D 206 21.14 2.03 40.56
N LEU D 207 21.31 3.35 40.50
CA LEU D 207 20.18 4.28 40.44
C LEU D 207 19.68 4.38 39.01
N VAL D 208 18.35 4.45 38.85
CA VAL D 208 17.77 4.56 37.53
C VAL D 208 18.15 5.89 36.90
N ASP D 209 18.69 5.98 35.42
CA ASP D 209 18.75 7.28 34.75
C ASP D 209 17.33 7.65 35.10
N VAL D 210 17.27 8.83 35.64
CA VAL D 210 15.99 9.51 35.78
C VAL D 210 16.02 10.73 34.88
N SER D 211 17.02 10.79 34.01
CA SER D 211 17.14 11.84 33.02
C SER D 211 16.45 11.47 31.72
N GLY D 212 15.96 10.17 31.52
CA GLY D 212 15.25 9.78 30.32
C GLY D 212 13.80 10.17 30.59
N GLU D 213 12.94 9.66 29.77
CA GLU D 213 11.58 10.16 29.62
C GLU D 213 10.67 9.65 30.73
N LEU D 214 9.72 10.49 31.13
CA LEU D 214 8.84 10.16 32.24
C LEU D 214 8.01 8.91 31.95
N SER D 215 7.47 8.81 30.72
CA SER D 215 6.63 7.67 30.37
C SER D 215 7.32 6.34 30.68
N GLU D 216 8.53 6.14 30.15
CA GLU D 216 9.23 4.87 30.34
C GLU D 216 9.60 4.65 31.81
N LEU D 217 10.07 5.70 32.49
CA LEU D 217 10.47 5.56 33.89
C LEU D 217 9.29 5.14 34.75
N VAL D 218 8.12 5.77 34.53
CA VAL D 218 6.91 5.41 35.26
C VAL D 218 6.48 4.00 34.89
N LEU D 219 6.65 3.62 33.62
CA LEU D 219 6.31 2.26 33.22
C LEU D 219 7.19 1.23 33.91
N GLY D 220 8.37 1.63 34.40
CA GLY D 220 9.25 0.68 35.05
C GLY D 220 8.92 0.36 36.50
N ILE D 221 8.15 1.22 37.19
CA ILE D 221 7.90 1.02 38.61
C ILE D 221 6.94 -0.14 38.83
N LYS D 222 7.08 -0.81 39.98
CA LYS D 222 6.22 -1.91 40.40
C LYS D 222 5.20 -1.43 41.42
N THR D 223 4.05 -2.12 41.48
CA THR D 223 3.01 -1.76 42.44
C THR D 223 1.98 -2.89 42.53
N ASN D 224 1.25 -2.90 43.65
CA ASN D 224 0.14 -3.83 43.86
C ASN D 224 -1.01 -3.48 42.92
N ALA D 225 -1.31 -4.39 41.98
CA ALA D 225 -2.34 -4.15 40.98
C ALA D 225 -3.75 -4.08 41.58
N ILE D 226 -3.95 -4.65 42.78
CA ILE D 226 -5.27 -4.69 43.40
C ILE D 226 -5.52 -3.49 44.30
N ALA D 227 -4.47 -2.75 44.65
CA ALA D 227 -4.60 -1.62 45.57
C ALA D 227 -5.45 -0.52 44.98
N SER D 228 -6.11 0.23 45.87
CA SER D 228 -6.85 1.41 45.48
C SER D 228 -5.93 2.46 44.85
N ALA D 229 -6.32 2.95 43.68
CA ALA D 229 -5.65 4.10 43.10
C ALA D 229 -5.99 5.40 43.84
N GLY D 230 -6.94 5.34 44.77
CA GLY D 230 -7.34 6.53 45.54
C GLY D 230 -8.11 7.54 44.70
N PRO D 231 -8.29 8.79 45.18
CA PRO D 231 -8.96 9.84 44.41
C PRO D 231 -8.06 10.32 43.26
N PRO D 232 -8.59 10.64 42.06
CA PRO D 232 -10.03 10.59 41.77
C PRO D 232 -10.52 9.37 41.00
N TYR D 233 -9.77 8.27 41.02
CA TYR D 233 -10.12 7.08 40.21
C TYR D 233 -11.16 6.22 40.94
N TRP D 234 -10.96 5.95 42.23
CA TRP D 234 -11.87 5.13 43.03
C TRP D 234 -12.08 3.75 42.42
N ARG D 235 -11.00 3.16 41.91
CA ARG D 235 -10.97 1.77 41.51
C ARG D 235 -9.54 1.27 41.66
N THR D 236 -9.34 -0.01 41.40
CA THR D 236 -8.01 -0.62 41.50
C THR D 236 -7.05 0.03 40.51
N LYS D 237 -5.75 -0.24 40.71
CA LYS D 237 -4.73 0.35 39.87
C LYS D 237 -4.71 -0.26 38.47
N ARG D 238 -5.00 -1.56 38.33
CA ARG D 238 -5.09 -2.08 36.96
C ARG D 238 -6.30 -1.53 36.23
N ASP D 239 -7.40 -1.26 36.94
CA ASP D 239 -8.55 -0.65 36.32
C ASP D 239 -8.26 0.79 35.91
N ALA D 240 -7.56 1.53 36.76
CA ALA D 240 -7.36 2.96 36.58
C ALA D 240 -6.05 3.31 35.89
N LEU D 241 -5.25 2.30 35.51
CA LEU D 241 -3.94 2.58 34.93
C LEU D 241 -3.99 3.47 33.69
N PRO D 242 -4.81 3.20 32.67
CA PRO D 242 -4.80 4.08 31.49
C PRO D 242 -5.24 5.50 31.80
N ASP D 243 -6.26 5.66 32.64
CA ASP D 243 -6.76 6.98 32.99
C ASP D 243 -5.67 7.81 33.66
N MET D 244 -4.92 7.21 34.58
CA MET D 244 -3.78 7.89 35.15
C MET D 244 -2.73 8.18 34.09
N LEU D 245 -2.48 7.21 33.21
CA LEU D 245 -1.25 7.20 32.43
C LEU D 245 -1.31 8.18 31.25
N ASP D 246 -2.35 8.09 30.42
CA ASP D 246 -2.42 8.92 29.23
C ASP D 246 -3.28 10.17 29.41
N CYS D 247 -3.81 10.40 30.61
CA CYS D 247 -4.72 11.52 30.82
C CYS D 247 -4.27 12.43 31.94
N VAL D 248 -4.15 11.89 33.16
CA VAL D 248 -3.86 12.72 34.32
C VAL D 248 -2.37 13.03 34.42
N LEU D 249 -1.52 12.02 34.29
CA LEU D 249 -0.08 12.25 34.38
C LEU D 249 0.42 13.29 33.37
N PRO D 250 -0.03 13.31 32.11
CA PRO D 250 0.40 14.42 31.22
C PRO D 250 -0.08 15.78 31.69
N LEU D 251 -1.32 15.89 32.18
CA LEU D 251 -1.79 17.16 32.74
C LEU D 251 -0.90 17.61 33.89
N LEU D 252 -0.59 16.68 34.80
CA LEU D 252 0.29 16.97 35.93
C LEU D 252 1.64 17.46 35.46
N TYR D 253 2.24 16.77 34.49
CA TYR D 253 3.54 17.18 33.94
C TYR D 253 3.48 18.60 33.37
N ASP D 254 2.54 18.82 32.45
CA ASP D 254 2.26 20.15 31.90
C ASP D 254 2.29 21.21 32.98
N HIS D 255 1.50 21.01 34.04
CA HIS D 255 1.40 22.03 35.08
C HIS D 255 2.63 22.09 35.97
N ILE D 256 3.41 21.01 36.06
CA ILE D 256 4.63 21.03 36.87
C ILE D 256 5.69 21.91 36.22
N VAL D 257 5.89 21.72 34.91
CA VAL D 257 6.96 22.49 34.27
C VAL D 257 6.51 23.92 33.97
N ARG D 258 5.20 24.14 33.88
CA ARG D 258 4.62 25.47 33.71
C ARG D 258 4.57 26.26 35.01
N LYS D 259 5.07 25.67 36.11
CA LYS D 259 5.06 26.28 37.44
C LYS D 259 3.64 26.64 37.87
N ASP D 260 2.67 25.84 37.43
CA ASP D 260 1.25 26.17 37.45
C ASP D 260 0.48 25.25 38.39
N LEU D 261 1.13 24.75 39.44
CA LEU D 261 0.55 23.69 40.25
C LEU D 261 -0.66 24.16 41.06
N THR D 262 -0.62 25.37 41.61
CA THR D 262 -1.68 25.77 42.54
C THR D 262 -2.98 26.07 41.81
N THR D 263 -2.92 26.50 40.55
CA THR D 263 -4.15 26.71 39.81
C THR D 263 -4.77 25.39 39.38
N LEU D 264 -3.96 24.36 39.16
CA LEU D 264 -4.49 23.01 38.96
C LEU D 264 -5.08 22.47 40.26
N ARG D 265 -4.39 22.71 41.38
CA ARG D 265 -4.93 22.37 42.69
C ARG D 265 -6.28 23.04 42.93
N ASN D 266 -6.48 24.22 42.35
CA ASN D 266 -7.75 24.93 42.51
C ASN D 266 -8.82 24.39 41.57
N LYS D 267 -8.46 24.17 40.31
CA LYS D 267 -9.42 23.72 39.30
C LYS D 267 -9.92 22.31 39.60
N HIS D 268 -9.10 21.47 40.24
CA HIS D 268 -9.42 20.06 40.43
C HIS D 268 -8.85 19.60 41.76
N PRO D 269 -9.48 19.98 42.87
CA PRO D 269 -8.93 19.63 44.19
C PRO D 269 -8.78 18.13 44.41
N GLU D 270 -9.68 17.31 43.86
CA GLU D 270 -9.65 15.88 44.11
C GLU D 270 -8.38 15.23 43.57
N LEU D 271 -7.65 15.92 42.70
CA LEU D 271 -6.39 15.38 42.19
C LEU D 271 -5.31 15.32 43.27
N PHE D 272 -5.50 16.04 44.38
CA PHE D 272 -4.48 16.11 45.43
C PHE D 272 -5.05 15.65 46.77
N LEU D 273 -6.05 14.79 46.74
CA LEU D 273 -6.74 14.33 47.94
C LEU D 273 -6.35 12.90 48.29
N ALA D 274 -6.25 12.63 49.60
CA ALA D 274 -5.97 11.30 50.12
C ALA D 274 -7.17 10.76 50.89
N GLU D 275 -7.19 9.44 51.08
CA GLU D 275 -8.20 8.75 51.88
C GLU D 275 -7.55 8.14 53.11
N CYS D 276 -8.04 8.51 54.30
CA CYS D 276 -7.58 7.90 55.54
C CYS D 276 -8.37 6.62 55.82
N LYS D 277 -7.66 5.53 56.13
CA LYS D 277 -8.24 4.20 56.19
C LYS D 277 -7.72 3.43 57.40
N ASN D 278 -8.54 2.51 57.89
CA ASN D 278 -8.19 1.66 59.02
C ASN D 278 -7.57 0.37 58.50
N LYS D 279 -6.37 0.06 58.96
CA LYS D 279 -5.72 -1.19 58.55
C LYS D 279 -6.36 -2.38 59.26
N THR D 280 -6.91 -3.31 58.47
CA THR D 280 -7.23 -4.64 58.96
C THR D 280 -5.95 -5.42 59.21
N ASP D 281 -5.78 -5.94 60.42
CA ASP D 281 -4.71 -6.92 60.63
C ASP D 281 -4.87 -7.56 62.01
N ARG D 282 -3.81 -8.26 62.43
CA ARG D 282 -3.73 -8.90 63.74
C ARG D 282 -3.75 -7.87 64.86
N TYR D 283 -4.77 -7.94 65.72
CA TYR D 283 -4.88 -7.06 66.87
C TYR D 283 -5.10 -7.87 68.14
N GLU D 284 -4.50 -7.40 69.23
CA GLU D 284 -4.84 -7.91 70.55
C GLU D 284 -6.29 -7.58 70.87
N VAL D 285 -7.03 -8.56 71.38
CA VAL D 285 -8.45 -8.33 71.66
C VAL D 285 -8.62 -7.38 72.83
N GLU D 286 -7.79 -7.54 73.87
CA GLU D 286 -7.85 -6.66 75.03
C GLU D 286 -7.70 -5.18 74.65
N SER D 287 -6.94 -4.88 73.60
CA SER D 287 -6.61 -3.51 73.24
C SER D 287 -7.40 -3.02 72.04
N LEU D 288 -8.56 -3.63 71.76
CA LEU D 288 -9.26 -3.36 70.51
C LEU D 288 -9.80 -1.94 70.45
N GLY D 289 -10.16 -1.36 71.59
CA GLY D 289 -10.68 -0.01 71.62
C GLY D 289 -9.64 1.06 71.81
N GLU D 290 -8.38 0.66 71.93
CA GLU D 290 -7.27 1.60 72.04
C GLU D 290 -6.38 1.64 70.81
N LYS D 291 -6.42 0.61 69.96
CA LYS D 291 -5.38 0.39 68.95
C LYS D 291 -6.02 -0.04 67.65
N THR D 292 -5.88 0.78 66.61
CA THR D 292 -6.23 0.39 65.24
C THR D 292 -5.46 1.28 64.28
N ARG D 293 -4.59 0.68 63.48
CA ARG D 293 -3.64 1.44 62.68
C ARG D 293 -4.33 2.28 61.61
N PRO D 294 -4.03 3.58 61.53
CA PRO D 294 -4.47 4.37 60.36
C PRO D 294 -3.39 4.51 59.29
N TYR D 295 -3.82 4.61 58.03
CA TYR D 295 -2.91 4.81 56.92
C TYR D 295 -3.61 5.65 55.86
N PHE D 296 -2.85 6.14 54.89
CA PHE D 296 -3.36 7.09 53.90
C PHE D 296 -3.15 6.54 52.49
N SER D 297 -4.26 6.30 51.79
CA SER D 297 -4.25 6.01 50.37
C SER D 297 -4.09 7.31 49.58
N HIS D 298 -3.03 7.40 48.78
CA HIS D 298 -2.73 8.57 47.97
C HIS D 298 -3.14 8.38 46.51
N PRO D 299 -3.30 9.49 45.77
CA PRO D 299 -3.60 9.36 44.33
C PRO D 299 -2.51 8.64 43.56
N PHE D 300 -2.95 7.81 42.62
CA PHE D 300 -2.04 6.98 41.83
C PHE D 300 -1.03 7.84 41.07
N HIS D 301 -1.47 8.92 40.45
CA HIS D 301 -0.57 9.74 39.62
C HIS D 301 0.56 10.38 40.42
N LEU D 302 0.38 10.59 41.73
CA LEU D 302 1.41 11.17 42.56
C LEU D 302 2.36 10.09 43.11
N SER D 303 1.76 9.02 43.63
CA SER D 303 2.55 7.91 44.15
C SER D 303 3.43 7.31 43.08
N ALA D 304 2.87 7.04 41.90
CA ALA D 304 3.64 6.54 40.77
C ALA D 304 4.82 7.46 40.45
N LEU D 305 4.56 8.77 40.39
CA LEU D 305 5.60 9.72 40.02
C LEU D 305 6.75 9.69 41.03
N VAL D 306 6.43 9.63 42.32
CA VAL D 306 7.46 9.60 43.35
C VAL D 306 8.16 8.25 43.39
N SER D 307 7.41 7.17 43.17
CA SER D 307 7.93 5.81 43.19
C SER D 307 9.16 5.64 42.31
N VAL D 308 9.27 6.40 41.22
CA VAL D 308 10.46 6.31 40.36
C VAL D 308 11.71 6.50 41.21
N LEU D 309 11.81 7.66 41.86
CA LEU D 309 12.91 7.95 42.77
C LEU D 309 13.00 6.92 43.88
N SER D 310 11.87 6.71 44.59
CA SER D 310 11.86 5.83 45.76
C SER D 310 12.43 4.45 45.44
N GLN D 311 11.91 3.81 44.39
CA GLN D 311 12.28 2.44 44.06
C GLN D 311 13.70 2.37 43.52
N SER D 312 14.12 3.34 42.69
CA SER D 312 15.52 3.37 42.29
C SER D 312 16.44 3.41 43.50
N PHE D 313 16.11 4.26 44.48
CA PHE D 313 16.97 4.39 45.66
C PHE D 313 17.01 3.09 46.45
N SER D 314 15.84 2.50 46.72
CA SER D 314 15.80 1.18 47.34
C SER D 314 16.67 0.18 46.60
N GLY D 315 16.64 0.22 45.26
CA GLY D 315 17.53 -0.61 44.48
C GLY D 315 18.98 -0.39 44.83
N ALA D 316 19.38 0.85 45.09
CA ALA D 316 20.80 1.10 45.32
C ALA D 316 21.24 0.88 46.76
N LEU D 317 20.43 1.31 47.73
CA LEU D 317 20.71 1.24 49.17
C LEU D 317 21.46 -0.01 49.61
N LYS D 318 22.61 0.20 50.26
CA LYS D 318 23.35 -0.87 50.93
C LYS D 318 22.71 -1.18 52.28
N ILE D 319 22.96 -2.40 52.77
CA ILE D 319 22.53 -2.81 54.09
C ILE D 319 23.74 -3.01 54.99
N MET D 320 23.49 -3.18 56.29
CA MET D 320 24.57 -3.12 57.27
C MET D 320 25.53 -4.29 57.15
N THR D 321 25.07 -5.44 56.67
CA THR D 321 25.98 -6.56 56.51
C THR D 321 26.91 -6.38 55.32
N GLU D 322 26.61 -5.43 54.43
CA GLU D 322 27.45 -5.10 53.29
C GLU D 322 28.47 -4.02 53.61
N ASP D 323 28.12 -3.06 54.46
CA ASP D 323 28.90 -1.84 54.61
C ASP D 323 28.90 -1.45 56.09
N SER D 324 30.10 -1.45 56.70
CA SER D 324 30.20 -1.32 58.15
C SER D 324 29.60 -0.03 58.69
N THR D 325 29.66 1.06 57.93
CA THR D 325 29.14 2.34 58.41
C THR D 325 27.61 2.41 58.41
N SER D 326 26.96 1.53 57.64
CA SER D 326 25.52 1.66 57.42
C SER D 326 24.73 1.27 58.66
N PHE D 327 23.71 2.08 58.98
CA PHE D 327 22.74 1.79 60.02
C PHE D 327 21.50 1.07 59.48
N ASN D 328 21.52 0.69 58.21
CA ASN D 328 20.31 0.28 57.50
C ASN D 328 20.18 -1.23 57.44
N ALA D 329 19.02 -1.75 57.86
CA ALA D 329 18.68 -3.17 57.70
C ALA D 329 17.48 -3.36 56.79
N TYR D 330 17.05 -2.30 56.10
CA TYR D 330 15.92 -2.31 55.18
C TYR D 330 16.41 -2.82 53.83
N GLY D 331 16.16 -4.11 53.56
CA GLY D 331 16.70 -4.80 52.40
C GLY D 331 17.39 -6.08 52.83
N PHE D 332 17.46 -6.31 54.13
CA PHE D 332 18.09 -7.50 54.69
C PHE D 332 17.21 -8.73 54.46
N SER D 333 17.87 -9.86 54.19
CA SER D 333 17.20 -11.15 54.05
C SER D 333 17.79 -12.15 55.02
N TRP D 334 16.92 -12.93 55.67
CA TRP D 334 17.38 -14.02 56.52
C TRP D 334 18.00 -15.14 55.70
N THR D 335 17.49 -15.36 54.49
CA THR D 335 17.86 -16.52 53.69
C THR D 335 19.26 -16.36 53.10
N ASN D 336 19.78 -17.46 52.58
CA ASN D 336 21.05 -17.52 51.88
C ASN D 336 22.16 -16.84 52.69
N GLY D 337 22.36 -17.35 53.91
CA GLY D 337 23.44 -16.88 54.76
C GLY D 337 23.10 -15.68 55.60
N GLY D 338 21.98 -15.00 55.34
CA GLY D 338 21.67 -13.75 56.02
C GLY D 338 21.78 -13.81 57.52
N ALA D 339 21.21 -14.85 58.14
CA ALA D 339 21.29 -15.00 59.59
C ALA D 339 22.74 -15.01 60.08
N GLU D 340 23.56 -15.87 59.48
CA GLU D 340 24.97 -15.93 59.85
C GLU D 340 25.64 -14.58 59.62
N ASP D 341 25.35 -13.94 58.49
CA ASP D 341 25.88 -12.60 58.21
C ASP D 341 25.56 -11.64 59.35
N LEU D 342 24.31 -11.66 59.83
CA LEU D 342 23.93 -10.82 60.95
C LEU D 342 24.79 -11.12 62.17
N ALA D 343 25.02 -12.40 62.44
CA ALA D 343 25.88 -12.77 63.56
C ALA D 343 27.30 -12.22 63.40
N ILE D 344 27.95 -12.54 62.28
CA ILE D 344 29.32 -12.10 62.04
C ILE D 344 29.43 -10.58 62.12
N TRP D 345 28.40 -9.87 61.65
CA TRP D 345 28.32 -8.43 61.76
C TRP D 345 28.30 -8.00 63.22
N ALA D 346 27.20 -8.36 63.91
CA ALA D 346 27.03 -8.03 65.32
C ALA D 346 28.28 -8.23 66.16
N ARG D 347 28.92 -9.40 66.03
CA ARG D 347 29.93 -9.79 67.01
C ARG D 347 31.24 -9.01 66.86
N GLN D 348 31.35 -8.06 65.93
CA GLN D 348 32.50 -7.18 65.84
C GLN D 348 32.23 -5.80 66.43
N ALA D 349 31.17 -5.65 67.22
CA ALA D 349 30.90 -4.41 67.94
C ALA D 349 31.99 -4.15 68.99
N GLY D 350 32.14 -2.87 69.36
CA GLY D 350 33.19 -2.44 70.24
C GLY D 350 32.75 -2.20 71.68
N GLU D 351 33.75 -2.07 72.55
CA GLU D 351 33.54 -1.69 73.95
C GLU D 351 32.81 -0.34 74.04
N ALA D 352 31.69 -0.33 74.76
CA ALA D 352 30.83 0.85 74.84
C ALA D 352 31.54 2.01 75.52
N GLY D 353 31.75 3.09 74.77
CA GLY D 353 32.44 4.27 75.25
C GLY D 353 33.79 4.49 74.59
N LYS D 354 34.39 3.43 74.07
CA LYS D 354 35.70 3.48 73.45
C LYS D 354 35.63 3.27 71.94
N LYS D 355 34.95 2.24 71.47
CA LYS D 355 34.83 1.91 70.06
C LYS D 355 33.35 1.86 69.65
N PRO D 356 33.05 1.92 68.35
CA PRO D 356 31.64 2.07 67.91
C PRO D 356 30.85 0.79 68.06
N PRO D 357 29.57 0.90 68.42
CA PRO D 357 28.68 -0.27 68.49
C PRO D 357 28.19 -0.68 67.10
N ARG D 358 27.39 -1.75 67.07
CA ARG D 358 26.72 -2.19 65.84
C ARG D 358 25.22 -1.96 65.96
N ILE D 359 24.67 -1.10 65.12
CA ILE D 359 23.26 -0.75 65.18
C ILE D 359 22.63 -0.90 63.80
N ALA D 360 21.46 -1.55 63.75
CA ALA D 360 20.72 -1.70 62.50
C ALA D 360 19.25 -1.39 62.72
N CYS D 361 18.63 -0.73 61.74
CA CYS D 361 17.24 -0.34 61.85
C CYS D 361 16.42 -0.80 60.63
N TYR D 362 15.20 -1.25 60.90
CA TYR D 362 14.17 -1.46 59.89
C TYR D 362 12.92 -0.84 60.50
N GLY D 363 12.58 0.37 60.04
CA GLY D 363 11.57 1.15 60.73
C GLY D 363 11.97 1.37 62.18
N ASP D 364 11.00 1.29 63.08
CA ASP D 364 11.33 1.41 64.49
C ASP D 364 11.97 0.15 65.05
N ASP D 365 11.97 -0.96 64.32
CA ASP D 365 12.56 -2.22 64.79
C ASP D 365 14.08 -2.12 64.70
N THR D 366 14.76 -2.03 65.85
CA THR D 366 16.19 -1.79 65.90
C THR D 366 16.90 -2.95 66.59
N ASP D 367 18.17 -3.13 66.24
CA ASP D 367 19.03 -4.15 66.85
C ASP D 367 20.37 -3.51 67.20
N ILE D 368 20.70 -3.50 68.50
CA ILE D 368 21.88 -2.82 69.03
C ILE D 368 22.79 -3.86 69.67
N TYR D 369 24.08 -3.84 69.31
CA TYR D 369 25.10 -4.68 69.91
C TYR D 369 26.25 -3.83 70.44
N TYR D 370 26.74 -4.18 71.63
CA TYR D 370 27.81 -3.43 72.27
C TYR D 370 28.52 -4.31 73.29
N ARG D 371 29.79 -4.01 73.53
CA ARG D 371 30.56 -4.81 74.48
C ARG D 371 30.74 -4.08 75.81
N LYS D 372 31.01 -4.89 76.83
CA LYS D 372 31.12 -4.40 78.21
C LYS D 372 32.08 -5.38 78.90
N ASP D 373 33.30 -4.91 79.20
CA ASP D 373 34.36 -5.76 79.73
C ASP D 373 34.59 -6.96 78.81
N GLY D 374 34.60 -6.70 77.51
CA GLY D 374 34.78 -7.75 76.52
C GLY D 374 33.52 -8.52 76.17
N LYS D 375 32.50 -8.52 77.03
CA LYS D 375 31.35 -9.38 76.84
C LYS D 375 30.28 -8.69 75.99
N LEU D 376 29.72 -9.43 75.03
CA LEU D 376 28.80 -8.89 74.03
C LEU D 376 27.37 -8.83 74.58
N TYR D 377 26.69 -7.69 74.38
CA TYR D 377 25.32 -7.46 74.79
C TYR D 377 24.49 -7.01 73.60
N ARG D 378 23.18 -7.24 73.71
CA ARG D 378 22.19 -6.96 72.67
C ARG D 378 20.97 -6.28 73.27
N ILE D 379 20.41 -5.32 72.51
CA ILE D 379 19.14 -4.68 72.85
C ILE D 379 18.26 -4.62 71.60
N CYS D 380 16.96 -4.89 71.77
CA CYS D 380 15.99 -4.89 70.67
C CYS D 380 14.78 -4.05 71.06
N PRO D 381 14.90 -2.72 71.03
CA PRO D 381 13.78 -1.86 71.42
C PRO D 381 12.89 -1.42 70.27
N ASP D 382 11.63 -1.14 70.61
CA ASP D 382 10.62 -0.60 69.71
C ASP D 382 10.23 0.81 70.13
N PHE D 383 9.65 1.56 69.19
CA PHE D 383 9.11 2.87 69.44
C PHE D 383 7.59 2.85 69.28
N LYS D 384 6.90 3.67 70.07
CA LYS D 384 5.45 3.73 70.05
C LYS D 384 4.96 4.79 69.05
N GLN D 385 4.10 4.36 68.12
CA GLN D 385 3.59 5.22 67.03
C GLN D 385 4.58 6.09 66.25
N MET D 386 5.65 5.48 65.74
CA MET D 386 6.83 6.20 65.27
C MET D 386 6.50 7.27 64.23
N ASP D 387 5.51 7.03 63.37
CA ASP D 387 5.15 8.03 62.37
C ASP D 387 4.92 9.41 62.99
N GLY D 388 4.17 9.46 64.08
CA GLY D 388 3.88 10.73 64.72
C GLY D 388 5.11 11.46 65.24
N SER D 389 6.22 10.73 65.42
CA SER D 389 7.46 11.30 65.90
C SER D 389 8.39 11.75 64.78
N VAL D 390 8.04 11.49 63.53
CA VAL D 390 8.89 11.81 62.39
C VAL D 390 8.69 13.28 62.03
N ASP D 391 9.76 14.06 62.10
CA ASP D 391 9.69 15.51 62.01
C ASP D 391 9.87 15.99 60.58
N ALA D 392 9.29 17.17 60.30
CA ALA D 392 9.34 17.75 58.96
C ALA D 392 10.77 17.92 58.46
N THR D 393 11.68 18.35 59.34
CA THR D 393 13.08 18.48 58.95
C THR D 393 13.62 17.17 58.39
N THR D 394 13.38 16.07 59.10
CA THR D 394 13.85 14.76 58.64
C THR D 394 13.25 14.39 57.29
N ILE D 395 11.94 14.63 57.11
CA ILE D 395 11.28 14.29 55.86
C ILE D 395 11.88 15.08 54.70
N GLU D 396 11.99 16.40 54.87
CA GLU D 396 12.58 17.23 53.84
C GLU D 396 14.02 16.83 53.55
N ALA D 397 14.78 16.49 54.60
CA ALA D 397 16.16 16.07 54.42
C ALA D 397 16.25 14.76 53.65
N VAL D 398 15.33 13.84 53.89
CA VAL D 398 15.38 12.56 53.21
C VAL D 398 14.99 12.72 51.74
N VAL D 399 13.93 13.48 51.49
CA VAL D 399 13.55 13.79 50.12
C VAL D 399 14.71 14.46 49.38
N ASP D 400 15.33 15.45 50.03
CA ASP D 400 16.52 16.09 49.49
C ASP D 400 17.61 15.07 49.19
N TYR D 401 17.91 14.19 50.14
CA TYR D 401 19.01 13.25 49.97
C TYR D 401 18.77 12.33 48.78
N VAL D 402 17.53 11.90 48.59
CA VAL D 402 17.22 11.00 47.47
C VAL D 402 17.29 11.75 46.15
N VAL D 403 16.54 12.86 46.05
CA VAL D 403 16.56 13.68 44.83
C VAL D 403 17.99 14.03 44.46
N ASP D 404 18.80 14.43 45.44
CA ASP D 404 20.19 14.79 45.22
C ASP D 404 21.01 13.60 44.74
N ALA D 405 20.90 12.46 45.43
CA ALA D 405 21.59 11.26 44.98
C ALA D 405 21.34 11.00 43.51
N HIS D 406 20.14 11.32 43.04
CA HIS D 406 19.86 11.11 41.63
C HIS D 406 20.46 12.21 40.75
N VAL D 407 20.19 13.49 41.07
CA VAL D 407 20.65 14.57 40.20
C VAL D 407 22.16 14.77 40.24
N LYS D 408 22.85 14.17 41.22
CA LYS D 408 24.31 14.09 41.16
C LYS D 408 24.75 13.23 39.99
N GLN D 409 24.22 12.01 39.91
CA GLN D 409 24.57 11.08 38.85
C GLN D 409 24.04 11.52 37.49
N TYR D 410 22.94 12.28 37.47
CA TYR D 410 22.23 12.60 36.23
C TYR D 410 21.80 14.05 36.26
N PRO D 411 22.76 14.99 36.13
CA PRO D 411 22.45 16.40 36.41
C PRO D 411 21.35 16.97 35.54
N THR D 412 21.19 16.44 34.33
CA THR D 412 20.40 17.10 33.29
C THR D 412 18.94 17.32 33.67
N ALA D 413 18.43 16.61 34.67
CA ALA D 413 17.03 16.68 35.02
C ALA D 413 16.76 17.40 36.34
N ARG D 414 17.77 18.12 36.86
CA ARG D 414 17.72 18.62 38.24
C ARG D 414 16.37 19.26 38.54
N GLN D 415 16.03 20.32 37.81
CA GLN D 415 14.87 21.13 38.17
C GLN D 415 13.63 20.26 38.34
N PHE D 416 13.38 19.38 37.35
CA PHE D 416 12.12 18.66 37.35
C PHE D 416 11.97 17.86 38.64
N TRP D 417 13.00 17.10 39.00
CA TRP D 417 12.82 16.23 40.14
C TRP D 417 12.79 17.03 41.44
N GLU D 418 13.45 18.19 41.45
CA GLU D 418 13.33 19.05 42.62
C GLU D 418 11.88 19.48 42.81
N GLU D 419 11.19 19.77 41.69
CA GLU D 419 9.78 20.12 41.77
C GLU D 419 8.95 18.93 42.21
N VAL D 420 9.41 17.72 41.91
CA VAL D 420 8.70 16.55 42.43
C VAL D 420 8.96 16.43 43.93
N GLY D 421 10.15 16.79 44.40
CA GLY D 421 10.43 16.74 45.82
C GLY D 421 9.45 17.58 46.61
N LYS D 422 9.24 18.82 46.18
CA LYS D 422 8.26 19.70 46.82
C LYS D 422 6.92 18.99 46.95
N LEU D 423 6.54 18.24 45.92
CA LEU D 423 5.29 17.51 45.97
C LEU D 423 5.36 16.39 47.00
N TRP D 424 6.41 15.56 46.91
CA TRP D 424 6.60 14.43 47.82
C TRP D 424 6.41 14.89 49.26
N VAL D 425 7.09 15.98 49.64
CA VAL D 425 7.04 16.47 51.01
C VAL D 425 5.61 16.86 51.38
N GLU D 426 4.96 17.65 50.52
CA GLU D 426 3.58 18.05 50.84
C GLU D 426 2.67 16.82 50.90
N MET D 427 3.06 15.74 50.23
CA MET D 427 2.31 14.49 50.27
C MET D 427 2.53 13.74 51.57
N ALA D 428 3.73 13.87 52.16
CA ALA D 428 4.09 13.13 53.36
C ALA D 428 3.66 13.82 54.65
N THR D 429 3.37 15.12 54.59
CA THR D 429 3.18 15.94 55.78
C THR D 429 1.84 16.66 55.83
N GLN D 430 1.29 17.06 54.68
CA GLN D 430 0.24 18.05 54.69
C GLN D 430 -0.86 17.74 53.66
N SER D 431 -0.99 16.48 53.24
CA SER D 431 -2.03 16.13 52.30
C SER D 431 -3.40 16.37 52.91
N PRO D 432 -4.34 16.99 52.20
CA PRO D 432 -5.73 16.98 52.65
C PRO D 432 -6.31 15.59 52.45
N PHE D 433 -7.23 15.21 53.33
CA PHE D 433 -7.68 13.82 53.30
C PHE D 433 -9.09 13.65 53.84
N LEU D 434 -9.76 12.62 53.32
CA LEU D 434 -11.06 12.17 53.79
C LEU D 434 -10.90 11.10 54.87
N ILE D 435 -11.97 10.92 55.65
CA ILE D 435 -12.04 9.85 56.64
C ILE D 435 -13.33 9.08 56.47
N ASP D 436 -14.44 9.66 56.92
CA ASP D 436 -15.76 9.08 56.73
C ASP D 436 -16.72 10.18 56.29
N GLY D 437 -17.28 10.01 55.10
CA GLY D 437 -18.21 10.99 54.55
C GLY D 437 -17.55 12.09 53.76
N THR D 438 -18.16 13.27 53.77
CA THR D 438 -17.85 14.33 52.83
C THR D 438 -16.81 15.32 53.36
N LYS D 439 -16.70 15.45 54.69
CA LYS D 439 -15.77 16.39 55.29
C LYS D 439 -14.32 16.08 54.90
N VAL D 440 -13.55 17.13 54.62
CA VAL D 440 -12.13 17.03 54.30
C VAL D 440 -11.34 17.62 55.45
N TYR D 441 -10.24 16.95 55.83
CA TYR D 441 -9.41 17.32 56.97
C TYR D 441 -7.96 17.56 56.51
N ARG D 442 -7.14 18.03 57.44
CA ARG D 442 -5.69 18.12 57.23
C ARG D 442 -4.99 18.19 58.58
N LYS D 443 -3.84 17.52 58.67
CA LYS D 443 -2.97 17.60 59.85
C LYS D 443 -2.63 19.05 60.18
N MET D 444 -2.74 19.39 61.46
CA MET D 444 -2.51 20.77 61.89
C MET D 444 -1.05 21.17 61.72
N GLN D 445 -0.13 20.32 62.17
CA GLN D 445 1.29 20.60 62.12
C GLN D 445 1.91 19.97 60.87
N LYS D 446 3.09 20.50 60.50
CA LYS D 446 3.87 19.84 59.45
C LYS D 446 4.51 18.56 59.96
N ASP D 447 4.92 18.55 61.23
CA ASP D 447 5.55 17.38 61.82
C ASP D 447 4.60 16.20 61.81
N GLY D 448 5.17 14.99 61.80
CA GLY D 448 4.36 13.79 61.80
C GLY D 448 4.15 13.24 60.40
N LEU D 449 4.50 11.98 60.20
CA LEU D 449 4.47 11.38 58.87
C LEU D 449 3.08 10.84 58.57
N MET D 450 2.64 11.04 57.33
CA MET D 450 1.35 10.52 56.88
C MET D 450 1.61 9.12 56.34
N THR D 451 1.48 8.13 57.24
CA THR D 451 1.72 6.73 56.88
C THR D 451 0.87 6.32 55.70
N GLY D 452 1.51 5.69 54.72
CA GLY D 452 0.89 5.36 53.45
C GLY D 452 1.53 6.06 52.27
N VAL D 453 2.23 7.17 52.52
CA VAL D 453 2.95 7.86 51.48
C VAL D 453 4.11 6.99 51.00
N VAL D 454 4.44 7.13 49.71
CA VAL D 454 5.63 6.46 49.18
C VAL D 454 6.85 6.83 50.02
N GLY D 455 7.62 5.83 50.41
CA GLY D 455 8.81 6.04 51.22
C GLY D 455 8.62 5.95 52.72
N THR D 456 7.39 5.70 53.19
CA THR D 456 7.09 5.58 54.61
C THR D 456 8.16 4.85 55.41
N THR D 457 8.44 3.60 55.01
CA THR D 457 9.38 2.78 55.75
C THR D 457 10.76 3.41 55.79
N LEU D 458 11.16 4.11 54.72
CA LEU D 458 12.46 4.74 54.69
C LEU D 458 12.53 5.94 55.63
N PHE D 459 11.48 6.76 55.64
CA PHE D 459 11.42 7.89 56.57
C PHE D 459 11.54 7.39 58.01
N ASP D 460 10.78 6.35 58.36
CA ASP D 460 10.88 5.77 59.69
C ASP D 460 12.30 5.30 59.98
N THR D 461 12.89 4.55 59.05
CA THR D 461 14.23 4.02 59.24
C THR D 461 15.24 5.13 59.46
N VAL D 462 15.08 6.25 58.74
CA VAL D 462 16.03 7.34 58.86
C VAL D 462 15.93 7.98 60.23
N LYS D 463 14.74 8.51 60.56
CA LYS D 463 14.52 9.11 61.88
C LYS D 463 15.11 8.23 62.99
N SER D 464 14.76 6.94 62.95
CA SER D 464 15.32 5.95 63.88
C SER D 464 16.84 6.01 63.94
N ALA D 465 17.49 5.84 62.78
CA ALA D 465 18.95 5.78 62.74
C ALA D 465 19.59 7.07 63.23
N LEU D 466 18.99 8.21 62.88
CA LEU D 466 19.51 9.50 63.35
C LEU D 466 19.51 9.55 64.86
N ALA D 467 18.40 9.16 65.49
CA ALA D 467 18.35 9.15 66.95
C ALA D 467 19.40 8.20 67.54
N TYR D 468 19.48 6.98 67.00
CA TYR D 468 20.43 6.03 67.56
C TYR D 468 21.88 6.43 67.30
N ASN D 469 22.11 7.25 66.27
CA ASN D 469 23.44 7.78 66.02
C ASN D 469 23.79 8.84 67.06
N ASP D 470 22.83 9.71 67.40
CA ASP D 470 23.05 10.62 68.50
C ASP D 470 23.34 9.86 69.80
N TRP D 471 22.62 8.75 70.02
CA TRP D 471 22.87 7.87 71.16
C TRP D 471 24.33 7.39 71.20
N ALA D 472 24.81 6.83 70.10
CA ALA D 472 26.19 6.35 70.06
C ALA D 472 27.19 7.48 70.26
N ASP D 473 26.86 8.67 69.72
CA ASP D 473 27.74 9.82 69.89
C ASP D 473 27.82 10.23 71.36
N GLN D 474 26.68 10.12 72.06
CA GLN D 474 26.65 10.37 73.50
C GLN D 474 27.43 9.32 74.26
N LEU D 475 27.51 8.11 73.73
CA LEU D 475 28.32 7.09 74.38
C LEU D 475 29.81 7.41 74.25
N MET D 476 30.22 7.96 73.11
CA MET D 476 31.63 8.32 72.96
C MET D 476 32.06 9.42 73.92
N PHE D 477 31.13 10.28 74.34
CA PHE D 477 31.43 11.31 75.33
C PHE D 477 31.16 10.85 76.76
N GLY D 478 31.39 9.57 77.05
CA GLY D 478 31.42 9.03 78.40
C GLY D 478 30.09 8.95 79.12
N SER D 479 28.97 9.17 78.44
CA SER D 479 27.66 9.07 79.08
C SER D 479 27.12 7.63 78.99
N LEU D 480 27.83 6.72 79.65
CA LEU D 480 27.46 5.31 79.55
C LEU D 480 26.20 4.96 80.32
N ASN D 481 25.67 5.89 81.13
CA ASN D 481 24.40 5.65 81.79
C ASN D 481 23.24 5.69 80.83
N LEU D 482 23.50 6.00 79.56
CA LEU D 482 22.51 5.86 78.51
C LEU D 482 22.34 4.40 78.08
N LEU D 483 23.21 3.51 78.56
CA LEU D 483 22.99 2.08 78.37
C LEU D 483 21.91 1.52 79.28
N GLU D 484 21.37 2.34 80.18
CA GLU D 484 20.40 1.91 81.18
C GLU D 484 19.01 2.40 80.76
N GLU D 485 18.02 1.50 80.85
CA GLU D 485 16.62 1.83 80.53
C GLU D 485 16.21 3.21 81.04
N LYS D 486 16.42 3.41 82.35
CA LYS D 486 16.12 4.65 83.06
C LYS D 486 16.50 6.00 82.47
N TYR D 487 17.66 6.03 81.81
CA TYR D 487 18.11 7.26 81.17
C TYR D 487 17.92 7.23 79.66
N ALA D 488 17.95 6.05 79.04
CA ALA D 488 17.73 5.95 77.60
C ALA D 488 16.32 6.40 77.22
N ILE D 489 15.32 5.99 78.00
CA ILE D 489 13.94 6.41 77.72
C ILE D 489 13.85 7.92 77.73
N GLU D 490 14.38 8.55 78.79
CA GLU D 490 14.47 10.00 78.87
C GLU D 490 15.18 10.59 77.65
N PHE D 491 16.32 10.00 77.29
CA PHE D 491 17.12 10.56 76.20
C PHE D 491 16.31 10.63 74.92
N PHE D 492 15.69 9.53 74.53
CA PHE D 492 14.96 9.53 73.27
C PHE D 492 13.74 10.44 73.34
N LYS D 493 13.00 10.38 74.47
CA LYS D 493 11.85 11.26 74.65
C LYS D 493 12.23 12.73 74.49
N ASN D 494 13.27 13.17 75.19
CA ASN D 494 13.57 14.59 75.30
C ASN D 494 14.35 15.11 74.10
N LYS D 495 15.29 14.33 73.56
CA LYS D 495 16.15 14.79 72.49
C LYS D 495 15.63 14.42 71.10
N HIS D 496 14.58 13.59 71.00
CA HIS D 496 14.16 13.15 69.69
C HIS D 496 12.65 12.96 69.58
N GLY D 497 11.93 13.07 70.68
CA GLY D 497 10.50 12.84 70.64
C GLY D 497 10.12 11.40 70.42
N LEU D 498 11.01 10.46 70.77
CA LEU D 498 10.81 9.04 70.53
C LEU D 498 10.38 8.38 71.84
N VAL D 499 9.25 7.68 71.80
CA VAL D 499 8.65 7.08 72.99
C VAL D 499 8.88 5.58 72.93
N ILE D 500 9.77 5.08 73.78
CA ILE D 500 10.14 3.67 73.77
C ILE D 500 9.00 2.85 74.36
N LYS D 501 8.39 2.00 73.54
CA LYS D 501 7.41 1.03 74.01
C LYS D 501 8.01 0.24 75.17
N GLU D 502 7.42 0.39 76.36
CA GLU D 502 8.12 0.04 77.59
C GLU D 502 8.35 -1.48 77.68
N GLY D 503 9.43 -1.84 78.36
CA GLY D 503 9.85 -3.22 78.50
C GLY D 503 10.66 -3.75 77.33
N THR D 504 10.87 -2.95 76.29
CA THR D 504 11.67 -3.39 75.16
C THR D 504 13.15 -3.06 75.30
N TRP D 505 13.51 -2.14 76.21
CA TRP D 505 14.92 -1.88 76.53
C TRP D 505 15.32 -2.77 77.69
N LYS D 506 15.70 -4.01 77.35
CA LYS D 506 16.18 -4.98 78.33
C LYS D 506 17.43 -5.64 77.77
N PRO D 507 18.59 -5.01 77.92
CA PRO D 507 19.83 -5.56 77.35
C PRO D 507 20.11 -6.97 77.87
N ALA D 508 20.63 -7.82 76.99
CA ALA D 508 20.78 -9.24 77.27
C ALA D 508 22.12 -9.75 76.76
N LEU D 509 22.66 -10.73 77.48
CA LEU D 509 23.96 -11.30 77.17
C LEU D 509 23.85 -12.24 75.97
N VAL D 510 24.66 -11.99 74.95
CA VAL D 510 24.61 -12.78 73.72
C VAL D 510 25.43 -14.06 73.88
N ASN D 511 24.86 -15.18 73.45
CA ASN D 511 25.58 -16.45 73.30
C ASN D 511 26.38 -16.36 72.00
N GLU D 512 27.58 -15.77 72.12
CA GLU D 512 28.40 -15.39 70.97
C GLU D 512 28.53 -16.53 69.96
N ASP D 513 28.81 -17.74 70.43
CA ASP D 513 29.02 -18.90 69.55
C ASP D 513 28.13 -20.03 70.06
N PRO D 514 26.90 -20.13 69.54
CA PRO D 514 25.96 -21.09 70.10
C PRO D 514 26.30 -22.51 69.69
N GLY D 515 25.91 -23.46 70.56
CA GLY D 515 25.98 -24.86 70.21
C GLY D 515 24.70 -25.34 69.55
N PHE D 516 24.76 -26.51 68.92
CA PHE D 516 23.62 -27.06 68.18
C PHE D 516 22.34 -26.97 68.99
N GLY D 517 21.36 -26.24 68.46
CA GLY D 517 20.06 -26.10 69.09
C GLY D 517 19.91 -24.90 70.00
N GLU D 518 20.99 -24.18 70.28
CA GLU D 518 20.96 -23.05 71.20
C GLU D 518 20.57 -21.76 70.48
N LEU D 519 19.97 -20.84 71.24
CA LEU D 519 19.60 -19.52 70.73
C LEU D 519 20.78 -18.56 70.78
N TRP D 520 20.65 -17.48 70.00
CA TRP D 520 21.58 -16.36 70.04
C TRP D 520 21.26 -15.48 71.25
N THR D 521 20.05 -14.94 71.31
CA THR D 521 19.38 -14.59 72.54
C THR D 521 17.90 -14.87 72.35
N GLU D 522 17.14 -14.74 73.45
CA GLU D 522 15.70 -14.96 73.36
C GLU D 522 14.97 -13.78 72.73
N GLN D 523 15.65 -12.67 72.48
CA GLN D 523 15.02 -11.48 71.92
C GLN D 523 14.68 -11.68 70.45
N LYS D 524 13.72 -10.89 69.97
CA LYS D 524 13.25 -10.94 68.60
C LYS D 524 13.68 -9.69 67.85
N PHE D 525 14.19 -9.88 66.64
CA PHE D 525 14.51 -8.80 65.72
C PHE D 525 13.88 -9.13 64.38
N LEU D 526 13.08 -8.19 63.85
CA LEU D 526 12.19 -8.47 62.72
C LEU D 526 11.29 -9.64 63.02
N GLY D 527 10.80 -9.69 64.26
CA GLY D 527 9.81 -10.67 64.69
C GLY D 527 10.31 -12.07 64.87
N LEU D 528 11.62 -12.30 64.82
CA LEU D 528 12.15 -13.66 64.84
C LEU D 528 13.38 -13.75 65.73
N GLN D 529 13.50 -14.87 66.45
CA GLN D 529 14.71 -15.21 67.19
C GLN D 529 15.74 -15.82 66.24
N LEU D 530 17.01 -15.66 66.59
CA LEU D 530 18.10 -16.30 65.87
C LEU D 530 18.51 -17.57 66.61
N LYS D 531 18.79 -18.62 65.85
CA LYS D 531 19.10 -19.91 66.45
C LYS D 531 20.05 -20.65 65.52
N VAL D 532 20.77 -21.64 66.07
CA VAL D 532 21.70 -22.44 65.30
C VAL D 532 21.25 -23.89 65.33
N VAL D 533 21.35 -24.57 64.19
CA VAL D 533 20.98 -25.97 64.06
C VAL D 533 22.12 -26.74 63.40
N ARG D 534 22.11 -28.06 63.61
CA ARG D 534 23.16 -28.91 63.10
C ARG D 534 22.83 -29.42 61.70
N ARG D 535 23.84 -29.40 60.83
CA ARG D 535 23.81 -30.06 59.52
C ARG D 535 25.10 -30.86 59.45
N GLU D 536 25.03 -32.17 59.70
CA GLU D 536 26.21 -33.02 59.75
C GLU D 536 27.06 -32.25 60.76
N ASN D 537 28.32 -31.96 60.42
CA ASN D 537 29.28 -31.40 61.37
C ASN D 537 29.36 -29.88 61.32
N GLU D 538 28.43 -29.23 60.61
CA GLU D 538 28.35 -27.77 60.53
C GLU D 538 27.14 -27.23 61.28
N LYS D 539 27.14 -25.91 61.51
CA LYS D 539 26.06 -25.21 62.20
C LYS D 539 25.49 -24.13 61.29
N VAL D 540 24.19 -24.24 60.98
CA VAL D 540 23.47 -23.26 60.18
C VAL D 540 22.66 -22.34 61.08
N TYR D 541 22.81 -21.02 60.88
CA TYR D 541 22.00 -20.03 61.57
C TYR D 541 20.67 -19.84 60.86
N VAL D 542 19.58 -19.90 61.63
CA VAL D 542 18.21 -19.92 61.09
C VAL D 542 17.29 -19.13 62.02
N PRO D 543 16.15 -18.67 61.50
CA PRO D 543 15.15 -18.04 62.36
C PRO D 543 14.34 -19.05 63.16
N ASN D 544 13.71 -18.56 64.22
CA ASN D 544 12.96 -19.41 65.14
C ASN D 544 11.98 -18.58 65.96
N LEU D 545 10.94 -19.25 66.46
CA LEU D 545 10.02 -18.69 67.44
C LEU D 545 9.51 -19.82 68.32
N PRO D 546 9.05 -19.50 69.54
CA PRO D 546 8.35 -20.50 70.34
C PRO D 546 7.00 -20.87 69.73
N PHE D 547 6.57 -22.10 70.04
CA PHE D 547 5.34 -22.65 69.47
C PHE D 547 4.15 -21.68 69.59
N GLU D 548 3.98 -21.07 70.77
CA GLU D 548 2.83 -20.20 70.99
C GLU D 548 2.72 -19.14 69.89
N ASP D 549 3.85 -18.60 69.44
CA ASP D 549 3.84 -17.54 68.43
C ASP D 549 3.44 -18.08 67.06
N TRP D 550 4.06 -19.19 66.65
CA TRP D 550 3.69 -19.82 65.39
C TRP D 550 2.21 -20.16 65.37
N LEU D 551 1.68 -20.63 66.50
CA LEU D 551 0.28 -21.02 66.56
C LEU D 551 -0.63 -19.80 66.47
N THR D 552 -0.21 -18.70 67.10
CA THR D 552 -0.96 -17.45 66.96
C THR D 552 -1.02 -17.02 65.50
N MET D 553 0.10 -17.12 64.79
CA MET D 553 0.09 -16.77 63.37
C MET D 553 -0.78 -17.73 62.57
N TRP D 554 -0.73 -19.03 62.89
CA TRP D 554 -1.56 -20.01 62.19
C TRP D 554 -3.04 -19.67 62.32
N VAL D 555 -3.50 -19.33 63.51
CA VAL D 555 -4.94 -19.24 63.75
C VAL D 555 -5.53 -17.89 63.39
N THR D 556 -4.72 -16.94 62.93
CA THR D 556 -5.20 -15.62 62.51
C THR D 556 -4.76 -15.32 61.09
N PRO D 557 -5.28 -16.05 60.10
CA PRO D 557 -4.89 -15.77 58.71
C PRO D 557 -5.32 -14.39 58.26
N ARG D 558 -4.56 -13.83 57.32
CA ARG D 558 -4.81 -12.50 56.76
C ARG D 558 -5.40 -12.63 55.36
N SER D 559 -6.65 -12.19 55.21
CA SER D 559 -7.28 -12.14 53.90
C SER D 559 -8.32 -11.02 53.83
N GLU D 565 -15.53 -18.43 47.33
CA GLU D 565 -14.57 -19.10 48.20
C GLU D 565 -14.92 -20.58 48.31
N THR D 566 -14.49 -21.35 47.31
CA THR D 566 -14.87 -22.75 47.21
C THR D 566 -14.29 -23.57 48.36
N GLU D 567 -14.89 -24.73 48.61
CA GLU D 567 -14.22 -25.77 49.40
C GLU D 567 -12.79 -25.96 48.91
N THR D 568 -12.62 -26.09 47.59
CA THR D 568 -11.33 -26.33 46.97
C THR D 568 -10.30 -25.25 47.35
N MET D 569 -10.64 -23.99 47.10
CA MET D 569 -9.68 -22.92 47.30
C MET D 569 -9.31 -22.77 48.78
N ARG D 570 -10.25 -23.05 49.67
CA ARG D 570 -9.96 -22.99 51.10
C ARG D 570 -9.00 -24.11 51.51
N GLU D 571 -9.29 -25.33 51.05
CA GLU D 571 -8.40 -26.46 51.30
C GLU D 571 -7.01 -26.18 50.75
N ARG D 572 -6.91 -25.47 49.63
CA ARG D 572 -5.61 -25.10 49.08
C ARG D 572 -4.92 -24.03 49.92
N THR D 573 -5.69 -23.05 50.40
CA THR D 573 -5.13 -21.99 51.24
C THR D 573 -4.48 -22.57 52.49
N LEU D 574 -5.16 -23.52 53.14
CA LEU D 574 -4.56 -24.20 54.29
C LEU D 574 -3.16 -24.73 53.95
N PHE D 575 -3.07 -25.45 52.83
CA PHE D 575 -1.81 -26.00 52.34
C PHE D 575 -0.75 -24.91 52.15
N ASP D 576 -1.12 -23.86 51.41
CA ASP D 576 -0.18 -22.79 51.10
C ASP D 576 0.36 -22.15 52.38
N ARG D 577 -0.53 -21.80 53.30
CA ARG D 577 -0.10 -21.15 54.54
C ARG D 577 0.79 -22.06 55.37
N ALA D 578 0.47 -23.36 55.45
CA ALA D 578 1.33 -24.29 56.16
C ALA D 578 2.74 -24.28 55.59
N ARG D 579 2.85 -24.44 54.26
CA ARG D 579 4.16 -24.37 53.60
C ARG D 579 4.89 -23.08 53.96
N GLY D 580 4.22 -21.94 53.76
CA GLY D 580 4.78 -20.64 54.08
C GLY D 580 5.36 -20.55 55.48
N LEU D 581 4.55 -20.85 56.48
CA LEU D 581 5.01 -20.79 57.87
C LEU D 581 6.23 -21.68 58.08
N LEU D 582 6.14 -22.95 57.67
CA LEU D 582 7.31 -23.83 57.70
C LEU D 582 8.56 -23.12 57.17
N VAL D 583 8.45 -22.50 56.00
CA VAL D 583 9.62 -21.87 55.40
C VAL D 583 10.09 -20.69 56.25
N THR D 584 9.16 -19.98 56.89
CA THR D 584 9.52 -18.81 57.68
C THR D 584 10.33 -19.20 58.92
N GLY D 585 10.52 -20.73 59.30
CA GLY D 585 11.29 -20.87 60.51
C GLY D 585 10.55 -21.61 61.62
N ALA D 586 9.07 -22.17 61.10
CA ALA D 586 8.28 -23.05 61.95
C ALA D 586 8.76 -24.49 61.89
N VAL D 587 9.51 -24.85 60.85
CA VAL D 587 10.04 -26.20 60.76
C VAL D 587 11.07 -26.48 61.84
N PHE D 588 11.57 -25.44 62.50
CA PHE D 588 12.58 -25.57 63.55
C PHE D 588 11.98 -25.59 64.95
N ASP D 589 10.64 -25.64 65.05
CA ASP D 589 9.96 -25.88 66.31
C ASP D 589 9.25 -27.23 66.25
N GLU D 590 9.42 -28.02 67.32
CA GLU D 590 8.95 -29.39 67.45
C GLU D 590 7.47 -29.74 67.41
N ARG D 591 6.57 -28.70 67.93
CA ARG D 591 5.12 -28.74 67.86
C ARG D 591 4.60 -28.10 66.57
N ALA D 592 5.22 -26.99 66.16
CA ALA D 592 4.75 -26.27 64.98
C ALA D 592 5.05 -27.06 63.71
N ARG D 593 6.27 -27.60 63.60
CA ARG D 593 6.58 -28.47 62.47
C ARG D 593 5.56 -29.60 62.38
N GLY D 594 5.24 -30.22 63.52
CA GLY D 594 4.27 -31.30 63.49
C GLY D 594 2.90 -30.86 63.01
N LEU D 595 2.46 -29.68 63.47
CA LEU D 595 1.14 -29.20 63.06
C LEU D 595 1.09 -28.91 61.56
N MET D 596 2.08 -28.18 61.05
CA MET D 596 2.10 -27.88 59.62
C MET D 596 2.21 -29.15 58.79
N GLY D 597 3.02 -30.11 59.25
CA GLY D 597 3.07 -31.41 58.59
C GLY D 597 1.71 -32.08 58.51
N ALA D 598 1.01 -32.11 59.64
CA ALA D 598 -0.32 -32.72 59.66
C ALA D 598 -1.26 -32.04 58.66
N VAL D 599 -1.22 -30.71 58.61
CA VAL D 599 -2.06 -29.97 57.67
C VAL D 599 -1.72 -30.37 56.24
N ILE D 600 -0.43 -30.29 55.87
CA ILE D 600 0.03 -30.69 54.54
C ILE D 600 -0.47 -32.09 54.21
N ASN D 601 -0.25 -33.05 55.11
CA ASN D 601 -0.58 -34.43 54.82
C ASN D 601 -2.09 -34.64 54.72
N SER D 602 -2.89 -33.78 55.35
CA SER D 602 -4.33 -33.84 55.18
C SER D 602 -4.74 -33.45 53.77
N THR D 603 -4.06 -32.47 53.18
CA THR D 603 -4.41 -31.92 51.88
C THR D 603 -4.58 -33.01 50.83
N ALA D 604 -5.78 -33.06 50.24
CA ALA D 604 -6.08 -34.08 49.24
C ALA D 604 -5.21 -33.90 48.00
N PRO D 605 -4.83 -35.01 47.34
CA PRO D 605 -3.88 -34.90 46.22
C PRO D 605 -4.32 -33.96 45.10
N GLU D 606 -5.61 -34.00 44.73
CA GLU D 606 -6.14 -33.07 43.73
C GLU D 606 -5.78 -31.64 44.07
N VAL D 607 -5.80 -31.30 45.36
CA VAL D 607 -5.53 -29.93 45.77
C VAL D 607 -4.03 -29.63 45.73
N VAL D 608 -3.19 -30.63 45.98
CA VAL D 608 -1.74 -30.40 45.95
C VAL D 608 -1.28 -30.17 44.52
N CYS D 609 -1.71 -31.03 43.59
CA CYS D 609 -1.21 -30.96 42.22
C CYS D 609 -2.05 -30.05 41.33
N MET D 610 -3.13 -29.49 41.86
CA MET D 610 -3.94 -28.46 41.22
C MET D 610 -3.11 -27.39 40.51
N ARG D 611 -3.62 -26.92 39.36
CA ARG D 611 -3.07 -25.76 38.68
C ARG D 611 -3.45 -24.47 39.40
N VAL D 612 -2.46 -23.80 39.98
CA VAL D 612 -2.65 -22.51 40.65
C VAL D 612 -1.52 -21.59 40.19
N GLN D 613 -1.60 -20.32 40.57
CA GLN D 613 -0.50 -19.40 40.33
C GLN D 613 0.42 -19.35 41.54
N ILE D 637 1.41 -24.09 39.97
CA ILE D 637 1.05 -25.49 40.26
C ILE D 637 2.12 -26.14 41.15
N SER D 638 2.77 -25.34 42.00
CA SER D 638 3.83 -25.86 42.91
C SER D 638 3.27 -26.96 43.80
N ASP D 639 3.72 -28.20 43.60
CA ASP D 639 3.18 -29.31 44.39
C ASP D 639 4.27 -29.94 45.23
N GLY D 640 5.22 -29.13 45.69
CA GLY D 640 6.26 -29.55 46.61
C GLY D 640 6.03 -28.98 48.00
N TYR D 641 6.51 -29.71 49.00
CA TYR D 641 6.47 -29.29 50.39
C TYR D 641 7.89 -28.98 50.90
N PRO D 642 8.01 -28.15 51.94
CA PRO D 642 9.35 -27.86 52.48
C PRO D 642 9.79 -28.80 53.59
N SER D 643 10.65 -29.76 53.24
CA SER D 643 11.29 -30.59 54.25
C SER D 643 12.25 -29.78 55.11
N TYR D 644 12.46 -30.25 56.35
CA TYR D 644 13.50 -29.72 57.21
C TYR D 644 14.82 -29.51 56.46
N ASP D 645 15.24 -30.53 55.71
CA ASP D 645 16.50 -30.47 55.00
C ASP D 645 16.50 -29.34 53.98
N TRP D 646 15.40 -29.19 53.24
CA TRP D 646 15.32 -28.16 52.21
C TRP D 646 15.35 -26.76 52.80
N VAL D 647 14.62 -26.55 53.90
CA VAL D 647 14.60 -25.24 54.53
C VAL D 647 15.98 -24.89 55.09
N VAL D 648 16.63 -25.86 55.73
CA VAL D 648 18.00 -25.66 56.19
C VAL D 648 18.89 -25.23 55.03
N SER D 649 18.74 -25.92 53.89
CA SER D 649 19.50 -25.52 52.70
C SER D 649 19.16 -24.08 52.30
N LEU D 650 17.89 -23.70 52.43
CA LEU D 650 17.47 -22.35 52.06
C LEU D 650 18.21 -21.30 52.89
N TYR D 651 18.39 -21.57 54.17
CA TYR D 651 19.01 -20.55 55.01
C TYR D 651 20.53 -20.60 54.98
N SER D 652 21.10 -21.78 54.73
CA SER D 652 22.53 -21.90 54.43
C SER D 652 22.86 -21.39 53.02
N ARG D 653 24.15 -21.28 52.72
CA ARG D 653 24.65 -20.62 51.52
C ARG D 653 24.58 -21.49 50.27
N ASP D 654 23.99 -22.68 50.37
CA ASP D 654 23.88 -23.59 49.23
C ASP D 654 23.28 -22.90 48.01
N HIS D 655 23.62 -23.43 46.83
CA HIS D 655 22.92 -23.08 45.59
C HIS D 655 21.42 -23.29 45.79
N PRO D 656 20.57 -22.46 45.19
CA PRO D 656 19.12 -22.67 45.31
C PRO D 656 18.70 -23.98 44.66
N CYS D 657 17.58 -24.52 45.14
CA CYS D 657 17.03 -25.76 44.61
C CYS D 657 15.56 -25.87 44.98
N ASP D 658 14.85 -26.68 44.21
CA ASP D 658 13.40 -26.80 44.35
C ASP D 658 12.99 -27.68 45.52
N MET D 659 11.78 -27.42 46.03
CA MET D 659 11.19 -28.23 47.09
C MET D 659 11.02 -29.68 46.66
N PRO D 660 11.12 -30.62 47.60
CA PRO D 660 10.78 -32.01 47.30
C PRO D 660 9.32 -32.16 46.87
N ARG D 661 9.10 -32.94 45.81
CA ARG D 661 7.74 -33.23 45.38
C ARG D 661 7.00 -34.04 46.44
N VAL D 662 5.73 -33.68 46.67
CA VAL D 662 4.89 -34.49 47.55
C VAL D 662 4.55 -35.81 46.88
N PHE D 663 4.24 -35.79 45.60
CA PHE D 663 3.99 -37.00 44.81
C PHE D 663 5.04 -37.09 43.71
N PRO D 664 6.11 -37.87 43.91
CA PRO D 664 7.21 -37.85 42.93
C PRO D 664 6.78 -38.23 41.53
N GLU D 665 5.90 -39.23 41.41
CA GLU D 665 5.45 -39.73 40.12
C GLU D 665 4.11 -39.11 39.69
N ALA D 666 3.84 -37.88 40.16
CA ALA D 666 2.56 -37.26 39.86
C ALA D 666 2.47 -36.79 38.40
N ALA D 667 3.56 -36.25 37.87
CA ALA D 667 3.59 -35.83 36.46
C ALA D 667 3.12 -36.95 35.54
N THR D 668 3.67 -38.15 35.72
CA THR D 668 3.33 -39.26 34.82
C THR D 668 1.91 -39.75 35.06
N LEU D 669 1.48 -39.81 36.32
CA LEU D 669 0.10 -40.21 36.62
C LEU D 669 -0.90 -39.25 36.00
N ILE D 670 -0.59 -37.96 35.97
CA ILE D 670 -1.49 -36.98 35.36
C ILE D 670 -1.48 -37.13 33.84
N ALA D 671 -0.28 -37.08 33.23
CA ALA D 671 -0.18 -37.22 31.78
C ALA D 671 -0.70 -38.55 31.28
N SER D 672 -0.80 -39.55 32.15
CA SER D 672 -1.28 -40.90 31.84
C SER D 672 -0.27 -41.69 31.03
N TYR D 673 0.99 -41.29 31.09
CA TYR D 673 2.07 -41.94 30.35
C TYR D 673 3.35 -41.80 31.17
N ARG D 674 3.97 -42.92 31.51
CA ARG D 674 5.36 -42.93 31.96
C ARG D 674 6.20 -43.53 30.85
N LYS D 675 7.28 -42.83 30.48
CA LYS D 675 8.25 -43.36 29.54
C LYS D 675 8.62 -44.78 29.92
N GLN D 676 8.77 -45.63 28.91
CA GLN D 676 9.04 -47.05 29.12
C GLN D 676 9.99 -47.47 28.01
N VAL D 677 11.25 -47.71 28.38
CA VAL D 677 12.32 -47.84 27.40
C VAL D 677 12.05 -49.00 26.45
N MET D 678 11.94 -48.68 25.16
CA MET D 678 11.91 -49.66 24.08
C MET D 678 13.06 -49.33 23.15
N ASP D 679 14.07 -50.21 23.11
CA ASP D 679 15.28 -49.94 22.36
C ASP D 679 15.14 -50.43 20.92
N THR D 680 15.52 -49.57 19.98
CA THR D 680 15.48 -50.00 18.58
C THR D 680 16.73 -50.76 18.19
N ARG D 681 17.74 -50.79 19.06
CA ARG D 681 18.92 -51.63 18.86
C ARG D 681 18.74 -52.98 19.52
N VAL D 682 17.49 -53.42 19.66
CA VAL D 682 17.18 -54.67 20.31
C VAL D 682 17.57 -55.83 19.42
N VAL D 683 17.88 -56.97 20.04
CA VAL D 683 18.21 -58.19 19.32
C VAL D 683 16.95 -59.04 19.31
N ILE D 684 16.31 -59.13 18.14
CA ILE D 684 14.99 -59.74 18.03
C ILE D 684 15.09 -61.22 17.67
#